data_2L4W
#
_entry.id   2L4W
#
_entity_poly.entity_id   1
_entity_poly.type   'polypeptide(L)'
_entity_poly.pdbx_seq_one_letter_code
;GSHMTKPAPDFGGRWKHVNHFDEAPTEIPLYTSYTYQATPMDGTLKTMLERWAADSNMQLSYNLPSDYTLIGPVSAISTT
SVQQAATELSAVYAAQGVSVSVSANKLLVQPVPVSSGAKL
;
_entity_poly.pdbx_strand_id   A
#
# COMPACT_ATOMS: atom_id res chain seq x y z
N GLY A 1 -39.33 -14.41 45.98
CA GLY A 1 -38.65 -15.49 45.21
C GLY A 1 -37.22 -15.12 44.92
N SER A 2 -36.36 -16.13 44.83
CA SER A 2 -34.95 -15.89 44.56
C SER A 2 -34.38 -16.98 43.65
N HIS A 3 -33.63 -16.54 42.64
CA HIS A 3 -32.99 -17.46 41.71
C HIS A 3 -31.50 -17.16 41.67
N MET A 4 -30.81 -17.61 42.71
CA MET A 4 -29.37 -17.38 42.83
C MET A 4 -28.60 -18.17 41.78
N THR A 5 -28.03 -17.47 40.82
CA THR A 5 -27.27 -18.10 39.77
C THR A 5 -25.90 -18.57 40.28
N LYS A 6 -25.77 -19.88 40.46
CA LYS A 6 -24.53 -20.45 40.95
C LYS A 6 -23.51 -20.50 39.81
N PRO A 7 -22.25 -20.15 40.09
CA PRO A 7 -21.18 -20.16 39.09
C PRO A 7 -21.04 -21.52 38.40
N ALA A 8 -21.39 -21.58 37.13
CA ALA A 8 -21.31 -22.81 36.36
C ALA A 8 -20.36 -22.64 35.18
N PRO A 9 -19.65 -23.71 34.82
CA PRO A 9 -18.70 -23.69 33.71
C PRO A 9 -19.39 -23.82 32.36
N ASP A 10 -18.81 -23.22 31.33
CA ASP A 10 -19.39 -23.29 29.99
C ASP A 10 -18.86 -24.52 29.26
N PHE A 11 -19.42 -24.79 28.11
CA PHE A 11 -19.01 -25.94 27.32
C PHE A 11 -18.63 -25.51 25.91
N GLY A 12 -17.77 -26.28 25.28
CA GLY A 12 -17.34 -25.97 23.93
C GLY A 12 -15.91 -26.41 23.69
N GLY A 13 -15.09 -25.48 23.22
CA GLY A 13 -13.70 -25.80 22.96
C GLY A 13 -12.81 -24.58 22.99
N ARG A 14 -13.20 -23.57 23.75
CA ARG A 14 -12.42 -22.34 23.84
C ARG A 14 -11.23 -22.52 24.77
N TRP A 15 -11.39 -23.40 25.76
CA TRP A 15 -10.33 -23.67 26.71
C TRP A 15 -9.22 -24.49 26.07
N LYS A 16 -9.63 -25.51 25.32
CA LYS A 16 -8.68 -26.39 24.65
C LYS A 16 -8.04 -25.69 23.45
N HIS A 17 -8.71 -24.67 22.93
CA HIS A 17 -8.21 -23.93 21.78
C HIS A 17 -7.05 -23.03 22.20
N VAL A 18 -5.84 -23.47 21.89
CA VAL A 18 -4.65 -22.73 22.23
C VAL A 18 -4.05 -22.09 20.98
N ASN A 19 -3.46 -20.92 21.15
CA ASN A 19 -2.85 -20.19 20.04
C ASN A 19 -1.34 -20.15 20.20
N HIS A 20 -0.64 -20.60 19.18
CA HIS A 20 0.82 -20.61 19.19
C HIS A 20 1.34 -20.83 17.78
N PHE A 21 2.66 -20.78 17.62
CA PHE A 21 3.27 -20.97 16.31
C PHE A 21 4.47 -21.90 16.40
N ASP A 22 4.35 -23.07 15.80
CA ASP A 22 5.44 -24.05 15.78
C ASP A 22 6.34 -23.74 14.61
N GLU A 23 5.72 -23.28 13.53
CA GLU A 23 6.43 -22.91 12.33
C GLU A 23 6.61 -21.41 12.31
N ALA A 24 7.06 -20.87 11.20
CA ALA A 24 7.26 -19.44 11.09
C ALA A 24 5.91 -18.72 11.00
N PRO A 25 5.79 -17.53 11.62
CA PRO A 25 4.55 -16.75 11.61
C PRO A 25 4.04 -16.48 10.19
N THR A 26 4.85 -15.80 9.40
CA THR A 26 4.48 -15.48 8.02
C THR A 26 5.70 -15.53 7.10
N GLU A 27 5.87 -16.63 6.38
CA GLU A 27 6.98 -16.79 5.48
C GLU A 27 6.69 -16.17 4.12
N ILE A 28 7.17 -14.95 3.92
CA ILE A 28 6.96 -14.25 2.67
C ILE A 28 8.30 -13.91 2.02
N PRO A 29 8.81 -14.82 1.16
CA PRO A 29 10.09 -14.64 0.47
C PRO A 29 10.00 -13.65 -0.69
N LEU A 30 9.49 -12.48 -0.39
CA LEU A 30 9.33 -11.43 -1.38
C LEU A 30 9.19 -10.10 -0.67
N TYR A 31 9.71 -9.04 -1.27
CA TYR A 31 9.62 -7.71 -0.70
C TYR A 31 8.17 -7.24 -0.75
N THR A 32 7.54 -7.24 0.41
CA THR A 32 6.16 -6.82 0.53
C THR A 32 5.98 -5.40 0.06
N SER A 33 5.00 -5.20 -0.82
CA SER A 33 4.73 -3.88 -1.35
C SER A 33 3.23 -3.59 -1.31
N TYR A 34 2.83 -2.78 -0.34
CA TYR A 34 1.44 -2.41 -0.17
C TYR A 34 1.02 -1.38 -1.21
N THR A 35 -0.10 -1.65 -1.87
CA THR A 35 -0.61 -0.75 -2.88
C THR A 35 -1.46 0.34 -2.24
N TYR A 36 -1.04 1.58 -2.41
CA TYR A 36 -1.75 2.71 -1.86
C TYR A 36 -2.79 3.17 -2.88
N GLN A 37 -4.05 3.01 -2.52
CA GLN A 37 -5.15 3.37 -3.40
C GLN A 37 -6.39 3.70 -2.58
N ALA A 38 -7.31 4.46 -3.16
CA ALA A 38 -8.54 4.79 -2.47
C ALA A 38 -9.45 3.56 -2.44
N THR A 39 -10.10 3.34 -1.32
CA THR A 39 -10.95 2.17 -1.15
C THR A 39 -12.36 2.57 -0.71
N PRO A 40 -13.35 1.67 -0.87
CA PRO A 40 -14.72 1.96 -0.45
C PRO A 40 -14.88 1.88 1.06
N MET A 41 -13.78 1.83 1.79
CA MET A 41 -13.83 1.73 3.24
C MET A 41 -13.33 3.00 3.93
N ASP A 42 -12.61 3.85 3.20
CA ASP A 42 -12.10 5.07 3.81
C ASP A 42 -13.20 6.10 3.95
N GLY A 43 -13.78 6.51 2.83
CA GLY A 43 -14.84 7.49 2.86
C GLY A 43 -14.32 8.90 2.69
N THR A 44 -13.36 9.29 3.52
CA THR A 44 -12.79 10.62 3.44
C THR A 44 -11.27 10.57 3.33
N LEU A 45 -10.67 11.70 2.97
CA LEU A 45 -9.22 11.81 2.82
C LEU A 45 -8.50 11.39 4.10
N LYS A 46 -9.00 11.88 5.23
CA LYS A 46 -8.41 11.57 6.53
C LYS A 46 -8.37 10.07 6.75
N THR A 47 -9.51 9.42 6.63
CA THR A 47 -9.62 7.98 6.82
C THR A 47 -8.74 7.22 5.83
N MET A 48 -8.64 7.73 4.60
CA MET A 48 -7.84 7.09 3.57
C MET A 48 -6.38 7.10 3.97
N LEU A 49 -5.88 8.27 4.35
CA LEU A 49 -4.50 8.43 4.76
C LEU A 49 -4.23 7.64 6.03
N GLU A 50 -5.24 7.57 6.90
CA GLU A 50 -5.15 6.83 8.15
C GLU A 50 -4.87 5.36 7.87
N ARG A 51 -5.67 4.78 6.97
CA ARG A 51 -5.53 3.37 6.60
C ARG A 51 -4.22 3.14 5.87
N TRP A 52 -3.86 4.06 4.98
CA TRP A 52 -2.63 3.95 4.21
C TRP A 52 -1.42 3.85 5.14
N ALA A 53 -1.30 4.81 6.04
CA ALA A 53 -0.19 4.85 6.98
C ALA A 53 -0.26 3.71 7.99
N ALA A 54 -1.46 3.44 8.49
CA ALA A 54 -1.65 2.38 9.49
C ALA A 54 -1.16 1.02 9.01
N ASP A 55 -1.44 0.71 7.75
CA ASP A 55 -1.03 -0.58 7.18
C ASP A 55 0.48 -0.77 7.23
N SER A 56 1.20 0.30 6.96
CA SER A 56 2.66 0.25 6.96
C SER A 56 3.24 0.75 8.28
N ASN A 57 2.37 0.90 9.28
CA ASN A 57 2.75 1.37 10.61
C ASN A 57 3.47 2.72 10.55
N MET A 58 2.98 3.58 9.68
CA MET A 58 3.56 4.92 9.53
C MET A 58 2.68 5.94 10.23
N GLN A 59 3.21 7.12 10.46
CA GLN A 59 2.48 8.17 11.13
C GLN A 59 1.84 9.13 10.14
N LEU A 60 0.81 9.82 10.59
CA LEU A 60 0.10 10.77 9.73
C LEU A 60 -0.02 12.12 10.43
N SER A 61 0.18 13.17 9.65
CA SER A 61 0.08 14.52 10.13
C SER A 61 -0.97 15.26 9.32
N TYR A 62 -2.17 15.31 9.85
CA TYR A 62 -3.29 15.98 9.18
C TYR A 62 -3.43 17.39 9.71
N ASN A 63 -2.89 18.35 8.97
CA ASN A 63 -2.95 19.75 9.38
C ASN A 63 -4.03 20.49 8.63
N LEU A 64 -5.15 19.82 8.40
CA LEU A 64 -6.26 20.43 7.70
C LEU A 64 -7.36 20.75 8.70
N PRO A 65 -8.05 21.88 8.54
CA PRO A 65 -9.12 22.30 9.44
C PRO A 65 -10.29 21.32 9.50
N SER A 66 -10.54 20.62 8.40
CA SER A 66 -11.63 19.66 8.35
C SER A 66 -11.29 18.46 7.46
N ASP A 67 -12.10 17.41 7.56
CA ASP A 67 -11.90 16.20 6.78
C ASP A 67 -12.76 16.26 5.53
N TYR A 68 -12.15 16.13 4.36
CA TYR A 68 -12.88 16.20 3.11
C TYR A 68 -12.94 14.82 2.46
N THR A 69 -13.94 14.63 1.60
CA THR A 69 -14.11 13.38 0.89
C THR A 69 -13.17 13.29 -0.31
N LEU A 70 -13.19 12.17 -1.01
CA LEU A 70 -12.32 12.00 -2.18
C LEU A 70 -12.87 12.80 -3.36
N ILE A 71 -11.99 13.51 -4.04
CA ILE A 71 -12.38 14.33 -5.19
C ILE A 71 -12.88 13.49 -6.36
N GLY A 72 -12.40 12.26 -6.48
CA GLY A 72 -12.84 11.41 -7.58
C GLY A 72 -11.70 10.61 -8.22
N PRO A 73 -10.71 11.29 -8.83
CA PRO A 73 -9.59 10.61 -9.48
C PRO A 73 -8.61 9.97 -8.49
N VAL A 74 -8.97 9.97 -7.22
CA VAL A 74 -8.12 9.40 -6.17
C VAL A 74 -8.05 7.88 -6.30
N SER A 75 -9.20 7.26 -6.51
CA SER A 75 -9.27 5.81 -6.66
C SER A 75 -8.56 5.34 -7.93
N ALA A 76 -8.25 6.27 -8.81
CA ALA A 76 -7.57 5.96 -10.06
C ALA A 76 -6.05 5.94 -9.86
N ILE A 77 -5.62 6.16 -8.62
CA ILE A 77 -4.22 6.16 -8.27
C ILE A 77 -3.87 4.91 -7.47
N SER A 78 -3.16 3.98 -8.10
CA SER A 78 -2.78 2.74 -7.42
C SER A 78 -1.30 2.46 -7.60
N THR A 79 -0.51 2.83 -6.60
CA THR A 79 0.93 2.61 -6.64
C THR A 79 1.41 1.95 -5.36
N THR A 80 2.55 1.27 -5.43
CA THR A 80 3.11 0.61 -4.26
C THR A 80 4.06 1.54 -3.52
N SER A 81 4.30 2.70 -4.11
CA SER A 81 5.18 3.69 -3.52
C SER A 81 4.37 4.75 -2.79
N VAL A 82 4.55 4.84 -1.47
CA VAL A 82 3.83 5.82 -0.68
C VAL A 82 4.27 7.23 -1.07
N GLN A 83 5.52 7.35 -1.48
CA GLN A 83 6.06 8.62 -1.90
C GLN A 83 5.41 9.06 -3.20
N GLN A 84 5.26 8.12 -4.13
CA GLN A 84 4.63 8.41 -5.41
C GLN A 84 3.15 8.70 -5.21
N ALA A 85 2.50 7.94 -4.34
CA ALA A 85 1.09 8.13 -4.04
C ALA A 85 0.83 9.56 -3.61
N ALA A 86 1.64 10.03 -2.66
CA ALA A 86 1.50 11.39 -2.16
C ALA A 86 1.82 12.40 -3.26
N THR A 87 2.79 12.06 -4.10
CA THR A 87 3.21 12.91 -5.20
C THR A 87 2.07 13.09 -6.21
N GLU A 88 1.39 12.00 -6.52
CA GLU A 88 0.28 12.04 -7.47
C GLU A 88 -0.92 12.75 -6.84
N LEU A 89 -1.18 12.47 -5.57
CA LEU A 89 -2.28 13.08 -4.85
C LEU A 89 -2.10 14.59 -4.77
N SER A 90 -0.94 15.04 -4.32
CA SER A 90 -0.68 16.47 -4.17
C SER A 90 -0.85 17.24 -5.49
N ALA A 91 -0.68 16.54 -6.60
CA ALA A 91 -0.82 17.17 -7.91
C ALA A 91 -2.28 17.48 -8.21
N VAL A 92 -3.16 16.54 -7.91
CA VAL A 92 -4.58 16.71 -8.16
C VAL A 92 -5.27 17.40 -6.98
N TYR A 93 -4.69 17.27 -5.81
CA TYR A 93 -5.23 17.86 -4.59
C TYR A 93 -4.90 19.34 -4.48
N ALA A 94 -3.83 19.77 -5.15
CA ALA A 94 -3.41 21.17 -5.14
C ALA A 94 -4.56 22.11 -5.49
N ALA A 95 -5.42 21.68 -6.40
CA ALA A 95 -6.57 22.48 -6.82
C ALA A 95 -7.55 22.72 -5.66
N GLN A 96 -7.56 21.79 -4.71
CA GLN A 96 -8.44 21.90 -3.55
C GLN A 96 -7.75 22.60 -2.40
N GLY A 97 -6.45 22.79 -2.53
CA GLY A 97 -5.69 23.44 -1.49
C GLY A 97 -5.09 22.46 -0.51
N VAL A 98 -4.84 21.25 -0.98
CA VAL A 98 -4.27 20.21 -0.14
C VAL A 98 -2.98 19.65 -0.74
N SER A 99 -1.92 19.66 0.04
CA SER A 99 -0.64 19.14 -0.40
C SER A 99 -0.17 18.03 0.54
N VAL A 100 -0.10 16.81 0.04
CA VAL A 100 0.33 15.67 0.83
C VAL A 100 1.74 15.24 0.44
N SER A 101 2.53 14.85 1.42
CA SER A 101 3.90 14.40 1.18
C SER A 101 4.32 13.41 2.25
N VAL A 102 5.43 12.72 2.03
CA VAL A 102 5.93 11.74 2.98
C VAL A 102 7.30 12.15 3.48
N SER A 103 7.48 12.19 4.79
CA SER A 103 8.75 12.57 5.37
C SER A 103 8.98 11.82 6.69
N ALA A 104 10.07 11.06 6.74
CA ALA A 104 10.46 10.30 7.94
C ALA A 104 9.39 9.27 8.31
N ASN A 105 8.89 8.57 7.28
CA ASN A 105 7.85 7.55 7.46
C ASN A 105 6.58 8.15 8.03
N LYS A 106 6.39 9.43 7.76
CA LYS A 106 5.22 10.15 8.24
C LYS A 106 4.58 10.90 7.09
N LEU A 107 3.28 10.78 6.96
CA LEU A 107 2.55 11.47 5.91
C LEU A 107 2.16 12.84 6.41
N LEU A 108 2.57 13.88 5.72
CA LEU A 108 2.25 15.22 6.14
C LEU A 108 1.31 15.90 5.17
N VAL A 109 0.18 16.33 5.69
CA VAL A 109 -0.81 17.02 4.88
C VAL A 109 -0.82 18.50 5.25
N GLN A 110 -0.52 19.35 4.28
CA GLN A 110 -0.50 20.79 4.52
C GLN A 110 -1.35 21.50 3.49
N PRO A 111 -2.13 22.50 3.91
CA PRO A 111 -2.97 23.26 2.99
C PRO A 111 -2.17 24.28 2.19
N VAL A 112 -2.43 24.34 0.90
CA VAL A 112 -1.74 25.29 0.04
C VAL A 112 -2.69 26.41 -0.39
N PRO A 113 -2.16 27.62 -0.54
CA PRO A 113 -2.98 28.77 -0.94
C PRO A 113 -3.26 28.78 -2.44
N VAL A 114 -4.48 28.40 -2.80
CA VAL A 114 -4.89 28.37 -4.20
C VAL A 114 -6.28 28.95 -4.36
N SER A 115 -6.65 29.83 -3.44
CA SER A 115 -7.96 30.46 -3.48
C SER A 115 -7.89 31.75 -4.30
N SER A 116 -6.70 32.31 -4.39
CA SER A 116 -6.46 33.53 -5.15
C SER A 116 -5.03 33.54 -5.68
N GLY A 117 -4.89 33.21 -6.97
CA GLY A 117 -3.58 33.17 -7.59
C GLY A 117 -3.07 34.55 -7.97
N ALA A 118 -3.98 35.51 -8.06
CA ALA A 118 -3.61 36.87 -8.42
C ALA A 118 -3.94 37.83 -7.29
N LYS A 119 -3.62 37.43 -6.07
CA LYS A 119 -3.88 38.26 -4.91
C LYS A 119 -2.71 39.21 -4.66
N LEU A 120 -2.90 40.15 -3.76
CA LEU A 120 -1.85 41.11 -3.44
C LEU A 120 -1.17 40.70 -2.15
N GLY A 1 44.66 -76.39 3.47
CA GLY A 1 45.11 -77.13 2.28
C GLY A 1 44.54 -76.55 1.01
N SER A 2 44.66 -77.29 -0.09
CA SER A 2 44.14 -76.85 -1.37
C SER A 2 42.64 -76.61 -1.29
N HIS A 3 42.23 -75.36 -1.44
CA HIS A 3 40.83 -75.00 -1.35
C HIS A 3 40.31 -74.55 -2.72
N MET A 4 39.60 -75.44 -3.38
CA MET A 4 39.04 -75.14 -4.69
C MET A 4 37.59 -74.69 -4.56
N THR A 5 37.40 -73.40 -4.45
CA THR A 5 36.08 -72.83 -4.32
C THR A 5 35.46 -72.59 -5.69
N LYS A 6 36.30 -72.18 -6.64
CA LYS A 6 35.89 -71.89 -8.02
C LYS A 6 35.01 -70.64 -8.09
N PRO A 7 35.28 -69.76 -9.06
CA PRO A 7 34.51 -68.52 -9.23
C PRO A 7 33.06 -68.81 -9.60
N ALA A 8 32.15 -68.55 -8.68
CA ALA A 8 30.75 -68.77 -8.90
C ALA A 8 29.93 -67.53 -8.53
N PRO A 9 28.89 -67.23 -9.30
CA PRO A 9 28.04 -66.07 -9.06
C PRO A 9 27.26 -66.22 -7.76
N ASP A 10 27.52 -65.31 -6.83
CA ASP A 10 26.85 -65.34 -5.53
C ASP A 10 25.37 -64.97 -5.65
N PHE A 11 25.11 -63.76 -6.12
CA PHE A 11 23.75 -63.27 -6.28
C PHE A 11 23.69 -62.23 -7.39
N GLY A 12 22.49 -61.76 -7.71
CA GLY A 12 22.33 -60.76 -8.74
C GLY A 12 22.35 -59.35 -8.18
N GLY A 13 23.24 -59.10 -7.22
CA GLY A 13 23.33 -57.80 -6.63
C GLY A 13 24.25 -56.87 -7.41
N ARG A 14 25.55 -57.10 -7.29
CA ARG A 14 26.57 -56.31 -7.98
C ARG A 14 26.56 -54.85 -7.50
N TRP A 15 26.05 -54.62 -6.29
CA TRP A 15 25.99 -53.28 -5.72
C TRP A 15 25.15 -52.35 -6.60
N LYS A 16 23.84 -52.46 -6.46
CA LYS A 16 22.93 -51.63 -7.24
C LYS A 16 22.88 -50.22 -6.68
N HIS A 17 23.86 -49.43 -7.09
CA HIS A 17 23.95 -48.04 -6.65
C HIS A 17 23.54 -47.13 -7.80
N VAL A 18 22.23 -46.97 -7.96
CA VAL A 18 21.69 -46.14 -9.03
C VAL A 18 20.42 -45.44 -8.60
N ASN A 19 20.45 -44.12 -8.61
CA ASN A 19 19.29 -43.32 -8.25
C ASN A 19 19.28 -42.05 -9.08
N HIS A 20 18.25 -41.91 -9.89
CA HIS A 20 18.12 -40.74 -10.75
C HIS A 20 17.25 -39.68 -10.11
N PHE A 21 17.83 -38.50 -9.94
CA PHE A 21 17.13 -37.37 -9.37
C PHE A 21 17.61 -36.09 -10.02
N ASP A 22 16.73 -35.12 -10.17
CA ASP A 22 17.10 -33.85 -10.79
C ASP A 22 16.30 -32.72 -10.17
N GLU A 23 17.01 -31.67 -9.80
CA GLU A 23 16.38 -30.52 -9.18
C GLU A 23 16.93 -29.23 -9.76
N ALA A 24 16.26 -28.12 -9.50
CA ALA A 24 16.67 -26.82 -9.99
C ALA A 24 16.47 -25.77 -8.90
N PRO A 25 17.40 -24.82 -8.79
CA PRO A 25 17.32 -23.75 -7.78
C PRO A 25 16.28 -22.69 -8.13
N THR A 26 15.02 -23.08 -8.16
CA THR A 26 13.95 -22.16 -8.48
C THR A 26 13.56 -21.32 -7.27
N GLU A 27 14.10 -20.12 -7.21
CA GLU A 27 13.81 -19.21 -6.12
C GLU A 27 13.16 -17.96 -6.67
N ILE A 28 12.23 -17.39 -5.93
CA ILE A 28 11.54 -16.19 -6.36
C ILE A 28 11.47 -15.17 -5.24
N PRO A 29 12.56 -14.42 -5.01
CA PRO A 29 12.62 -13.40 -3.97
C PRO A 29 11.79 -12.18 -4.33
N LEU A 30 10.66 -12.03 -3.67
CA LEU A 30 9.77 -10.90 -3.91
C LEU A 30 9.46 -10.19 -2.62
N TYR A 31 9.31 -8.88 -2.69
CA TYR A 31 9.01 -8.08 -1.52
C TYR A 31 7.56 -7.60 -1.60
N THR A 32 6.83 -7.73 -0.51
CA THR A 32 5.44 -7.32 -0.48
C THR A 32 5.30 -5.81 -0.68
N SER A 33 4.38 -5.44 -1.56
CA SER A 33 4.14 -4.03 -1.85
C SER A 33 2.65 -3.79 -1.97
N TYR A 34 2.04 -3.37 -0.87
CA TYR A 34 0.61 -3.10 -0.84
C TYR A 34 0.30 -1.86 -1.69
N THR A 35 -0.62 -2.02 -2.62
CA THR A 35 -1.03 -0.94 -3.49
C THR A 35 -1.93 0.05 -2.75
N TYR A 36 -1.47 1.29 -2.70
CA TYR A 36 -2.21 2.35 -2.05
C TYR A 36 -3.21 2.93 -3.05
N GLN A 37 -4.49 2.80 -2.74
CA GLN A 37 -5.54 3.30 -3.60
C GLN A 37 -6.72 3.77 -2.77
N ALA A 38 -7.42 4.79 -3.26
CA ALA A 38 -8.59 5.32 -2.56
C ALA A 38 -9.76 4.37 -2.73
N THR A 39 -10.17 3.75 -1.64
CA THR A 39 -11.27 2.80 -1.66
C THR A 39 -12.50 3.39 -1.01
N PRO A 40 -13.70 2.88 -1.35
CA PRO A 40 -14.95 3.34 -0.75
C PRO A 40 -15.02 3.00 0.74
N MET A 41 -14.08 2.17 1.18
CA MET A 41 -13.99 1.78 2.57
C MET A 41 -13.36 2.90 3.40
N ASP A 42 -12.50 3.67 2.76
CA ASP A 42 -11.83 4.78 3.40
C ASP A 42 -12.80 5.94 3.56
N GLY A 43 -13.43 6.30 2.46
CA GLY A 43 -14.42 7.36 2.46
C GLY A 43 -13.82 8.75 2.43
N THR A 44 -13.06 9.11 3.44
CA THR A 44 -12.47 10.42 3.50
C THR A 44 -10.96 10.37 3.39
N LEU A 45 -10.35 11.55 3.21
CA LEU A 45 -8.90 11.66 3.07
C LEU A 45 -8.19 11.20 4.33
N LYS A 46 -8.65 11.67 5.48
CA LYS A 46 -8.04 11.32 6.75
C LYS A 46 -8.02 9.80 6.95
N THR A 47 -9.19 9.18 6.86
CA THR A 47 -9.33 7.74 7.04
C THR A 47 -8.52 6.97 5.99
N MET A 48 -8.41 7.52 4.79
CA MET A 48 -7.66 6.88 3.72
C MET A 48 -6.16 6.88 4.04
N LEU A 49 -5.65 8.06 4.37
CA LEU A 49 -4.23 8.21 4.71
C LEU A 49 -3.88 7.39 5.93
N GLU A 50 -4.81 7.30 6.88
CA GLU A 50 -4.59 6.53 8.10
C GLU A 50 -4.36 5.05 7.76
N ARG A 51 -5.14 4.55 6.81
CA ARG A 51 -5.03 3.16 6.39
C ARG A 51 -3.71 2.94 5.66
N TRP A 52 -3.33 3.90 4.83
CA TRP A 52 -2.09 3.83 4.08
C TRP A 52 -0.89 3.83 5.01
N ALA A 53 -0.87 4.79 5.94
CA ALA A 53 0.21 4.90 6.91
C ALA A 53 0.31 3.64 7.77
N ALA A 54 -0.84 3.07 8.10
CA ALA A 54 -0.88 1.88 8.93
C ALA A 54 -0.19 0.70 8.26
N ASP A 55 -0.30 0.64 6.94
CA ASP A 55 0.31 -0.44 6.17
C ASP A 55 1.82 -0.40 6.26
N SER A 56 2.39 0.80 6.19
CA SER A 56 3.84 0.96 6.22
C SER A 56 4.36 1.27 7.63
N ASN A 57 3.46 1.18 8.61
CA ASN A 57 3.82 1.45 10.01
C ASN A 57 4.31 2.88 10.15
N MET A 58 3.51 3.81 9.68
CA MET A 58 3.84 5.23 9.73
C MET A 58 2.76 6.02 10.44
N GLN A 59 3.03 7.29 10.69
CA GLN A 59 2.05 8.15 11.36
C GLN A 59 1.45 9.13 10.37
N LEU A 60 0.42 9.84 10.81
CA LEU A 60 -0.26 10.81 9.95
C LEU A 60 -0.47 12.14 10.66
N SER A 61 -0.15 13.22 9.98
CA SER A 61 -0.32 14.55 10.50
C SER A 61 -1.28 15.34 9.61
N TYR A 62 -2.55 15.35 10.00
CA TYR A 62 -3.58 16.04 9.24
C TYR A 62 -3.68 17.49 9.73
N ASN A 63 -3.04 18.39 9.00
CA ASN A 63 -3.04 19.80 9.38
C ASN A 63 -4.04 20.58 8.54
N LEU A 64 -5.16 19.96 8.23
CA LEU A 64 -6.21 20.60 7.46
C LEU A 64 -7.32 21.08 8.37
N PRO A 65 -7.95 22.22 8.04
CA PRO A 65 -9.03 22.78 8.85
C PRO A 65 -10.23 21.84 8.89
N SER A 66 -10.53 21.22 7.76
CA SER A 66 -11.64 20.30 7.65
C SER A 66 -11.24 19.09 6.81
N ASP A 67 -11.70 17.91 7.20
CA ASP A 67 -11.40 16.69 6.47
C ASP A 67 -12.27 16.61 5.23
N TYR A 68 -11.65 16.32 4.09
CA TYR A 68 -12.36 16.23 2.83
C TYR A 68 -12.64 14.79 2.44
N THR A 69 -13.76 14.58 1.75
CA THR A 69 -14.16 13.26 1.29
C THR A 69 -13.43 12.90 0.00
N LEU A 70 -13.15 11.61 -0.20
CA LEU A 70 -12.49 11.13 -1.38
C LEU A 70 -13.22 11.58 -2.65
N ILE A 71 -12.49 12.25 -3.52
CA ILE A 71 -13.03 12.73 -4.77
C ILE A 71 -13.07 11.62 -5.82
N GLY A 72 -13.23 11.99 -7.08
CA GLY A 72 -13.28 11.01 -8.15
C GLY A 72 -11.91 10.49 -8.53
N PRO A 73 -11.05 11.33 -9.14
CA PRO A 73 -9.71 10.93 -9.61
C PRO A 73 -8.79 10.35 -8.52
N VAL A 74 -9.13 10.52 -7.26
CA VAL A 74 -8.29 9.99 -6.17
C VAL A 74 -8.35 8.46 -6.17
N SER A 75 -9.53 7.94 -6.40
CA SER A 75 -9.74 6.50 -6.43
C SER A 75 -9.06 5.87 -7.64
N ALA A 76 -8.63 6.70 -8.58
CA ALA A 76 -7.96 6.23 -9.78
C ALA A 76 -6.44 6.17 -9.59
N ILE A 77 -5.99 6.50 -8.39
CA ILE A 77 -4.57 6.47 -8.07
C ILE A 77 -4.21 5.16 -7.39
N SER A 78 -3.44 4.33 -8.08
CA SER A 78 -3.02 3.05 -7.55
C SER A 78 -1.51 2.86 -7.71
N THR A 79 -0.78 3.08 -6.63
CA THR A 79 0.67 2.95 -6.64
C THR A 79 1.14 2.06 -5.49
N THR A 80 2.30 1.44 -5.65
CA THR A 80 2.85 0.58 -4.63
C THR A 80 3.85 1.31 -3.73
N SER A 81 3.91 2.63 -3.85
CA SER A 81 4.81 3.43 -3.05
C SER A 81 4.06 4.52 -2.31
N VAL A 82 4.25 4.60 -1.00
CA VAL A 82 3.58 5.62 -0.19
C VAL A 82 4.11 7.01 -0.57
N GLN A 83 5.35 7.05 -1.03
CA GLN A 83 5.98 8.30 -1.42
C GLN A 83 5.36 8.78 -2.72
N GLN A 84 5.17 7.87 -3.66
CA GLN A 84 4.57 8.19 -4.95
C GLN A 84 3.11 8.58 -4.75
N ALA A 85 2.45 7.88 -3.85
CA ALA A 85 1.05 8.14 -3.54
C ALA A 85 0.86 9.59 -3.11
N ALA A 86 1.68 10.03 -2.15
CA ALA A 86 1.60 11.40 -1.66
C ALA A 86 1.93 12.39 -2.76
N THR A 87 2.77 11.96 -3.69
CA THR A 87 3.18 12.79 -4.82
C THR A 87 2.00 13.03 -5.78
N GLU A 88 1.35 11.95 -6.18
CA GLU A 88 0.23 12.02 -7.10
C GLU A 88 -0.97 12.70 -6.47
N LEU A 89 -1.20 12.46 -5.17
CA LEU A 89 -2.31 13.07 -4.47
C LEU A 89 -2.21 14.59 -4.51
N SER A 90 -1.05 15.11 -4.16
CA SER A 90 -0.82 16.55 -4.15
C SER A 90 -1.02 17.18 -5.53
N ALA A 91 -0.79 16.39 -6.58
CA ALA A 91 -0.93 16.86 -7.93
C ALA A 91 -2.40 17.13 -8.27
N VAL A 92 -3.27 16.23 -7.84
CA VAL A 92 -4.70 16.39 -8.10
C VAL A 92 -5.39 17.23 -7.02
N TYR A 93 -4.93 17.08 -5.79
CA TYR A 93 -5.51 17.80 -4.65
C TYR A 93 -5.19 19.29 -4.64
N ALA A 94 -4.12 19.66 -5.33
CA ALA A 94 -3.73 21.07 -5.41
C ALA A 94 -4.87 21.94 -5.94
N ALA A 95 -5.82 21.33 -6.65
CA ALA A 95 -6.97 22.04 -7.19
C ALA A 95 -7.87 22.55 -6.05
N GLN A 96 -7.89 21.81 -4.95
CA GLN A 96 -8.68 22.17 -3.78
C GLN A 96 -7.83 22.95 -2.79
N GLY A 97 -6.53 22.73 -2.87
CA GLY A 97 -5.61 23.42 -1.99
C GLY A 97 -5.04 22.51 -0.93
N VAL A 98 -4.83 21.25 -1.28
CA VAL A 98 -4.28 20.28 -0.35
C VAL A 98 -3.03 19.63 -0.93
N SER A 99 -2.01 19.50 -0.10
CA SER A 99 -0.76 18.89 -0.51
C SER A 99 -0.26 17.93 0.57
N VAL A 100 0.12 16.73 0.16
CA VAL A 100 0.57 15.71 1.09
C VAL A 100 2.00 15.26 0.79
N SER A 101 2.71 14.88 1.83
CA SER A 101 4.08 14.39 1.70
C SER A 101 4.42 13.48 2.88
N VAL A 102 5.37 12.59 2.68
CA VAL A 102 5.77 11.67 3.72
C VAL A 102 7.17 12.01 4.19
N SER A 103 7.30 12.33 5.47
CA SER A 103 8.57 12.69 6.05
C SER A 103 8.73 12.03 7.41
N ALA A 104 9.86 11.35 7.60
CA ALA A 104 10.19 10.66 8.85
C ALA A 104 9.13 9.62 9.20
N ASN A 105 8.71 8.85 8.19
CA ASN A 105 7.70 7.81 8.37
C ASN A 105 6.41 8.41 8.92
N LYS A 106 6.08 9.59 8.42
CA LYS A 106 4.90 10.30 8.82
C LYS A 106 4.33 11.05 7.63
N LEU A 107 3.06 10.87 7.37
CA LEU A 107 2.42 11.55 6.26
C LEU A 107 1.91 12.90 6.76
N LEU A 108 2.37 13.95 6.14
CA LEU A 108 1.98 15.29 6.56
C LEU A 108 1.10 15.96 5.51
N VAL A 109 -0.07 16.36 5.95
CA VAL A 109 -1.01 17.04 5.08
C VAL A 109 -0.96 18.54 5.35
N GLN A 110 -0.64 19.30 4.33
CA GLN A 110 -0.54 20.74 4.45
C GLN A 110 -1.33 21.43 3.35
N PRO A 111 -2.14 22.44 3.70
CA PRO A 111 -2.94 23.16 2.73
C PRO A 111 -2.12 24.20 1.97
N VAL A 112 -2.25 24.19 0.66
CA VAL A 112 -1.52 25.13 -0.18
C VAL A 112 -2.42 26.31 -0.56
N PRO A 113 -1.88 27.53 -0.57
CA PRO A 113 -2.65 28.72 -0.93
C PRO A 113 -2.75 28.88 -2.44
N VAL A 114 -3.84 28.36 -3.01
CA VAL A 114 -4.05 28.43 -4.44
C VAL A 114 -5.40 29.05 -4.77
N SER A 115 -5.90 29.85 -3.85
CA SER A 115 -7.19 30.51 -4.03
C SER A 115 -7.00 31.88 -4.65
N SER A 116 -5.81 32.45 -4.49
CA SER A 116 -5.49 33.76 -5.02
C SER A 116 -4.02 33.84 -5.38
N GLY A 117 -3.65 34.87 -6.13
CA GLY A 117 -2.27 35.04 -6.52
C GLY A 117 -1.49 35.88 -5.52
N ALA A 118 -1.74 37.18 -5.53
CA ALA A 118 -1.07 38.10 -4.62
C ALA A 118 -2.01 39.21 -4.19
N LYS A 119 -2.63 39.04 -3.03
CA LYS A 119 -3.55 40.03 -2.50
C LYS A 119 -3.16 40.42 -1.08
N LEU A 120 -3.74 41.51 -0.59
CA LEU A 120 -3.45 41.98 0.76
C LEU A 120 -4.61 41.65 1.68
N GLY A 1 -28.21 -78.34 2.04
CA GLY A 1 -27.87 -76.98 2.51
C GLY A 1 -27.42 -76.08 1.37
N SER A 2 -27.10 -74.84 1.69
CA SER A 2 -26.64 -73.90 0.68
C SER A 2 -25.14 -73.69 0.82
N HIS A 3 -24.48 -73.31 -0.27
CA HIS A 3 -23.05 -73.07 -0.25
C HIS A 3 -22.71 -71.89 0.66
N MET A 4 -21.68 -72.04 1.49
CA MET A 4 -21.30 -70.98 2.41
C MET A 4 -20.55 -69.88 1.67
N THR A 5 -19.28 -70.12 1.39
CA THR A 5 -18.47 -69.15 0.70
C THR A 5 -17.30 -69.84 0.00
N LYS A 6 -16.94 -69.33 -1.17
CA LYS A 6 -15.86 -69.93 -1.94
C LYS A 6 -14.61 -69.06 -1.84
N PRO A 7 -13.44 -69.69 -1.74
CA PRO A 7 -12.16 -68.99 -1.64
C PRO A 7 -11.85 -68.20 -2.91
N ALA A 8 -11.93 -66.88 -2.80
CA ALA A 8 -11.67 -66.01 -3.93
C ALA A 8 -10.23 -65.55 -3.93
N PRO A 9 -9.60 -65.46 -5.12
CA PRO A 9 -8.21 -65.05 -5.25
C PRO A 9 -8.01 -63.61 -4.79
N ASP A 10 -7.11 -63.43 -3.84
CA ASP A 10 -6.82 -62.10 -3.30
C ASP A 10 -5.83 -61.36 -4.19
N PHE A 11 -5.49 -60.15 -3.77
CA PHE A 11 -4.56 -59.32 -4.52
C PHE A 11 -3.42 -58.85 -3.61
N GLY A 12 -2.29 -58.55 -4.21
CA GLY A 12 -1.14 -58.09 -3.47
C GLY A 12 -0.75 -56.69 -3.85
N GLY A 13 0.19 -56.12 -3.11
CA GLY A 13 0.63 -54.77 -3.39
C GLY A 13 -0.19 -53.74 -2.65
N ARG A 14 -0.94 -54.20 -1.66
CA ARG A 14 -1.78 -53.32 -0.88
C ARG A 14 -0.97 -52.61 0.20
N TRP A 15 0.23 -53.11 0.44
CA TRP A 15 1.12 -52.54 1.44
C TRP A 15 2.26 -51.77 0.79
N LYS A 16 2.04 -51.32 -0.44
CA LYS A 16 3.07 -50.57 -1.16
C LYS A 16 2.97 -49.08 -0.86
N HIS A 17 3.32 -48.71 0.36
CA HIS A 17 3.27 -47.31 0.76
C HIS A 17 4.60 -46.64 0.45
N VAL A 18 4.74 -46.18 -0.78
CA VAL A 18 5.96 -45.51 -1.22
C VAL A 18 5.62 -44.33 -2.11
N ASN A 19 6.36 -43.24 -1.96
CA ASN A 19 6.14 -42.06 -2.77
C ASN A 19 7.45 -41.36 -3.07
N HIS A 20 7.78 -41.28 -4.35
CA HIS A 20 9.01 -40.63 -4.78
C HIS A 20 8.80 -39.12 -4.90
N PHE A 21 8.42 -38.51 -3.79
CA PHE A 21 8.17 -37.08 -3.75
C PHE A 21 9.48 -36.29 -3.69
N ASP A 22 9.71 -35.47 -4.70
CA ASP A 22 10.91 -34.66 -4.78
C ASP A 22 10.63 -33.26 -4.26
N GLU A 23 11.30 -32.87 -3.19
CA GLU A 23 11.12 -31.55 -2.61
C GLU A 23 11.98 -30.52 -3.31
N ALA A 24 11.45 -29.32 -3.44
CA ALA A 24 12.16 -28.23 -4.08
C ALA A 24 11.60 -26.89 -3.63
N PRO A 25 12.45 -25.88 -3.47
CA PRO A 25 12.04 -24.55 -3.04
C PRO A 25 11.24 -23.81 -4.13
N THR A 26 9.99 -23.52 -3.83
CA THR A 26 9.13 -22.82 -4.77
C THR A 26 9.47 -21.33 -4.82
N GLU A 27 9.96 -20.87 -5.97
CA GLU A 27 10.32 -19.48 -6.13
C GLU A 27 9.08 -18.60 -6.17
N ILE A 28 8.92 -17.78 -5.15
CA ILE A 28 7.78 -16.88 -5.05
C ILE A 28 8.26 -15.46 -4.78
N PRO A 29 8.59 -14.72 -5.84
CA PRO A 29 9.06 -13.33 -5.73
C PRO A 29 7.95 -12.38 -5.29
N LEU A 30 7.71 -12.34 -4.00
CA LEU A 30 6.69 -11.50 -3.43
C LEU A 30 7.21 -10.82 -2.18
N TYR A 31 7.58 -9.56 -2.31
CA TYR A 31 8.09 -8.79 -1.19
C TYR A 31 6.99 -7.92 -0.63
N THR A 32 7.04 -7.65 0.67
CA THR A 32 6.04 -6.82 1.31
C THR A 32 6.01 -5.43 0.70
N SER A 33 4.97 -5.16 -0.06
CA SER A 33 4.80 -3.86 -0.70
C SER A 33 3.33 -3.51 -0.80
N TYR A 34 2.83 -2.88 0.24
CA TYR A 34 1.43 -2.48 0.31
C TYR A 34 1.11 -1.43 -0.75
N THR A 35 0.06 -1.68 -1.51
CA THR A 35 -0.36 -0.77 -2.56
C THR A 35 -1.20 0.37 -1.99
N TYR A 36 -0.74 1.59 -2.19
CA TYR A 36 -1.44 2.76 -1.71
C TYR A 36 -2.48 3.21 -2.72
N GLN A 37 -3.73 3.09 -2.34
CA GLN A 37 -4.84 3.47 -3.20
C GLN A 37 -6.03 3.88 -2.34
N ALA A 38 -6.86 4.76 -2.86
CA ALA A 38 -8.03 5.21 -2.15
C ALA A 38 -9.19 4.25 -2.39
N THR A 39 -9.78 3.74 -1.32
CA THR A 39 -10.88 2.82 -1.45
C THR A 39 -12.20 3.50 -1.11
N PRO A 40 -13.31 3.06 -1.73
CA PRO A 40 -14.63 3.63 -1.50
C PRO A 40 -15.10 3.39 -0.06
N MET A 41 -14.39 2.52 0.64
CA MET A 41 -14.72 2.20 2.02
C MET A 41 -14.09 3.22 2.97
N ASP A 42 -13.14 4.00 2.45
CA ASP A 42 -12.47 5.02 3.24
C ASP A 42 -13.37 6.23 3.36
N GLY A 43 -13.89 6.66 2.23
CA GLY A 43 -14.80 7.79 2.19
C GLY A 43 -14.09 9.13 2.16
N THR A 44 -13.37 9.44 3.22
CA THR A 44 -12.68 10.72 3.30
C THR A 44 -11.17 10.57 3.28
N LEU A 45 -10.48 11.70 3.11
CA LEU A 45 -9.02 11.71 3.03
C LEU A 45 -8.39 11.30 4.36
N LYS A 46 -8.92 11.82 5.46
CA LYS A 46 -8.40 11.49 6.78
C LYS A 46 -8.38 9.98 6.99
N THR A 47 -9.53 9.36 6.80
CA THR A 47 -9.67 7.93 6.98
C THR A 47 -8.83 7.16 5.95
N MET A 48 -8.80 7.67 4.71
CA MET A 48 -8.05 7.03 3.63
C MET A 48 -6.56 6.98 3.95
N LEU A 49 -6.01 8.12 4.38
CA LEU A 49 -4.60 8.22 4.72
C LEU A 49 -4.27 7.41 5.96
N GLU A 50 -5.22 7.30 6.87
CA GLU A 50 -5.01 6.53 8.09
C GLU A 50 -4.77 5.07 7.75
N ARG A 51 -5.53 4.56 6.79
CA ARG A 51 -5.39 3.17 6.34
C ARG A 51 -3.99 2.96 5.78
N TRP A 52 -3.53 3.93 5.00
CA TRP A 52 -2.21 3.87 4.37
C TRP A 52 -1.12 3.78 5.42
N ALA A 53 -1.11 4.73 6.33
CA ALA A 53 -0.11 4.78 7.39
C ALA A 53 -0.18 3.56 8.30
N ALA A 54 -1.39 3.21 8.73
CA ALA A 54 -1.56 2.07 9.63
C ALA A 54 -1.12 0.74 8.98
N ASP A 55 -1.36 0.62 7.68
CA ASP A 55 -1.00 -0.60 6.96
C ASP A 55 0.52 -0.72 6.75
N SER A 56 1.20 0.41 6.77
CA SER A 56 2.64 0.41 6.57
C SER A 56 3.39 0.73 7.86
N ASN A 57 2.65 0.81 8.97
CA ASN A 57 3.25 1.11 10.27
C ASN A 57 3.90 2.50 10.26
N MET A 58 3.24 3.44 9.60
CA MET A 58 3.72 4.80 9.48
C MET A 58 2.82 5.74 10.26
N GLN A 59 3.22 7.00 10.35
CA GLN A 59 2.44 7.99 11.07
C GLN A 59 1.78 8.97 10.09
N LEU A 60 0.72 9.63 10.54
CA LEU A 60 0.00 10.57 9.70
C LEU A 60 -0.26 11.87 10.43
N SER A 61 -0.05 12.97 9.74
CA SER A 61 -0.26 14.28 10.31
C SER A 61 -1.24 15.08 9.46
N TYR A 62 -2.51 15.08 9.88
CA TYR A 62 -3.55 15.81 9.17
C TYR A 62 -3.59 17.25 9.64
N ASN A 63 -2.95 18.13 8.89
CA ASN A 63 -2.89 19.54 9.25
C ASN A 63 -3.83 20.37 8.38
N LEU A 64 -4.90 19.74 7.92
CA LEU A 64 -5.87 20.41 7.07
C LEU A 64 -6.95 21.07 7.92
N PRO A 65 -7.48 22.21 7.46
CA PRO A 65 -8.54 22.94 8.17
C PRO A 65 -9.76 22.07 8.41
N SER A 66 -10.06 21.22 7.44
CA SER A 66 -11.20 20.31 7.52
C SER A 66 -10.92 19.05 6.72
N ASP A 67 -11.59 17.96 7.07
CA ASP A 67 -11.43 16.70 6.36
C ASP A 67 -12.21 16.73 5.05
N TYR A 68 -11.56 16.36 3.96
CA TYR A 68 -12.18 16.38 2.66
C TYR A 68 -12.55 14.97 2.19
N THR A 69 -13.72 14.86 1.58
CA THR A 69 -14.20 13.58 1.08
C THR A 69 -13.56 13.26 -0.28
N LEU A 70 -13.37 11.98 -0.57
CA LEU A 70 -12.79 11.54 -1.82
C LEU A 70 -13.56 12.10 -3.01
N ILE A 71 -12.92 12.99 -3.75
CA ILE A 71 -13.53 13.62 -4.92
C ILE A 71 -13.83 12.62 -6.02
N GLY A 72 -12.95 11.63 -6.19
CA GLY A 72 -13.16 10.63 -7.22
C GLY A 72 -11.86 10.08 -7.79
N PRO A 73 -11.12 10.88 -8.59
CA PRO A 73 -9.86 10.47 -9.22
C PRO A 73 -8.85 9.87 -8.25
N VAL A 74 -9.06 10.10 -6.96
CA VAL A 74 -8.18 9.58 -5.92
C VAL A 74 -8.16 8.05 -5.94
N SER A 75 -9.32 7.47 -6.21
CA SER A 75 -9.45 6.02 -6.27
C SER A 75 -8.78 5.43 -7.50
N ALA A 76 -8.35 6.30 -8.42
CA ALA A 76 -7.68 5.86 -9.63
C ALA A 76 -6.17 5.83 -9.43
N ILE A 77 -5.74 6.21 -8.23
CA ILE A 77 -4.33 6.22 -7.90
C ILE A 77 -3.99 4.99 -7.09
N SER A 78 -3.13 4.15 -7.65
CA SER A 78 -2.72 2.92 -6.99
C SER A 78 -1.25 2.63 -7.25
N THR A 79 -0.40 3.04 -6.32
CA THR A 79 1.03 2.82 -6.45
C THR A 79 1.59 2.22 -5.16
N THR A 80 2.69 1.52 -5.29
CA THR A 80 3.34 0.89 -4.15
C THR A 80 4.31 1.85 -3.47
N SER A 81 4.63 2.93 -4.16
CA SER A 81 5.54 3.93 -3.63
C SER A 81 4.78 5.02 -2.88
N VAL A 82 5.02 5.12 -1.58
CA VAL A 82 4.34 6.10 -0.74
C VAL A 82 4.64 7.52 -1.20
N GLN A 83 5.87 7.76 -1.67
CA GLN A 83 6.26 9.08 -2.15
C GLN A 83 5.49 9.41 -3.43
N GLN A 84 5.32 8.40 -4.26
CA GLN A 84 4.59 8.56 -5.52
C GLN A 84 3.12 8.86 -5.24
N ALA A 85 2.57 8.13 -4.29
CA ALA A 85 1.18 8.30 -3.89
C ALA A 85 0.93 9.73 -3.45
N ALA A 86 1.81 10.23 -2.60
CA ALA A 86 1.71 11.60 -2.11
C ALA A 86 1.86 12.60 -3.25
N THR A 87 2.68 12.23 -4.22
CA THR A 87 2.93 13.07 -5.38
C THR A 87 1.68 13.15 -6.28
N GLU A 88 1.13 11.99 -6.60
CA GLU A 88 -0.05 11.91 -7.46
C GLU A 88 -1.26 12.56 -6.80
N LEU A 89 -1.42 12.34 -5.50
CA LEU A 89 -2.52 12.93 -4.76
C LEU A 89 -2.42 14.44 -4.76
N SER A 90 -1.24 14.96 -4.42
CA SER A 90 -1.03 16.41 -4.38
C SER A 90 -1.24 17.04 -5.76
N ALA A 91 -0.98 16.28 -6.81
CA ALA A 91 -1.16 16.79 -8.16
C ALA A 91 -2.60 17.18 -8.42
N VAL A 92 -3.52 16.35 -7.95
CA VAL A 92 -4.95 16.62 -8.12
C VAL A 92 -5.49 17.45 -6.96
N TYR A 93 -4.99 17.18 -5.77
CA TYR A 93 -5.43 17.84 -4.55
C TYR A 93 -4.95 19.29 -4.42
N ALA A 94 -3.87 19.63 -5.11
CA ALA A 94 -3.34 21.00 -5.06
C ALA A 94 -4.43 22.03 -5.32
N ALA A 95 -5.35 21.70 -6.22
CA ALA A 95 -6.47 22.58 -6.56
C ALA A 95 -7.45 22.66 -5.39
N GLN A 96 -7.57 21.57 -4.65
CA GLN A 96 -8.46 21.51 -3.51
C GLN A 96 -7.83 22.17 -2.28
N GLY A 97 -6.55 22.48 -2.41
CA GLY A 97 -5.82 23.12 -1.33
C GLY A 97 -5.19 22.11 -0.39
N VAL A 98 -4.90 20.93 -0.91
CA VAL A 98 -4.29 19.88 -0.11
C VAL A 98 -3.00 19.38 -0.74
N SER A 99 -1.95 19.33 0.06
CA SER A 99 -0.65 18.85 -0.39
C SER A 99 -0.16 17.76 0.56
N VAL A 100 -0.07 16.54 0.05
CA VAL A 100 0.38 15.42 0.86
C VAL A 100 1.83 15.08 0.53
N SER A 101 2.61 14.84 1.57
CA SER A 101 4.02 14.51 1.41
C SER A 101 4.46 13.57 2.52
N VAL A 102 5.28 12.60 2.19
CA VAL A 102 5.76 11.65 3.17
C VAL A 102 7.22 11.96 3.52
N SER A 103 7.47 12.16 4.79
CA SER A 103 8.80 12.47 5.26
C SER A 103 9.08 11.79 6.60
N ALA A 104 10.14 10.98 6.63
CA ALA A 104 10.55 10.26 7.83
C ALA A 104 9.45 9.31 8.32
N ASN A 105 8.96 8.48 7.40
CA ASN A 105 7.92 7.49 7.69
C ASN A 105 6.66 8.14 8.25
N LYS A 106 6.42 9.38 7.87
CA LYS A 106 5.26 10.11 8.34
C LYS A 106 4.61 10.85 7.19
N LEU A 107 3.31 10.73 7.07
CA LEU A 107 2.57 11.41 6.02
C LEU A 107 2.18 12.80 6.52
N LEU A 108 2.62 13.81 5.82
CA LEU A 108 2.33 15.18 6.19
C LEU A 108 1.34 15.79 5.23
N VAL A 109 0.17 16.11 5.74
CA VAL A 109 -0.84 16.74 4.92
C VAL A 109 -0.81 18.23 5.20
N GLN A 110 -0.50 19.02 4.19
CA GLN A 110 -0.39 20.45 4.36
C GLN A 110 -1.32 21.18 3.40
N PRO A 111 -2.09 22.14 3.91
CA PRO A 111 -3.01 22.91 3.07
C PRO A 111 -2.28 24.00 2.31
N VAL A 112 -2.54 24.08 1.02
CA VAL A 112 -1.90 25.08 0.17
C VAL A 112 -2.89 26.18 -0.18
N PRO A 113 -2.41 27.43 -0.29
CA PRO A 113 -3.25 28.57 -0.62
C PRO A 113 -3.56 28.63 -2.11
N VAL A 114 -4.79 28.31 -2.46
CA VAL A 114 -5.24 28.31 -3.84
C VAL A 114 -6.61 28.97 -3.97
N SER A 115 -7.29 28.72 -5.07
CA SER A 115 -8.61 29.29 -5.31
C SER A 115 -9.62 28.19 -5.63
N SER A 116 -9.40 27.01 -5.06
CA SER A 116 -10.27 25.85 -5.26
C SER A 116 -10.32 25.42 -6.74
N GLY A 117 -9.20 25.57 -7.44
CA GLY A 117 -9.14 25.18 -8.83
C GLY A 117 -9.55 26.30 -9.76
N ALA A 118 -8.99 27.48 -9.55
CA ALA A 118 -9.31 28.63 -10.38
C ALA A 118 -8.05 29.44 -10.67
N LYS A 119 -7.74 29.63 -11.94
CA LYS A 119 -6.57 30.37 -12.34
C LYS A 119 -6.97 31.63 -13.12
N LEU A 120 -6.91 32.76 -12.45
CA LEU A 120 -7.27 34.03 -13.08
C LEU A 120 -6.09 34.57 -13.87
N GLY A 1 -15.98 17.97 4.40
CA GLY A 1 -15.85 19.37 3.95
C GLY A 1 -16.51 20.33 4.92
N SER A 2 -17.57 21.00 4.47
CA SER A 2 -18.29 21.94 5.31
C SER A 2 -19.21 21.21 6.27
N HIS A 3 -18.61 20.62 7.30
CA HIS A 3 -19.37 19.88 8.31
C HIS A 3 -19.22 20.57 9.66
N MET A 4 -20.29 20.61 10.45
CA MET A 4 -20.23 21.25 11.76
C MET A 4 -19.31 20.47 12.69
N THR A 5 -19.52 19.17 12.78
CA THR A 5 -18.69 18.32 13.61
C THR A 5 -17.34 18.08 12.94
N LYS A 6 -16.40 18.95 13.23
CA LYS A 6 -15.07 18.84 12.65
C LYS A 6 -14.11 18.15 13.62
N PRO A 7 -13.72 16.90 13.32
CA PRO A 7 -12.81 16.14 14.17
C PRO A 7 -11.39 16.71 14.14
N ALA A 8 -10.73 16.71 15.29
CA ALA A 8 -9.39 17.23 15.41
C ALA A 8 -8.38 16.10 15.52
N PRO A 9 -7.33 16.09 14.67
CA PRO A 9 -6.29 15.06 14.70
C PRO A 9 -5.34 15.25 15.87
N ASP A 10 -5.88 15.18 17.09
CA ASP A 10 -5.08 15.34 18.29
C ASP A 10 -4.41 14.04 18.67
N PHE A 11 -3.52 14.10 19.64
CA PHE A 11 -2.81 12.93 20.11
C PHE A 11 -2.91 12.84 21.62
N GLY A 12 -3.81 11.99 22.10
CA GLY A 12 -4.01 11.82 23.52
C GLY A 12 -2.85 11.13 24.20
N GLY A 13 -2.44 10.01 23.64
CA GLY A 13 -1.33 9.27 24.22
C GLY A 13 0.01 9.74 23.68
N ARG A 14 0.40 10.94 24.08
CA ARG A 14 1.66 11.51 23.64
C ARG A 14 2.83 10.92 24.43
N TRP A 15 4.01 11.54 24.31
CA TRP A 15 5.21 11.08 25.01
C TRP A 15 5.61 9.69 24.54
N LYS A 16 5.32 9.39 23.28
CA LYS A 16 5.64 8.10 22.71
C LYS A 16 6.89 8.17 21.83
N HIS A 17 7.56 9.31 21.90
CA HIS A 17 8.79 9.51 21.13
C HIS A 17 9.99 8.97 21.90
N VAL A 18 10.35 7.74 21.61
CA VAL A 18 11.48 7.11 22.29
C VAL A 18 12.47 6.55 21.28
N ASN A 19 11.98 6.21 20.10
CA ASN A 19 12.81 5.65 19.02
C ASN A 19 13.59 4.44 19.53
N HIS A 20 12.90 3.57 20.24
CA HIS A 20 13.48 2.37 20.80
C HIS A 20 13.44 1.25 19.79
N PHE A 21 14.38 1.26 18.86
CA PHE A 21 14.47 0.25 17.82
C PHE A 21 15.92 -0.01 17.47
N ASP A 22 16.40 -1.22 17.76
CA ASP A 22 17.78 -1.58 17.48
C ASP A 22 17.90 -2.25 16.13
N GLU A 23 16.98 -3.15 15.82
CA GLU A 23 16.98 -3.85 14.55
C GLU A 23 15.64 -4.54 14.33
N ALA A 24 15.43 -5.05 13.13
CA ALA A 24 14.20 -5.75 12.78
C ALA A 24 14.02 -6.99 13.66
N PRO A 25 12.76 -7.37 13.94
CA PRO A 25 12.45 -8.54 14.76
C PRO A 25 13.03 -9.82 14.19
N THR A 26 13.04 -9.91 12.87
CA THR A 26 13.59 -11.08 12.18
C THR A 26 14.43 -10.64 11.00
N GLU A 27 15.66 -11.11 10.93
CA GLU A 27 16.55 -10.75 9.82
C GLU A 27 16.22 -11.56 8.57
N ILE A 28 15.10 -11.22 7.96
CA ILE A 28 14.65 -11.89 6.75
C ILE A 28 14.25 -10.85 5.71
N PRO A 29 14.33 -11.20 4.41
CA PRO A 29 13.96 -10.28 3.34
C PRO A 29 12.45 -10.16 3.21
N LEU A 30 11.85 -9.44 4.14
CA LEU A 30 10.43 -9.23 4.15
C LEU A 30 10.10 -7.75 4.13
N TYR A 31 9.62 -7.29 2.99
CA TYR A 31 9.26 -5.90 2.83
C TYR A 31 7.82 -5.79 2.39
N THR A 32 6.99 -5.22 3.25
CA THR A 32 5.58 -5.06 2.95
C THR A 32 5.39 -4.08 1.80
N SER A 33 4.72 -4.53 0.76
CA SER A 33 4.45 -3.68 -0.38
C SER A 33 2.96 -3.44 -0.49
N TYR A 34 2.48 -2.49 0.29
CA TYR A 34 1.07 -2.15 0.31
C TYR A 34 0.71 -1.21 -0.83
N THR A 35 -0.36 -1.54 -1.54
CA THR A 35 -0.83 -0.72 -2.63
C THR A 35 -1.63 0.45 -2.10
N TYR A 36 -1.04 1.62 -2.13
CA TYR A 36 -1.69 2.82 -1.66
C TYR A 36 -2.69 3.30 -2.69
N GLN A 37 -3.95 2.97 -2.45
CA GLN A 37 -5.04 3.33 -3.35
C GLN A 37 -6.27 3.71 -2.56
N ALA A 38 -6.99 4.71 -3.05
CA ALA A 38 -8.22 5.15 -2.39
C ALA A 38 -9.31 4.13 -2.66
N THR A 39 -9.86 3.59 -1.59
CA THR A 39 -10.91 2.59 -1.72
C THR A 39 -12.29 3.25 -1.64
N PRO A 40 -13.24 2.78 -2.46
CA PRO A 40 -14.60 3.32 -2.47
C PRO A 40 -15.38 2.96 -1.21
N MET A 41 -14.71 2.25 -0.31
CA MET A 41 -15.33 1.86 0.95
C MET A 41 -14.81 2.71 2.09
N ASP A 42 -13.81 3.56 1.81
CA ASP A 42 -13.24 4.40 2.84
C ASP A 42 -14.20 5.53 3.22
N GLY A 43 -14.39 6.45 2.29
CA GLY A 43 -15.29 7.56 2.54
C GLY A 43 -14.60 8.91 2.63
N THR A 44 -13.44 8.99 3.29
CA THR A 44 -12.78 10.28 3.45
C THR A 44 -11.28 10.23 3.21
N LEU A 45 -10.67 11.41 3.10
CA LEU A 45 -9.24 11.55 2.90
C LEU A 45 -8.46 11.13 4.14
N LYS A 46 -8.89 11.64 5.29
CA LYS A 46 -8.22 11.36 6.56
C LYS A 46 -8.21 9.85 6.84
N THR A 47 -9.36 9.21 6.74
CA THR A 47 -9.46 7.78 6.98
C THR A 47 -8.57 6.99 6.00
N MET A 48 -8.56 7.43 4.74
CA MET A 48 -7.73 6.79 3.72
C MET A 48 -6.26 6.89 4.09
N LEU A 49 -5.84 8.08 4.46
CA LEU A 49 -4.45 8.33 4.85
C LEU A 49 -4.11 7.54 6.10
N GLU A 50 -5.07 7.45 7.01
CA GLU A 50 -4.89 6.70 8.25
C GLU A 50 -4.64 5.23 7.92
N ARG A 51 -5.43 4.71 7.00
CA ARG A 51 -5.32 3.33 6.56
C ARG A 51 -3.95 3.07 5.95
N TRP A 52 -3.52 4.01 5.12
CA TRP A 52 -2.22 3.92 4.45
C TRP A 52 -1.08 3.94 5.45
N ALA A 53 -1.10 4.93 6.35
CA ALA A 53 -0.06 5.08 7.36
C ALA A 53 -0.04 3.89 8.31
N ALA A 54 -1.20 3.51 8.81
CA ALA A 54 -1.31 2.39 9.76
C ALA A 54 -0.78 1.11 9.14
N ASP A 55 -1.11 0.88 7.87
CA ASP A 55 -0.67 -0.33 7.17
C ASP A 55 0.84 -0.37 7.02
N SER A 56 1.44 0.79 6.78
CA SER A 56 2.87 0.87 6.59
C SER A 56 3.60 1.15 7.91
N ASN A 57 2.83 1.14 9.01
CA ASN A 57 3.38 1.39 10.34
C ASN A 57 4.02 2.78 10.41
N MET A 58 3.45 3.70 9.65
CA MET A 58 3.95 5.07 9.60
C MET A 58 3.00 6.01 10.35
N GLN A 59 3.45 7.23 10.58
CA GLN A 59 2.65 8.22 11.28
C GLN A 59 1.97 9.15 10.29
N LEU A 60 0.98 9.90 10.75
CA LEU A 60 0.25 10.81 9.88
C LEU A 60 0.09 12.19 10.53
N SER A 61 0.41 13.22 9.77
CA SER A 61 0.30 14.59 10.23
C SER A 61 -0.73 15.33 9.38
N TYR A 62 -1.95 15.41 9.89
CA TYR A 62 -3.06 16.06 9.20
C TYR A 62 -3.15 17.53 9.61
N ASN A 63 -2.59 18.42 8.80
CA ASN A 63 -2.61 19.84 9.11
C ASN A 63 -3.70 20.56 8.29
N LEU A 64 -4.67 19.80 7.82
CA LEU A 64 -5.76 20.37 7.05
C LEU A 64 -6.79 21.00 7.97
N PRO A 65 -7.40 22.12 7.56
CA PRO A 65 -8.41 22.81 8.37
C PRO A 65 -9.60 21.92 8.71
N SER A 66 -10.09 21.19 7.70
CA SER A 66 -11.22 20.30 7.89
C SER A 66 -10.98 18.97 7.20
N ASP A 67 -11.83 17.99 7.50
CA ASP A 67 -11.75 16.66 6.90
C ASP A 67 -12.36 16.72 5.51
N TYR A 68 -11.70 16.11 4.53
CA TYR A 68 -12.20 16.12 3.17
C TYR A 68 -12.53 14.70 2.71
N THR A 69 -13.31 14.62 1.64
CA THR A 69 -13.72 13.34 1.09
C THR A 69 -13.02 13.08 -0.23
N LEU A 70 -13.18 11.88 -0.79
CA LEU A 70 -12.57 11.56 -2.06
C LEU A 70 -13.33 12.23 -3.18
N ILE A 71 -12.68 13.17 -3.86
CA ILE A 71 -13.30 13.90 -4.96
C ILE A 71 -13.70 12.97 -6.11
N GLY A 72 -12.87 11.97 -6.37
CA GLY A 72 -13.15 11.05 -7.45
C GLY A 72 -11.90 10.38 -8.00
N PRO A 73 -11.06 11.13 -8.75
CA PRO A 73 -9.82 10.61 -9.35
C PRO A 73 -8.82 10.04 -8.34
N VAL A 74 -9.16 10.12 -7.05
CA VAL A 74 -8.30 9.62 -5.99
C VAL A 74 -8.18 8.10 -6.08
N SER A 75 -9.30 7.43 -6.30
CA SER A 75 -9.33 5.98 -6.44
C SER A 75 -8.56 5.49 -7.66
N ALA A 76 -8.15 6.41 -8.52
CA ALA A 76 -7.38 6.07 -9.71
C ALA A 76 -5.89 5.98 -9.39
N ILE A 77 -5.52 6.43 -8.19
CA ILE A 77 -4.14 6.40 -7.76
C ILE A 77 -3.86 5.09 -7.03
N SER A 78 -3.11 4.21 -7.68
CA SER A 78 -2.79 2.91 -7.10
C SER A 78 -1.32 2.56 -7.31
N THR A 79 -0.49 2.92 -6.34
CA THR A 79 0.93 2.65 -6.41
C THR A 79 1.42 2.04 -5.10
N THR A 80 2.53 1.29 -5.15
CA THR A 80 3.08 0.68 -3.95
C THR A 80 4.10 1.62 -3.30
N SER A 81 4.38 2.73 -3.96
CA SER A 81 5.30 3.71 -3.44
C SER A 81 4.53 4.80 -2.73
N VAL A 82 4.73 4.92 -1.42
CA VAL A 82 4.04 5.93 -0.64
C VAL A 82 4.44 7.33 -1.08
N GLN A 83 5.67 7.46 -1.57
CA GLN A 83 6.17 8.73 -2.06
C GLN A 83 5.44 9.10 -3.34
N GLN A 84 5.25 8.13 -4.22
CA GLN A 84 4.55 8.35 -5.48
C GLN A 84 3.09 8.69 -5.21
N ALA A 85 2.48 7.97 -4.27
CA ALA A 85 1.09 8.18 -3.88
C ALA A 85 0.88 9.62 -3.42
N ALA A 86 1.72 10.07 -2.51
CA ALA A 86 1.62 11.43 -1.99
C ALA A 86 1.84 12.44 -3.11
N THR A 87 2.70 12.09 -4.04
CA THR A 87 3.01 12.94 -5.18
C THR A 87 1.79 13.08 -6.09
N GLU A 88 1.18 11.95 -6.43
CA GLU A 88 0.00 11.92 -7.30
C GLU A 88 -1.17 12.64 -6.66
N LEU A 89 -1.35 12.43 -5.36
CA LEU A 89 -2.45 13.07 -4.63
C LEU A 89 -2.32 14.59 -4.69
N SER A 90 -1.13 15.09 -4.37
CA SER A 90 -0.87 16.53 -4.36
C SER A 90 -1.10 17.16 -5.73
N ALA A 91 -0.94 16.36 -6.79
CA ALA A 91 -1.14 16.86 -8.15
C ALA A 91 -2.61 17.19 -8.40
N VAL A 92 -3.50 16.30 -7.95
CA VAL A 92 -4.93 16.48 -8.15
C VAL A 92 -5.56 17.30 -7.02
N TYR A 93 -4.98 17.21 -5.84
CA TYR A 93 -5.49 17.89 -4.66
C TYR A 93 -5.08 19.36 -4.56
N ALA A 94 -4.00 19.74 -5.23
CA ALA A 94 -3.52 21.12 -5.21
C ALA A 94 -4.66 22.12 -5.54
N ALA A 95 -5.62 21.68 -6.34
CA ALA A 95 -6.76 22.53 -6.69
C ALA A 95 -7.69 22.72 -5.50
N GLN A 96 -7.88 21.65 -4.74
CA GLN A 96 -8.73 21.69 -3.54
C GLN A 96 -8.01 22.42 -2.41
N GLY A 97 -6.69 22.43 -2.49
CA GLY A 97 -5.91 23.09 -1.48
C GLY A 97 -5.26 22.12 -0.52
N VAL A 98 -4.87 20.97 -1.04
CA VAL A 98 -4.25 19.94 -0.22
C VAL A 98 -2.96 19.41 -0.88
N SER A 99 -1.90 19.39 -0.11
CA SER A 99 -0.61 18.89 -0.58
C SER A 99 -0.07 17.87 0.42
N VAL A 100 0.11 16.64 -0.02
CA VAL A 100 0.59 15.58 0.84
C VAL A 100 2.00 15.12 0.47
N SER A 101 2.82 14.92 1.47
CA SER A 101 4.19 14.45 1.28
C SER A 101 4.59 13.53 2.42
N VAL A 102 5.31 12.47 2.11
CA VAL A 102 5.74 11.51 3.12
C VAL A 102 7.21 11.75 3.45
N SER A 103 7.51 11.88 4.73
CA SER A 103 8.87 12.13 5.17
C SER A 103 9.10 11.56 6.56
N ALA A 104 10.20 10.82 6.71
CA ALA A 104 10.58 10.20 7.98
C ALA A 104 9.50 9.26 8.50
N ASN A 105 8.98 8.41 7.61
CA ASN A 105 7.94 7.43 7.95
C ASN A 105 6.71 8.14 8.47
N LYS A 106 6.44 9.32 7.94
CA LYS A 106 5.30 10.11 8.35
C LYS A 106 4.66 10.77 7.15
N LEU A 107 3.35 10.64 7.05
CA LEU A 107 2.63 11.27 5.97
C LEU A 107 2.23 12.66 6.43
N LEU A 108 2.67 13.67 5.70
CA LEU A 108 2.36 15.04 6.08
C LEU A 108 1.37 15.65 5.11
N VAL A 109 0.24 16.06 5.65
CA VAL A 109 -0.80 16.68 4.87
C VAL A 109 -0.81 18.17 5.18
N GLN A 110 -0.57 19.00 4.19
CA GLN A 110 -0.56 20.43 4.39
C GLN A 110 -1.41 21.15 3.34
N PRO A 111 -2.18 22.15 3.76
CA PRO A 111 -3.01 22.92 2.85
C PRO A 111 -2.20 23.96 2.08
N VAL A 112 -2.48 24.10 0.79
CA VAL A 112 -1.78 25.08 -0.01
C VAL A 112 -2.65 26.31 -0.24
N PRO A 113 -2.05 27.49 -0.44
CA PRO A 113 -2.79 28.74 -0.66
C PRO A 113 -3.55 28.75 -1.98
N VAL A 114 -4.87 28.61 -1.91
CA VAL A 114 -5.73 28.60 -3.08
C VAL A 114 -7.06 29.25 -2.77
N SER A 115 -7.06 30.17 -1.83
CA SER A 115 -8.27 30.86 -1.44
C SER A 115 -8.57 32.03 -2.36
N SER A 116 -7.61 32.36 -3.21
CA SER A 116 -7.76 33.46 -4.16
C SER A 116 -8.93 33.20 -5.12
N GLY A 117 -9.02 31.96 -5.60
CA GLY A 117 -10.08 31.59 -6.51
C GLY A 117 -11.31 31.10 -5.77
N ALA A 118 -11.75 31.88 -4.79
CA ALA A 118 -12.91 31.54 -3.96
C ALA A 118 -14.20 31.52 -4.78
N LYS A 119 -14.23 32.30 -5.85
CA LYS A 119 -15.40 32.36 -6.72
C LYS A 119 -15.59 31.05 -7.45
N LEU A 120 -16.78 30.48 -7.35
CA LEU A 120 -17.10 29.21 -8.01
C LEU A 120 -17.90 29.46 -9.27
N GLY A 1 19.38 -76.19 41.10
CA GLY A 1 19.51 -76.09 39.63
C GLY A 1 19.95 -74.71 39.18
N SER A 2 21.22 -74.58 38.82
CA SER A 2 21.76 -73.31 38.37
C SER A 2 21.51 -73.15 36.88
N HIS A 3 20.92 -72.01 36.50
CA HIS A 3 20.63 -71.73 35.10
C HIS A 3 20.45 -70.22 34.89
N MET A 4 21.06 -69.72 33.83
CA MET A 4 20.96 -68.30 33.51
C MET A 4 20.23 -68.12 32.19
N THR A 5 19.55 -67.00 32.03
CA THR A 5 18.82 -66.72 30.81
C THR A 5 19.75 -66.13 29.75
N LYS A 6 19.68 -66.66 28.55
CA LYS A 6 20.53 -66.19 27.46
C LYS A 6 19.66 -65.66 26.32
N PRO A 7 19.46 -64.33 26.27
CA PRO A 7 18.66 -63.69 25.22
C PRO A 7 19.40 -63.71 23.89
N ALA A 8 19.12 -64.73 23.08
CA ALA A 8 19.75 -64.86 21.78
C ALA A 8 19.28 -63.75 20.84
N PRO A 9 20.15 -63.30 19.93
CA PRO A 9 19.82 -62.24 18.98
C PRO A 9 18.72 -62.67 18.01
N ASP A 10 17.52 -62.16 18.26
CA ASP A 10 16.37 -62.48 17.43
C ASP A 10 15.92 -61.24 16.67
N PHE A 11 14.71 -61.28 16.13
CA PHE A 11 14.16 -60.16 15.37
C PHE A 11 13.24 -59.31 16.25
N GLY A 12 13.60 -59.21 17.52
CA GLY A 12 12.82 -58.42 18.45
C GLY A 12 13.27 -56.98 18.49
N GLY A 13 12.68 -56.16 17.64
CA GLY A 13 13.05 -54.76 17.58
C GLY A 13 14.04 -54.47 16.47
N ARG A 14 13.70 -54.91 15.26
CA ARG A 14 14.58 -54.71 14.11
C ARG A 14 14.07 -53.57 13.23
N TRP A 15 12.77 -53.32 13.29
CA TRP A 15 12.16 -52.27 12.50
C TRP A 15 12.28 -50.92 13.19
N LYS A 16 13.50 -50.40 13.24
CA LYS A 16 13.76 -49.11 13.88
C LYS A 16 14.26 -48.10 12.87
N HIS A 17 14.02 -48.36 11.59
CA HIS A 17 14.44 -47.45 10.55
C HIS A 17 13.39 -46.37 10.33
N VAL A 18 13.44 -45.34 11.14
CA VAL A 18 12.49 -44.24 11.05
C VAL A 18 13.20 -42.90 11.14
N ASN A 19 13.29 -42.22 10.02
CA ASN A 19 13.94 -40.92 9.95
C ASN A 19 13.54 -40.20 8.67
N HIS A 20 13.55 -38.88 8.70
CA HIS A 20 13.17 -38.09 7.53
C HIS A 20 14.17 -36.96 7.31
N PHE A 21 15.26 -37.27 6.63
CA PHE A 21 16.28 -36.27 6.34
C PHE A 21 15.98 -35.60 5.00
N ASP A 22 15.12 -34.61 5.04
CA ASP A 22 14.74 -33.88 3.84
C ASP A 22 14.82 -32.38 4.09
N GLU A 23 15.80 -31.74 3.47
CA GLU A 23 15.96 -30.30 3.62
C GLU A 23 16.38 -29.68 2.30
N ALA A 24 16.11 -28.40 2.15
CA ALA A 24 16.46 -27.67 0.95
C ALA A 24 16.43 -26.18 1.19
N PRO A 25 17.33 -25.43 0.55
CA PRO A 25 17.40 -23.98 0.69
C PRO A 25 16.17 -23.31 0.07
N THR A 26 15.18 -23.05 0.91
CA THR A 26 13.95 -22.43 0.46
C THR A 26 13.80 -21.02 1.05
N GLU A 27 14.12 -20.02 0.25
CA GLU A 27 14.01 -18.63 0.70
C GLU A 27 13.56 -17.76 -0.46
N ILE A 28 12.87 -16.68 -0.14
CA ILE A 28 12.35 -15.78 -1.14
C ILE A 28 12.40 -14.34 -0.63
N PRO A 29 12.55 -13.37 -1.54
CA PRO A 29 12.61 -11.94 -1.20
C PRO A 29 11.33 -11.47 -0.49
N LEU A 30 11.49 -10.53 0.43
CA LEU A 30 10.37 -9.99 1.18
C LEU A 30 10.41 -8.47 1.18
N TYR A 31 9.86 -7.88 0.13
CA TYR A 31 9.81 -6.43 0.01
C TYR A 31 8.35 -5.99 0.08
N THR A 32 7.92 -5.64 1.29
CA THR A 32 6.55 -5.22 1.52
C THR A 32 6.14 -4.07 0.62
N SER A 33 5.31 -4.36 -0.36
CA SER A 33 4.83 -3.37 -1.28
C SER A 33 3.30 -3.39 -1.30
N TYR A 34 2.71 -2.49 -0.54
CA TYR A 34 1.26 -2.40 -0.43
C TYR A 34 0.72 -1.35 -1.40
N THR A 35 -0.31 -1.72 -2.13
CA THR A 35 -0.93 -0.82 -3.08
C THR A 35 -1.76 0.22 -2.34
N TYR A 36 -1.31 1.45 -2.38
CA TYR A 36 -1.99 2.55 -1.73
C TYR A 36 -2.97 3.16 -2.71
N GLN A 37 -4.23 2.78 -2.58
CA GLN A 37 -5.28 3.28 -3.46
C GLN A 37 -6.51 3.67 -2.64
N ALA A 38 -7.22 4.69 -3.11
CA ALA A 38 -8.42 5.15 -2.42
C ALA A 38 -9.56 4.18 -2.66
N THR A 39 -10.10 3.63 -1.58
CA THR A 39 -11.21 2.69 -1.68
C THR A 39 -12.51 3.35 -1.22
N PRO A 40 -13.67 2.80 -1.63
CA PRO A 40 -14.96 3.34 -1.23
C PRO A 40 -15.25 3.14 0.25
N MET A 41 -14.34 2.43 0.92
CA MET A 41 -14.48 2.16 2.34
C MET A 41 -13.78 3.22 3.17
N ASP A 42 -12.88 3.97 2.54
CA ASP A 42 -12.15 5.03 3.23
C ASP A 42 -13.07 6.21 3.49
N GLY A 43 -13.66 6.71 2.42
CA GLY A 43 -14.58 7.82 2.52
C GLY A 43 -13.91 9.17 2.43
N THR A 44 -13.06 9.48 3.40
CA THR A 44 -12.38 10.77 3.41
C THR A 44 -10.87 10.62 3.30
N LEU A 45 -10.22 11.74 3.00
CA LEU A 45 -8.78 11.80 2.85
C LEU A 45 -8.10 11.32 4.14
N LYS A 46 -8.64 11.77 5.26
CA LYS A 46 -8.09 11.41 6.57
C LYS A 46 -8.14 9.90 6.78
N THR A 47 -9.34 9.34 6.69
CA THR A 47 -9.53 7.90 6.89
C THR A 47 -8.67 7.10 5.90
N MET A 48 -8.57 7.60 4.67
CA MET A 48 -7.78 6.95 3.64
C MET A 48 -6.31 6.93 4.02
N LEU A 49 -5.77 8.09 4.38
CA LEU A 49 -4.38 8.19 4.76
C LEU A 49 -4.08 7.39 6.02
N GLU A 50 -5.03 7.38 6.96
CA GLU A 50 -4.87 6.63 8.20
C GLU A 50 -4.77 5.13 7.90
N ARG A 51 -5.57 4.69 6.93
CA ARG A 51 -5.57 3.29 6.54
C ARG A 51 -4.28 2.95 5.78
N TRP A 52 -3.76 3.94 5.06
CA TRP A 52 -2.53 3.76 4.30
C TRP A 52 -1.32 3.66 5.23
N ALA A 53 -1.17 4.67 6.09
CA ALA A 53 -0.06 4.73 7.04
C ALA A 53 -0.09 3.57 8.01
N ALA A 54 -1.28 3.05 8.29
CA ALA A 54 -1.44 1.95 9.22
C ALA A 54 -0.76 0.68 8.72
N ASP A 55 -0.78 0.47 7.40
CA ASP A 55 -0.18 -0.73 6.82
C ASP A 55 1.34 -0.68 6.94
N SER A 56 1.91 0.50 6.77
CA SER A 56 3.35 0.66 6.85
C SER A 56 3.79 1.09 8.25
N ASN A 57 2.84 1.11 9.19
CA ASN A 57 3.11 1.50 10.57
C ASN A 57 3.75 2.89 10.63
N MET A 58 3.16 3.82 9.89
CA MET A 58 3.65 5.18 9.82
C MET A 58 2.66 6.13 10.50
N GLN A 59 3.12 7.33 10.78
CA GLN A 59 2.27 8.34 11.41
C GLN A 59 1.69 9.28 10.37
N LEU A 60 0.55 9.87 10.67
CA LEU A 60 -0.10 10.81 9.78
C LEU A 60 -0.34 12.13 10.48
N SER A 61 0.03 13.20 9.80
CA SER A 61 -0.14 14.53 10.32
C SER A 61 -1.18 15.29 9.47
N TYR A 62 -2.41 15.28 9.95
CA TYR A 62 -3.50 15.97 9.25
C TYR A 62 -3.62 17.40 9.78
N ASN A 63 -3.05 18.34 9.05
CA ASN A 63 -3.09 19.75 9.46
C ASN A 63 -4.14 20.52 8.68
N LEU A 64 -5.21 19.83 8.30
CA LEU A 64 -6.29 20.45 7.56
C LEU A 64 -7.41 20.85 8.51
N PRO A 65 -8.11 21.95 8.22
CA PRO A 65 -9.22 22.45 9.05
C PRO A 65 -10.31 21.40 9.25
N SER A 66 -10.65 20.69 8.18
CA SER A 66 -11.68 19.67 8.24
C SER A 66 -11.31 18.48 7.36
N ASP A 67 -12.05 17.39 7.53
CA ASP A 67 -11.83 16.18 6.73
C ASP A 67 -12.56 16.30 5.40
N TYR A 68 -11.84 16.05 4.32
CA TYR A 68 -12.43 16.15 2.99
C TYR A 68 -12.68 14.77 2.41
N THR A 69 -13.84 14.59 1.79
CA THR A 69 -14.20 13.31 1.19
C THR A 69 -13.45 13.10 -0.12
N LEU A 70 -13.28 11.84 -0.51
CA LEU A 70 -12.60 11.50 -1.75
C LEU A 70 -13.31 12.17 -2.93
N ILE A 71 -12.59 13.07 -3.60
CA ILE A 71 -13.14 13.79 -4.73
C ILE A 71 -13.51 12.85 -5.88
N GLY A 72 -12.74 11.78 -6.04
CA GLY A 72 -13.01 10.84 -7.11
C GLY A 72 -11.75 10.28 -7.74
N PRO A 73 -10.98 11.12 -8.47
CA PRO A 73 -9.74 10.71 -9.15
C PRO A 73 -8.67 10.11 -8.22
N VAL A 74 -8.96 10.09 -6.93
CA VAL A 74 -8.03 9.55 -5.94
C VAL A 74 -7.91 8.03 -6.11
N SER A 75 -9.04 7.40 -6.44
CA SER A 75 -9.08 5.96 -6.62
C SER A 75 -8.39 5.55 -7.93
N ALA A 76 -8.04 6.53 -8.75
CA ALA A 76 -7.36 6.27 -10.01
C ALA A 76 -5.86 6.16 -9.78
N ILE A 77 -5.47 6.34 -8.53
CA ILE A 77 -4.06 6.26 -8.14
C ILE A 77 -3.81 4.96 -7.38
N SER A 78 -3.16 4.02 -8.03
CA SER A 78 -2.85 2.74 -7.42
C SER A 78 -1.35 2.47 -7.50
N THR A 79 -0.63 2.90 -6.50
CA THR A 79 0.82 2.72 -6.47
C THR A 79 1.24 1.95 -5.23
N THR A 80 2.37 1.26 -5.33
CA THR A 80 2.89 0.49 -4.22
C THR A 80 3.88 1.32 -3.41
N SER A 81 4.20 2.50 -3.92
CA SER A 81 5.12 3.40 -3.26
C SER A 81 4.35 4.54 -2.58
N VAL A 82 4.44 4.60 -1.25
CA VAL A 82 3.73 5.64 -0.50
C VAL A 82 4.18 7.04 -0.90
N GLN A 83 5.45 7.18 -1.28
CA GLN A 83 5.98 8.47 -1.70
C GLN A 83 5.33 8.89 -3.02
N GLN A 84 5.16 7.94 -3.93
CA GLN A 84 4.53 8.21 -5.21
C GLN A 84 3.08 8.61 -5.00
N ALA A 85 2.41 7.92 -4.10
CA ALA A 85 1.02 8.20 -3.77
C ALA A 85 0.84 9.67 -3.37
N ALA A 86 1.65 10.12 -2.44
CA ALA A 86 1.60 11.50 -1.96
C ALA A 86 1.92 12.46 -3.10
N THR A 87 2.79 12.03 -4.00
CA THR A 87 3.18 12.84 -5.14
C THR A 87 2.00 13.05 -6.09
N GLU A 88 1.33 11.96 -6.43
CA GLU A 88 0.19 12.00 -7.33
C GLU A 88 -1.01 12.68 -6.68
N LEU A 89 -1.20 12.44 -5.39
CA LEU A 89 -2.30 13.03 -4.65
C LEU A 89 -2.21 14.55 -4.66
N SER A 90 -1.04 15.08 -4.32
CA SER A 90 -0.82 16.52 -4.29
C SER A 90 -1.08 17.16 -5.65
N ALA A 91 -0.84 16.41 -6.72
CA ALA A 91 -1.04 16.91 -8.07
C ALA A 91 -2.51 17.22 -8.32
N VAL A 92 -3.38 16.28 -7.96
CA VAL A 92 -4.82 16.45 -8.16
C VAL A 92 -5.44 17.29 -7.04
N TYR A 93 -4.94 17.10 -5.83
CA TYR A 93 -5.44 17.81 -4.66
C TYR A 93 -5.07 19.28 -4.66
N ALA A 94 -4.00 19.62 -5.37
CA ALA A 94 -3.53 21.01 -5.46
C ALA A 94 -4.66 21.95 -5.87
N ALA A 95 -5.60 21.47 -6.66
CA ALA A 95 -6.73 22.28 -7.12
C ALA A 95 -7.76 22.47 -6.00
N GLN A 96 -7.73 21.58 -5.02
CA GLN A 96 -8.66 21.64 -3.91
C GLN A 96 -8.03 22.39 -2.73
N GLY A 97 -6.75 22.71 -2.87
CA GLY A 97 -6.04 23.42 -1.82
C GLY A 97 -5.40 22.49 -0.82
N VAL A 98 -5.10 21.27 -1.25
CA VAL A 98 -4.48 20.28 -0.37
C VAL A 98 -3.22 19.70 -0.99
N SER A 99 -2.22 19.46 -0.17
CA SER A 99 -0.96 18.89 -0.63
C SER A 99 -0.44 17.90 0.42
N VAL A 100 0.08 16.77 -0.03
CA VAL A 100 0.57 15.74 0.89
C VAL A 100 2.00 15.30 0.54
N SER A 101 2.73 14.85 1.55
CA SER A 101 4.10 14.38 1.35
C SER A 101 4.46 13.36 2.42
N VAL A 102 5.46 12.55 2.13
CA VAL A 102 5.92 11.56 3.09
C VAL A 102 7.32 11.93 3.55
N SER A 103 7.46 12.25 4.82
CA SER A 103 8.74 12.65 5.34
C SER A 103 9.06 11.91 6.64
N ALA A 104 10.12 11.10 6.61
CA ALA A 104 10.56 10.32 7.76
C ALA A 104 9.47 9.36 8.24
N ASN A 105 8.94 8.58 7.30
CA ASN A 105 7.89 7.60 7.58
C ASN A 105 6.69 8.27 8.24
N LYS A 106 6.39 9.46 7.79
CA LYS A 106 5.28 10.22 8.32
C LYS A 106 4.59 10.96 7.19
N LEU A 107 3.29 10.87 7.14
CA LEU A 107 2.54 11.55 6.10
C LEU A 107 2.18 12.94 6.56
N LEU A 108 2.62 13.92 5.80
CA LEU A 108 2.37 15.31 6.14
C LEU A 108 1.34 15.93 5.20
N VAL A 109 0.21 16.30 5.75
CA VAL A 109 -0.83 16.94 4.97
C VAL A 109 -0.80 18.42 5.25
N GLN A 110 -0.56 19.22 4.23
CA GLN A 110 -0.48 20.65 4.39
C GLN A 110 -1.27 21.35 3.29
N PRO A 111 -2.00 22.40 3.67
CA PRO A 111 -2.79 23.17 2.71
C PRO A 111 -1.91 24.11 1.89
N VAL A 112 -2.30 24.32 0.64
CA VAL A 112 -1.56 25.20 -0.24
C VAL A 112 -2.32 26.52 -0.41
N PRO A 113 -1.61 27.62 -0.66
CA PRO A 113 -2.23 28.94 -0.82
C PRO A 113 -2.87 29.15 -2.19
N VAL A 114 -3.90 28.35 -2.47
CA VAL A 114 -4.62 28.45 -3.73
C VAL A 114 -6.11 28.59 -3.49
N SER A 115 -6.80 29.21 -4.44
CA SER A 115 -8.23 29.41 -4.33
C SER A 115 -8.87 29.61 -5.70
N SER A 116 -9.82 28.75 -6.03
CA SER A 116 -10.50 28.82 -7.31
C SER A 116 -11.32 30.11 -7.41
N GLY A 117 -10.94 30.97 -8.33
CA GLY A 117 -11.64 32.23 -8.51
C GLY A 117 -11.40 33.19 -7.36
N ALA A 118 -10.24 33.03 -6.72
CA ALA A 118 -9.85 33.87 -5.59
C ALA A 118 -10.89 33.80 -4.47
N LYS A 119 -11.48 32.61 -4.30
CA LYS A 119 -12.48 32.39 -3.28
C LYS A 119 -11.87 31.75 -2.04
N LEU A 120 -11.94 32.45 -0.93
CA LEU A 120 -11.40 31.95 0.32
C LEU A 120 -12.41 31.03 1.00
N GLY A 1 -28.53 -70.67 4.87
CA GLY A 1 -28.09 -69.26 5.00
C GLY A 1 -26.58 -69.15 5.12
N SER A 2 -25.87 -69.84 4.23
CA SER A 2 -24.42 -69.82 4.23
C SER A 2 -23.93 -68.59 3.48
N HIS A 3 -22.78 -68.06 3.88
CA HIS A 3 -22.20 -66.89 3.25
C HIS A 3 -20.70 -66.84 3.48
N MET A 4 -20.03 -65.95 2.76
CA MET A 4 -18.59 -65.80 2.88
C MET A 4 -18.24 -65.11 4.18
N THR A 5 -17.85 -65.90 5.17
CA THR A 5 -17.49 -65.36 6.47
C THR A 5 -15.98 -65.18 6.56
N LYS A 6 -15.52 -63.99 6.21
CA LYS A 6 -14.10 -63.69 6.25
C LYS A 6 -13.84 -62.42 7.04
N PRO A 7 -13.02 -62.51 8.10
CA PRO A 7 -12.70 -61.36 8.94
C PRO A 7 -11.75 -60.39 8.24
N ALA A 8 -11.91 -59.10 8.54
CA ALA A 8 -11.09 -58.05 7.95
C ALA A 8 -11.42 -57.84 6.46
N PRO A 9 -11.14 -56.65 5.92
CA PRO A 9 -11.40 -56.34 4.51
C PRO A 9 -10.61 -57.24 3.55
N ASP A 10 -10.96 -57.14 2.27
CA ASP A 10 -10.32 -57.93 1.23
C ASP A 10 -8.91 -57.43 0.94
N PHE A 11 -8.20 -58.17 0.09
CA PHE A 11 -6.85 -57.81 -0.27
C PHE A 11 -6.78 -57.36 -1.72
N GLY A 12 -5.98 -56.34 -1.99
CA GLY A 12 -5.86 -55.82 -3.34
C GLY A 12 -5.44 -54.37 -3.35
N GLY A 13 -5.79 -53.66 -2.29
CA GLY A 13 -5.44 -52.26 -2.17
C GLY A 13 -4.94 -51.93 -0.78
N ARG A 14 -4.26 -52.90 -0.17
CA ARG A 14 -3.73 -52.74 1.17
C ARG A 14 -2.30 -52.21 1.12
N TRP A 15 -1.74 -52.14 -0.09
CA TRP A 15 -0.39 -51.65 -0.26
C TRP A 15 -0.35 -50.51 -1.26
N LYS A 16 -1.32 -49.61 -1.16
CA LYS A 16 -1.39 -48.47 -2.06
C LYS A 16 -0.70 -47.25 -1.46
N HIS A 17 0.59 -47.14 -1.70
CA HIS A 17 1.38 -46.02 -1.20
C HIS A 17 1.31 -44.87 -2.20
N VAL A 18 0.35 -43.97 -2.00
CA VAL A 18 0.19 -42.83 -2.90
C VAL A 18 0.09 -41.53 -2.11
N ASN A 19 1.18 -40.79 -2.11
CA ASN A 19 1.24 -39.51 -1.41
C ASN A 19 2.42 -38.70 -1.94
N HIS A 20 2.61 -37.51 -1.41
CA HIS A 20 3.71 -36.64 -1.84
C HIS A 20 5.06 -37.25 -1.43
N PHE A 21 6.07 -37.05 -2.25
CA PHE A 21 7.39 -37.59 -1.98
C PHE A 21 8.11 -36.79 -0.90
N ASP A 22 8.62 -35.62 -1.26
CA ASP A 22 9.34 -34.77 -0.32
C ASP A 22 9.29 -33.31 -0.76
N GLU A 23 8.98 -32.42 0.17
CA GLU A 23 8.91 -31.00 -0.12
C GLU A 23 9.62 -30.19 0.96
N ALA A 24 10.03 -28.99 0.60
CA ALA A 24 10.70 -28.10 1.53
C ALA A 24 9.83 -26.89 1.84
N PRO A 25 9.96 -26.34 3.06
CA PRO A 25 9.19 -25.17 3.48
C PRO A 25 9.53 -23.93 2.68
N THR A 26 8.56 -23.45 1.91
CA THR A 26 8.77 -22.27 1.10
C THR A 26 8.79 -21.01 1.96
N GLU A 27 9.99 -20.49 2.17
CA GLU A 27 10.18 -19.28 2.96
C GLU A 27 10.92 -18.23 2.12
N ILE A 28 10.18 -17.54 1.26
CA ILE A 28 10.77 -16.53 0.40
C ILE A 28 10.56 -15.14 0.98
N PRO A 29 11.50 -14.23 0.73
CA PRO A 29 11.42 -12.84 1.22
C PRO A 29 10.24 -12.09 0.63
N LEU A 30 9.40 -11.55 1.50
CA LEU A 30 8.23 -10.81 1.07
C LEU A 30 8.34 -9.35 1.50
N TYR A 31 8.62 -8.48 0.55
CA TYR A 31 8.74 -7.06 0.82
C TYR A 31 7.34 -6.45 0.93
N THR A 32 7.06 -5.82 2.07
CA THR A 32 5.76 -5.20 2.29
C THR A 32 5.51 -4.11 1.26
N SER A 33 4.62 -4.40 0.34
CA SER A 33 4.29 -3.46 -0.71
C SER A 33 2.78 -3.26 -0.77
N TYR A 34 2.29 -2.36 0.05
CA TYR A 34 0.87 -2.06 0.13
C TYR A 34 0.48 -1.02 -0.91
N THR A 35 -0.40 -1.41 -1.82
CA THR A 35 -0.86 -0.49 -2.86
C THR A 35 -1.80 0.54 -2.26
N TYR A 36 -1.34 1.78 -2.28
CA TYR A 36 -2.10 2.89 -1.74
C TYR A 36 -3.13 3.34 -2.76
N GLN A 37 -4.40 3.16 -2.42
CA GLN A 37 -5.49 3.54 -3.31
C GLN A 37 -6.71 3.97 -2.50
N ALA A 38 -7.56 4.80 -3.10
CA ALA A 38 -8.76 5.27 -2.43
C ALA A 38 -9.85 4.22 -2.57
N THR A 39 -10.16 3.55 -1.46
CA THR A 39 -11.16 2.49 -1.46
C THR A 39 -12.49 3.01 -0.92
N PRO A 40 -13.61 2.34 -1.25
CA PRO A 40 -14.95 2.73 -0.77
C PRO A 40 -15.11 2.56 0.73
N MET A 41 -14.12 1.94 1.37
CA MET A 41 -14.15 1.72 2.80
C MET A 41 -13.49 2.87 3.54
N ASP A 42 -12.87 3.77 2.78
CA ASP A 42 -12.20 4.93 3.35
C ASP A 42 -13.17 6.08 3.52
N GLY A 43 -13.77 6.50 2.43
CA GLY A 43 -14.72 7.59 2.49
C GLY A 43 -14.08 8.96 2.43
N THR A 44 -13.19 9.25 3.36
CA THR A 44 -12.53 10.54 3.40
C THR A 44 -11.02 10.41 3.30
N LEU A 45 -10.36 11.55 3.07
CA LEU A 45 -8.92 11.61 2.96
C LEU A 45 -8.25 11.17 4.26
N LYS A 46 -8.86 11.53 5.38
CA LYS A 46 -8.32 11.17 6.68
C LYS A 46 -8.29 9.65 6.84
N THR A 47 -9.44 9.02 6.64
CA THR A 47 -9.53 7.57 6.76
C THR A 47 -8.60 6.87 5.77
N MET A 48 -8.56 7.39 4.56
CA MET A 48 -7.71 6.85 3.51
C MET A 48 -6.24 6.91 3.91
N LEU A 49 -5.78 8.09 4.30
CA LEU A 49 -4.39 8.27 4.70
C LEU A 49 -4.07 7.46 5.97
N GLU A 50 -5.04 7.36 6.86
CA GLU A 50 -4.88 6.60 8.09
C GLU A 50 -4.57 5.14 7.75
N ARG A 51 -5.32 4.60 6.80
CA ARG A 51 -5.13 3.22 6.37
C ARG A 51 -3.76 3.05 5.74
N TRP A 52 -3.39 3.99 4.87
CA TRP A 52 -2.10 3.97 4.20
C TRP A 52 -0.97 3.94 5.21
N ALA A 53 -1.04 4.85 6.18
CA ALA A 53 -0.02 4.96 7.21
C ALA A 53 -0.03 3.74 8.13
N ALA A 54 -1.20 3.37 8.64
CA ALA A 54 -1.33 2.25 9.56
C ALA A 54 -0.82 0.95 8.95
N ASP A 55 -1.20 0.67 7.70
CA ASP A 55 -0.79 -0.56 7.04
C ASP A 55 0.73 -0.60 6.84
N SER A 56 1.31 0.58 6.58
CA SER A 56 2.75 0.67 6.36
C SER A 56 3.51 0.94 7.66
N ASN A 57 2.77 0.93 8.77
CA ASN A 57 3.35 1.18 10.10
C ASN A 57 4.01 2.55 10.17
N MET A 58 3.34 3.53 9.60
CA MET A 58 3.84 4.90 9.58
C MET A 58 2.86 5.81 10.31
N GLN A 59 3.25 7.06 10.49
CA GLN A 59 2.39 8.03 11.20
C GLN A 59 1.76 9.00 10.20
N LEU A 60 0.69 9.66 10.63
CA LEU A 60 -0.01 10.61 9.78
C LEU A 60 -0.28 11.92 10.53
N SER A 61 0.00 13.01 9.86
CA SER A 61 -0.21 14.33 10.41
C SER A 61 -1.22 15.09 9.57
N TYR A 62 -2.47 15.07 10.00
CA TYR A 62 -3.53 15.76 9.29
C TYR A 62 -3.66 17.17 9.85
N ASN A 63 -3.05 18.13 9.16
CA ASN A 63 -3.09 19.52 9.61
C ASN A 63 -4.00 20.34 8.72
N LEU A 64 -5.20 19.82 8.49
CA LEU A 64 -6.19 20.48 7.69
C LEU A 64 -7.31 20.99 8.59
N PRO A 65 -8.02 22.04 8.15
CA PRO A 65 -9.12 22.62 8.93
C PRO A 65 -10.24 21.61 9.21
N SER A 66 -10.53 20.77 8.22
CA SER A 66 -11.57 19.75 8.35
C SER A 66 -11.25 18.55 7.46
N ASP A 67 -11.99 17.46 7.63
CA ASP A 67 -11.79 16.28 6.82
C ASP A 67 -12.44 16.47 5.46
N TYR A 68 -11.80 15.94 4.42
CA TYR A 68 -12.31 16.07 3.07
C TYR A 68 -12.56 14.71 2.45
N THR A 69 -13.67 14.59 1.74
CA THR A 69 -14.03 13.34 1.08
C THR A 69 -13.29 13.21 -0.24
N LEU A 70 -13.16 12.00 -0.75
CA LEU A 70 -12.49 11.77 -2.03
C LEU A 70 -13.25 12.48 -3.15
N ILE A 71 -12.50 13.17 -4.00
CA ILE A 71 -13.10 13.91 -5.11
C ILE A 71 -13.48 13.01 -6.27
N GLY A 72 -12.74 11.92 -6.46
CA GLY A 72 -13.04 11.01 -7.55
C GLY A 72 -11.81 10.38 -8.19
N PRO A 73 -10.92 11.19 -8.82
CA PRO A 73 -9.71 10.68 -9.48
C PRO A 73 -8.66 10.13 -8.50
N VAL A 74 -9.01 10.05 -7.23
CA VAL A 74 -8.10 9.55 -6.21
C VAL A 74 -8.01 8.03 -6.29
N SER A 75 -9.15 7.40 -6.56
CA SER A 75 -9.20 5.94 -6.67
C SER A 75 -8.43 5.46 -7.90
N ALA A 76 -8.13 6.38 -8.81
CA ALA A 76 -7.40 6.05 -10.03
C ALA A 76 -5.91 5.96 -9.73
N ILE A 77 -5.53 6.37 -8.53
CA ILE A 77 -4.14 6.35 -8.10
C ILE A 77 -3.88 5.06 -7.33
N SER A 78 -3.06 4.20 -7.90
CA SER A 78 -2.74 2.93 -7.28
C SER A 78 -1.25 2.61 -7.45
N THR A 79 -0.46 2.98 -6.44
CA THR A 79 0.97 2.73 -6.46
C THR A 79 1.42 2.09 -5.15
N THR A 80 2.53 1.37 -5.20
CA THR A 80 3.07 0.73 -4.00
C THR A 80 4.06 1.64 -3.28
N SER A 81 4.35 2.77 -3.90
CA SER A 81 5.28 3.73 -3.32
C SER A 81 4.48 4.87 -2.68
N VAL A 82 4.58 5.00 -1.38
CA VAL A 82 3.85 6.03 -0.65
C VAL A 82 4.29 7.43 -1.09
N GLN A 83 5.54 7.55 -1.49
CA GLN A 83 6.06 8.84 -1.95
C GLN A 83 5.41 9.20 -3.28
N GLN A 84 5.25 8.20 -4.14
CA GLN A 84 4.61 8.41 -5.43
C GLN A 84 3.14 8.75 -5.23
N ALA A 85 2.54 8.07 -4.26
CA ALA A 85 1.13 8.28 -3.92
C ALA A 85 0.92 9.73 -3.51
N ALA A 86 1.74 10.22 -2.60
CA ALA A 86 1.66 11.59 -2.12
C ALA A 86 1.89 12.56 -3.27
N THR A 87 2.76 12.15 -4.20
CA THR A 87 3.08 12.96 -5.37
C THR A 87 1.85 13.13 -6.26
N GLU A 88 1.20 12.01 -6.57
CA GLU A 88 0.00 12.02 -7.40
C GLU A 88 -1.14 12.73 -6.67
N LEU A 89 -1.29 12.41 -5.38
CA LEU A 89 -2.32 13.00 -4.55
C LEU A 89 -2.25 14.53 -4.59
N SER A 90 -1.08 15.07 -4.29
CA SER A 90 -0.87 16.51 -4.29
C SER A 90 -1.10 17.11 -5.67
N ALA A 91 -0.74 16.38 -6.71
CA ALA A 91 -0.90 16.86 -8.08
C ALA A 91 -2.37 17.13 -8.40
N VAL A 92 -3.24 16.29 -7.87
CA VAL A 92 -4.68 16.43 -8.08
C VAL A 92 -5.30 17.36 -7.02
N TYR A 93 -4.98 17.08 -5.77
CA TYR A 93 -5.50 17.82 -4.62
C TYR A 93 -5.11 19.30 -4.61
N ALA A 94 -4.02 19.63 -5.28
CA ALA A 94 -3.55 21.01 -5.36
C ALA A 94 -4.65 21.93 -5.89
N ALA A 95 -5.60 21.35 -6.61
CA ALA A 95 -6.71 22.10 -7.16
C ALA A 95 -7.65 22.56 -6.04
N GLN A 96 -7.83 21.70 -5.06
CA GLN A 96 -8.70 21.99 -3.93
C GLN A 96 -7.94 22.76 -2.86
N GLY A 97 -6.62 22.64 -2.88
CA GLY A 97 -5.79 23.34 -1.92
C GLY A 97 -5.20 22.43 -0.86
N VAL A 98 -4.95 21.19 -1.23
CA VAL A 98 -4.38 20.22 -0.30
C VAL A 98 -3.11 19.61 -0.87
N SER A 99 -2.08 19.51 -0.04
CA SER A 99 -0.82 18.93 -0.45
C SER A 99 -0.36 17.90 0.59
N VAL A 100 0.04 16.73 0.11
CA VAL A 100 0.46 15.65 0.99
C VAL A 100 1.88 15.20 0.65
N SER A 101 2.66 14.90 1.67
CA SER A 101 4.03 14.46 1.47
C SER A 101 4.42 13.44 2.53
N VAL A 102 5.50 12.71 2.28
CA VAL A 102 5.96 11.69 3.22
C VAL A 102 7.36 12.05 3.70
N SER A 103 7.55 12.09 5.01
CA SER A 103 8.84 12.42 5.57
C SER A 103 9.10 11.64 6.85
N ALA A 104 10.17 10.83 6.84
CA ALA A 104 10.57 10.02 8.00
C ALA A 104 9.47 9.07 8.45
N ASN A 105 8.90 8.34 7.48
CA ASN A 105 7.84 7.38 7.76
C ASN A 105 6.63 8.06 8.39
N LYS A 106 6.35 9.26 7.91
CA LYS A 106 5.22 10.02 8.41
C LYS A 106 4.61 10.83 7.28
N LEU A 107 3.30 10.83 7.20
CA LEU A 107 2.60 11.56 6.16
C LEU A 107 2.24 12.95 6.66
N LEU A 108 2.69 13.96 5.93
CA LEU A 108 2.43 15.34 6.29
C LEU A 108 1.39 15.95 5.35
N VAL A 109 0.25 16.32 5.91
CA VAL A 109 -0.81 16.93 5.13
C VAL A 109 -0.87 18.43 5.41
N GLN A 110 -0.67 19.22 4.38
CA GLN A 110 -0.67 20.67 4.53
C GLN A 110 -1.49 21.34 3.43
N PRO A 111 -2.28 22.37 3.78
CA PRO A 111 -3.08 23.09 2.79
C PRO A 111 -2.23 24.10 2.02
N VAL A 112 -2.47 24.22 0.73
CA VAL A 112 -1.72 25.16 -0.10
C VAL A 112 -2.59 26.35 -0.51
N PRO A 113 -1.99 27.54 -0.62
CA PRO A 113 -2.71 28.76 -0.99
C PRO A 113 -2.94 28.84 -2.50
N VAL A 114 -4.06 28.28 -2.94
CA VAL A 114 -4.42 28.25 -4.35
C VAL A 114 -5.88 28.65 -4.53
N SER A 115 -6.33 28.72 -5.77
CA SER A 115 -7.71 29.09 -6.06
C SER A 115 -8.16 28.53 -7.41
N SER A 116 -9.38 28.01 -7.46
CA SER A 116 -9.93 27.46 -8.69
C SER A 116 -10.64 28.55 -9.50
N GLY A 117 -10.93 29.66 -8.84
CA GLY A 117 -11.59 30.76 -9.52
C GLY A 117 -12.35 31.65 -8.55
N ALA A 118 -13.40 31.10 -7.96
CA ALA A 118 -14.22 31.84 -7.01
C ALA A 118 -14.80 30.89 -5.96
N LYS A 119 -15.43 29.83 -6.43
CA LYS A 119 -16.05 28.85 -5.53
C LYS A 119 -15.09 27.68 -5.30
N LEU A 120 -15.31 26.96 -4.20
CA LEU A 120 -14.49 25.81 -3.85
C LEU A 120 -15.33 24.78 -3.10
N GLY A 1 -1.94 -53.78 43.49
CA GLY A 1 -1.74 -52.85 42.35
C GLY A 1 -0.85 -53.45 41.29
N SER A 2 -1.43 -53.95 40.22
CA SER A 2 -0.66 -54.55 39.15
C SER A 2 -0.19 -53.46 38.18
N HIS A 3 1.03 -52.98 38.39
CA HIS A 3 1.59 -51.94 37.55
C HIS A 3 2.56 -52.55 36.54
N MET A 4 2.02 -53.27 35.58
CA MET A 4 2.83 -53.91 34.55
C MET A 4 2.88 -53.05 33.31
N THR A 5 3.80 -52.10 33.30
CA THR A 5 3.97 -51.21 32.17
C THR A 5 4.55 -51.93 30.96
N LYS A 6 3.90 -51.74 29.81
CA LYS A 6 4.34 -52.38 28.59
C LYS A 6 4.52 -51.33 27.51
N PRO A 7 5.73 -50.77 27.38
CA PRO A 7 6.03 -49.75 26.38
C PRO A 7 6.00 -50.31 24.97
N ALA A 8 5.01 -49.91 24.20
CA ALA A 8 4.87 -50.36 22.83
C ALA A 8 5.98 -49.77 21.97
N PRO A 9 6.42 -50.51 20.94
CA PRO A 9 7.48 -50.06 20.05
C PRO A 9 7.10 -48.79 19.29
N ASP A 10 7.75 -47.68 19.62
CA ASP A 10 7.48 -46.41 18.98
C ASP A 10 8.11 -46.36 17.60
N PHE A 11 9.15 -47.15 17.41
CA PHE A 11 9.85 -47.21 16.14
C PHE A 11 9.05 -48.06 15.15
N GLY A 12 7.98 -47.49 14.64
CA GLY A 12 7.15 -48.20 13.69
C GLY A 12 6.14 -47.29 13.04
N GLY A 13 6.33 -47.00 11.76
CA GLY A 13 5.42 -46.14 11.03
C GLY A 13 5.44 -44.71 11.54
N ARG A 14 6.60 -44.30 12.05
CA ARG A 14 6.77 -42.95 12.58
C ARG A 14 7.53 -42.07 11.60
N TRP A 15 8.53 -42.66 10.96
CA TRP A 15 9.36 -41.92 10.01
C TRP A 15 8.66 -41.78 8.66
N LYS A 16 7.44 -42.27 8.59
CA LYS A 16 6.66 -42.19 7.37
C LYS A 16 5.79 -40.94 7.37
N HIS A 17 5.86 -40.17 8.45
CA HIS A 17 5.07 -38.95 8.57
C HIS A 17 5.57 -37.92 7.57
N VAL A 18 4.65 -37.16 6.99
CA VAL A 18 4.99 -36.14 6.01
C VAL A 18 4.03 -34.95 6.11
N ASN A 19 4.48 -33.80 5.61
CA ASN A 19 3.66 -32.60 5.64
C ASN A 19 3.17 -32.26 4.24
N HIS A 20 3.83 -32.83 3.23
CA HIS A 20 3.47 -32.62 1.84
C HIS A 20 3.84 -33.84 1.02
N PHE A 21 2.93 -34.28 0.15
CA PHE A 21 3.18 -35.46 -0.68
C PHE A 21 3.93 -35.08 -1.95
N ASP A 22 3.68 -33.88 -2.45
CA ASP A 22 4.33 -33.40 -3.66
C ASP A 22 5.08 -32.11 -3.37
N GLU A 23 6.40 -32.16 -3.51
CA GLU A 23 7.22 -30.99 -3.26
C GLU A 23 7.95 -30.58 -4.52
N ALA A 24 8.29 -29.31 -4.60
CA ALA A 24 9.00 -28.78 -5.73
C ALA A 24 9.57 -27.41 -5.40
N PRO A 25 10.72 -27.05 -5.97
CA PRO A 25 11.36 -25.75 -5.72
C PRO A 25 10.50 -24.58 -6.18
N THR A 26 9.70 -24.05 -5.28
CA THR A 26 8.81 -22.94 -5.59
C THR A 26 9.55 -21.62 -5.50
N GLU A 27 10.06 -21.16 -6.63
CA GLU A 27 10.78 -19.91 -6.71
C GLU A 27 9.95 -18.85 -7.41
N ILE A 28 9.24 -18.06 -6.63
CA ILE A 28 8.40 -17.01 -7.17
C ILE A 28 8.81 -15.64 -6.62
N PRO A 29 9.37 -14.78 -7.49
CA PRO A 29 9.81 -13.45 -7.07
C PRO A 29 8.63 -12.54 -6.75
N LEU A 30 8.37 -12.37 -5.46
CA LEU A 30 7.27 -11.53 -5.02
C LEU A 30 7.69 -10.75 -3.78
N TYR A 31 7.84 -9.45 -3.94
CA TYR A 31 8.26 -8.59 -2.84
C TYR A 31 7.04 -7.92 -2.22
N THR A 32 7.03 -7.81 -0.90
CA THR A 32 5.93 -7.19 -0.19
C THR A 32 5.85 -5.71 -0.51
N SER A 33 4.71 -5.28 -1.02
CA SER A 33 4.50 -3.90 -1.36
C SER A 33 3.02 -3.56 -1.34
N TYR A 34 2.58 -2.88 -0.29
CA TYR A 34 1.19 -2.50 -0.16
C TYR A 34 0.85 -1.37 -1.13
N THR A 35 -0.17 -1.60 -1.96
CA THR A 35 -0.59 -0.61 -2.93
C THR A 35 -1.40 0.49 -2.26
N TYR A 36 -0.96 1.73 -2.41
CA TYR A 36 -1.64 2.87 -1.82
C TYR A 36 -2.63 3.44 -2.81
N GLN A 37 -3.91 3.40 -2.45
CA GLN A 37 -4.98 3.90 -3.30
C GLN A 37 -6.21 4.22 -2.49
N ALA A 38 -7.14 4.94 -3.08
CA ALA A 38 -8.38 5.28 -2.42
C ALA A 38 -9.30 4.06 -2.49
N THR A 39 -9.76 3.61 -1.33
CA THR A 39 -10.61 2.44 -1.26
C THR A 39 -12.05 2.85 -1.00
N PRO A 40 -13.03 1.96 -1.23
CA PRO A 40 -14.43 2.26 -0.98
C PRO A 40 -14.80 2.12 0.51
N MET A 41 -13.78 2.01 1.36
CA MET A 41 -14.00 1.84 2.79
C MET A 41 -13.54 3.05 3.61
N ASP A 42 -12.69 3.89 3.03
CA ASP A 42 -12.19 5.07 3.76
C ASP A 42 -13.29 6.09 4.00
N GLY A 43 -13.84 6.63 2.93
CA GLY A 43 -14.88 7.62 3.05
C GLY A 43 -14.35 9.04 2.94
N THR A 44 -13.29 9.35 3.69
CA THR A 44 -12.70 10.68 3.64
C THR A 44 -11.20 10.58 3.45
N LEU A 45 -10.57 11.72 3.16
CA LEU A 45 -9.14 11.79 2.95
C LEU A 45 -8.36 11.28 4.17
N LYS A 46 -8.80 11.70 5.35
CA LYS A 46 -8.16 11.28 6.59
C LYS A 46 -8.20 9.77 6.74
N THR A 47 -9.39 9.20 6.64
CA THR A 47 -9.57 7.75 6.78
C THR A 47 -8.75 6.98 5.74
N MET A 48 -8.60 7.57 4.56
CA MET A 48 -7.84 6.93 3.49
C MET A 48 -6.36 6.92 3.84
N LEU A 49 -5.85 8.08 4.24
CA LEU A 49 -4.45 8.22 4.61
C LEU A 49 -4.15 7.40 5.86
N GLU A 50 -5.13 7.30 6.76
CA GLU A 50 -4.96 6.52 7.98
C GLU A 50 -4.71 5.07 7.63
N ARG A 51 -5.42 4.57 6.62
CA ARG A 51 -5.26 3.20 6.17
C ARG A 51 -3.87 3.00 5.58
N TRP A 52 -3.43 3.98 4.80
CA TRP A 52 -2.12 3.94 4.18
C TRP A 52 -1.03 3.92 5.25
N ALA A 53 -1.10 4.86 6.17
CA ALA A 53 -0.14 4.98 7.25
C ALA A 53 -0.17 3.76 8.17
N ALA A 54 -1.36 3.29 8.53
CA ALA A 54 -1.50 2.14 9.42
C ALA A 54 -0.88 0.88 8.80
N ASP A 55 -1.20 0.62 7.55
CA ASP A 55 -0.69 -0.57 6.87
C ASP A 55 0.81 -0.43 6.57
N SER A 56 1.29 0.80 6.57
CA SER A 56 2.69 1.06 6.30
C SER A 56 3.46 1.23 7.61
N ASN A 57 2.74 1.15 8.72
CA ASN A 57 3.34 1.32 10.06
C ASN A 57 3.96 2.69 10.19
N MET A 58 3.27 3.69 9.66
CA MET A 58 3.74 5.06 9.69
C MET A 58 2.74 5.96 10.43
N GLN A 59 3.15 7.17 10.73
CA GLN A 59 2.29 8.11 11.41
C GLN A 59 1.65 9.07 10.41
N LEU A 60 0.56 9.71 10.81
CA LEU A 60 -0.14 10.64 9.95
C LEU A 60 -0.38 11.96 10.66
N SER A 61 -0.10 13.05 9.97
CA SER A 61 -0.28 14.38 10.51
C SER A 61 -1.25 15.16 9.63
N TYR A 62 -2.51 15.19 10.04
CA TYR A 62 -3.56 15.89 9.31
C TYR A 62 -3.56 17.37 9.72
N ASN A 63 -2.92 18.21 8.90
CA ASN A 63 -2.84 19.63 9.19
C ASN A 63 -3.87 20.40 8.37
N LEU A 64 -5.04 19.80 8.20
CA LEU A 64 -6.10 20.44 7.45
C LEU A 64 -7.15 21.00 8.41
N PRO A 65 -7.84 22.07 7.99
CA PRO A 65 -8.87 22.71 8.83
C PRO A 65 -10.07 21.79 9.09
N SER A 66 -10.42 20.97 8.11
CA SER A 66 -11.56 20.06 8.24
C SER A 66 -11.32 18.78 7.45
N ASP A 67 -12.22 17.82 7.62
CA ASP A 67 -12.12 16.54 6.93
C ASP A 67 -12.72 16.67 5.55
N TYR A 68 -12.00 16.22 4.52
CA TYR A 68 -12.50 16.32 3.16
C TYR A 68 -12.75 14.95 2.56
N THR A 69 -13.71 14.88 1.66
CA THR A 69 -14.06 13.64 0.98
C THR A 69 -13.24 13.49 -0.30
N LEU A 70 -13.30 12.31 -0.90
CA LEU A 70 -12.57 12.08 -2.14
C LEU A 70 -13.30 12.80 -3.28
N ILE A 71 -12.55 13.57 -4.06
CA ILE A 71 -13.15 14.31 -5.17
C ILE A 71 -13.65 13.39 -6.28
N GLY A 72 -13.03 12.23 -6.41
CA GLY A 72 -13.43 11.29 -7.43
C GLY A 72 -12.27 10.50 -8.01
N PRO A 73 -11.39 11.14 -8.80
CA PRO A 73 -10.22 10.49 -9.43
C PRO A 73 -9.18 10.01 -8.42
N VAL A 74 -9.49 10.14 -7.14
CA VAL A 74 -8.57 9.72 -6.08
C VAL A 74 -8.44 8.20 -6.09
N SER A 75 -9.54 7.51 -6.32
CA SER A 75 -9.55 6.05 -6.37
C SER A 75 -8.78 5.53 -7.58
N ALA A 76 -8.44 6.43 -8.50
CA ALA A 76 -7.71 6.06 -9.69
C ALA A 76 -6.20 6.13 -9.44
N ILE A 77 -5.83 6.64 -8.27
CA ILE A 77 -4.43 6.76 -7.90
C ILE A 77 -4.01 5.53 -7.12
N SER A 78 -3.21 4.68 -7.74
CA SER A 78 -2.77 3.45 -7.09
C SER A 78 -1.32 3.12 -7.42
N THR A 79 -0.43 3.36 -6.46
CA THR A 79 0.99 3.07 -6.64
C THR A 79 1.51 2.32 -5.41
N THR A 80 2.60 1.58 -5.58
CA THR A 80 3.18 0.83 -4.47
C THR A 80 4.16 1.67 -3.66
N SER A 81 4.52 2.83 -4.20
CA SER A 81 5.45 3.72 -3.52
C SER A 81 4.68 4.82 -2.78
N VAL A 82 4.82 4.87 -1.47
CA VAL A 82 4.13 5.88 -0.66
C VAL A 82 4.53 7.29 -1.05
N GLN A 83 5.78 7.45 -1.46
CA GLN A 83 6.29 8.76 -1.88
C GLN A 83 5.59 9.19 -3.16
N GLN A 84 5.44 8.26 -4.09
CA GLN A 84 4.78 8.53 -5.35
C GLN A 84 3.30 8.81 -5.10
N ALA A 85 2.71 8.04 -4.20
CA ALA A 85 1.31 8.20 -3.84
C ALA A 85 1.04 9.63 -3.40
N ALA A 86 1.91 10.14 -2.54
CA ALA A 86 1.80 11.51 -2.05
C ALA A 86 1.99 12.50 -3.19
N THR A 87 2.87 12.15 -4.11
CA THR A 87 3.17 12.99 -5.27
C THR A 87 1.95 13.10 -6.18
N GLU A 88 1.37 11.94 -6.53
CA GLU A 88 0.20 11.89 -7.40
C GLU A 88 -1.02 12.52 -6.73
N LEU A 89 -1.24 12.21 -5.46
CA LEU A 89 -2.37 12.76 -4.73
C LEU A 89 -2.29 14.29 -4.72
N SER A 90 -1.10 14.81 -4.41
CA SER A 90 -0.88 16.25 -4.37
C SER A 90 -1.10 16.88 -5.74
N ALA A 91 -0.83 16.14 -6.80
CA ALA A 91 -0.99 16.66 -8.15
C ALA A 91 -2.46 16.97 -8.43
N VAL A 92 -3.34 16.11 -7.94
CA VAL A 92 -4.77 16.28 -8.14
C VAL A 92 -5.37 17.16 -7.04
N TYR A 93 -4.82 17.04 -5.85
CA TYR A 93 -5.31 17.76 -4.68
C TYR A 93 -4.82 19.21 -4.61
N ALA A 94 -3.70 19.50 -5.27
CA ALA A 94 -3.13 20.86 -5.27
C ALA A 94 -4.17 21.91 -5.62
N ALA A 95 -5.01 21.63 -6.60
CA ALA A 95 -6.05 22.57 -7.03
C ALA A 95 -7.14 22.68 -5.97
N GLN A 96 -7.25 21.67 -5.13
CA GLN A 96 -8.26 21.65 -4.07
C GLN A 96 -7.73 22.34 -2.81
N GLY A 97 -6.43 22.57 -2.79
CA GLY A 97 -5.81 23.22 -1.64
C GLY A 97 -5.21 22.23 -0.67
N VAL A 98 -4.97 21.01 -1.14
CA VAL A 98 -4.41 19.97 -0.30
C VAL A 98 -3.12 19.41 -0.90
N SER A 99 -2.13 19.21 -0.07
CA SER A 99 -0.85 18.65 -0.50
C SER A 99 -0.36 17.64 0.52
N VAL A 100 -0.14 16.42 0.08
CA VAL A 100 0.31 15.34 0.96
C VAL A 100 1.77 15.01 0.69
N SER A 101 2.51 14.76 1.75
CA SER A 101 3.92 14.42 1.62
C SER A 101 4.35 13.51 2.76
N VAL A 102 5.23 12.57 2.47
CA VAL A 102 5.72 11.64 3.47
C VAL A 102 7.14 12.01 3.85
N SER A 103 7.35 12.27 5.14
CA SER A 103 8.66 12.64 5.63
C SER A 103 8.93 11.97 6.97
N ALA A 104 10.04 11.24 7.04
CA ALA A 104 10.44 10.54 8.27
C ALA A 104 9.41 9.47 8.65
N ASN A 105 8.99 8.69 7.65
CA ASN A 105 8.00 7.62 7.84
C ASN A 105 6.74 8.18 8.49
N LYS A 106 6.36 9.36 8.04
CA LYS A 106 5.19 10.04 8.54
C LYS A 106 4.51 10.76 7.39
N LEU A 107 3.22 10.54 7.24
CA LEU A 107 2.47 11.18 6.19
C LEU A 107 1.95 12.51 6.68
N LEU A 108 2.30 13.58 5.99
CA LEU A 108 1.89 14.89 6.39
C LEU A 108 0.96 15.50 5.36
N VAL A 109 -0.12 16.07 5.82
CA VAL A 109 -1.08 16.72 4.96
C VAL A 109 -1.01 18.22 5.21
N GLN A 110 -0.66 18.98 4.18
CA GLN A 110 -0.55 20.42 4.33
C GLN A 110 -1.39 21.14 3.30
N PRO A 111 -2.13 22.18 3.71
CA PRO A 111 -2.96 22.95 2.81
C PRO A 111 -2.14 23.96 2.01
N VAL A 112 -2.40 24.03 0.72
CA VAL A 112 -1.68 24.96 -0.15
C VAL A 112 -2.58 26.14 -0.53
N PRO A 113 -1.98 27.33 -0.71
CA PRO A 113 -2.73 28.53 -1.07
C PRO A 113 -3.10 28.58 -2.55
N VAL A 114 -4.30 28.11 -2.87
CA VAL A 114 -4.79 28.09 -4.24
C VAL A 114 -6.23 28.59 -4.31
N SER A 115 -6.57 29.50 -3.42
CA SER A 115 -7.91 30.05 -3.39
C SER A 115 -7.87 31.55 -3.69
N SER A 116 -6.99 31.94 -4.59
CA SER A 116 -6.86 33.34 -4.97
C SER A 116 -7.97 33.74 -5.95
N GLY A 117 -8.42 32.77 -6.73
CA GLY A 117 -9.47 33.02 -7.71
C GLY A 117 -10.77 32.34 -7.32
N ALA A 118 -10.68 31.07 -6.96
CA ALA A 118 -11.85 30.31 -6.56
C ALA A 118 -12.11 30.45 -5.06
N LYS A 119 -13.23 29.94 -4.60
CA LYS A 119 -13.57 30.02 -3.18
C LYS A 119 -14.65 29.00 -2.83
N LEU A 120 -14.44 28.28 -1.73
CA LEU A 120 -15.39 27.27 -1.28
C LEU A 120 -16.67 27.94 -0.80
N GLY A 1 38.13 -62.35 4.18
CA GLY A 1 36.88 -63.13 4.14
C GLY A 1 35.70 -62.28 3.71
N SER A 2 34.71 -62.93 3.10
CA SER A 2 33.52 -62.23 2.62
C SER A 2 32.66 -61.73 3.78
N HIS A 3 31.99 -60.61 3.58
CA HIS A 3 31.14 -60.03 4.60
C HIS A 3 29.74 -59.80 4.07
N MET A 4 28.78 -59.72 4.98
CA MET A 4 27.38 -59.50 4.59
C MET A 4 27.11 -58.01 4.47
N THR A 5 27.68 -57.39 3.44
CA THR A 5 27.51 -55.97 3.20
C THR A 5 28.15 -55.59 1.87
N LYS A 6 27.60 -54.57 1.21
CA LYS A 6 28.13 -54.13 -0.08
C LYS A 6 28.14 -52.61 -0.16
N PRO A 7 29.30 -52.02 -0.47
CA PRO A 7 29.44 -50.56 -0.60
C PRO A 7 28.87 -50.05 -1.92
N ALA A 8 28.72 -48.72 -2.01
CA ALA A 8 28.20 -48.05 -3.21
C ALA A 8 26.72 -48.38 -3.42
N PRO A 9 25.99 -47.52 -4.15
CA PRO A 9 24.56 -47.72 -4.42
C PRO A 9 24.32 -48.74 -5.54
N ASP A 10 24.86 -49.94 -5.36
CA ASP A 10 24.72 -51.01 -6.34
C ASP A 10 23.30 -51.54 -6.37
N PHE A 11 22.72 -51.71 -5.19
CA PHE A 11 21.37 -52.22 -5.06
C PHE A 11 20.34 -51.13 -5.36
N GLY A 12 20.84 -49.91 -5.59
CA GLY A 12 19.96 -48.80 -5.89
C GLY A 12 19.87 -47.83 -4.73
N GLY A 13 18.66 -47.54 -4.29
CA GLY A 13 18.48 -46.64 -3.18
C GLY A 13 18.32 -45.20 -3.62
N ARG A 14 18.16 -44.98 -4.91
CA ARG A 14 17.99 -43.63 -5.44
C ARG A 14 16.59 -43.14 -5.16
N TRP A 15 15.64 -44.06 -5.10
CA TRP A 15 14.25 -43.72 -4.85
C TRP A 15 14.06 -43.31 -3.38
N LYS A 16 14.84 -43.93 -2.50
CA LYS A 16 14.76 -43.62 -1.07
C LYS A 16 15.64 -42.42 -0.72
N HIS A 17 16.44 -41.97 -1.69
CA HIS A 17 17.32 -40.83 -1.47
C HIS A 17 16.54 -39.54 -1.67
N VAL A 18 15.88 -39.09 -0.61
CA VAL A 18 15.10 -37.88 -0.65
C VAL A 18 15.41 -37.01 0.56
N ASN A 19 15.08 -35.74 0.48
CA ASN A 19 15.31 -34.81 1.57
C ASN A 19 14.05 -34.63 2.40
N HIS A 20 14.15 -34.82 3.69
CA HIS A 20 13.00 -34.68 4.58
C HIS A 20 12.88 -33.23 5.05
N PHE A 21 12.73 -32.32 4.10
CA PHE A 21 12.60 -30.91 4.40
C PHE A 21 11.50 -30.30 3.54
N ASP A 22 10.45 -29.84 4.19
CA ASP A 22 9.32 -29.25 3.49
C ASP A 22 9.60 -27.79 3.17
N GLU A 23 10.04 -27.53 1.96
CA GLU A 23 10.37 -26.20 1.52
C GLU A 23 10.12 -26.06 0.02
N ALA A 24 10.03 -24.83 -0.46
CA ALA A 24 9.80 -24.59 -1.87
C ALA A 24 11.10 -24.79 -2.66
N PRO A 25 10.99 -25.35 -3.87
CA PRO A 25 12.16 -25.58 -4.72
C PRO A 25 12.77 -24.27 -5.19
N THR A 26 11.91 -23.28 -5.41
CA THR A 26 12.36 -21.97 -5.85
C THR A 26 12.02 -20.92 -4.79
N GLU A 27 12.89 -20.82 -3.80
CA GLU A 27 12.71 -19.87 -2.70
C GLU A 27 12.86 -18.44 -3.19
N ILE A 28 11.76 -17.71 -3.22
CA ILE A 28 11.76 -16.33 -3.63
C ILE A 28 11.44 -15.43 -2.45
N PRO A 29 12.16 -14.31 -2.30
CA PRO A 29 11.94 -13.36 -1.21
C PRO A 29 10.56 -12.71 -1.29
N LEU A 30 9.99 -12.35 -0.16
CA LEU A 30 8.69 -11.71 -0.12
C LEU A 30 8.81 -10.27 0.35
N TYR A 31 9.22 -9.41 -0.55
CA TYR A 31 9.36 -7.99 -0.26
C TYR A 31 8.00 -7.33 -0.19
N THR A 32 7.73 -6.66 0.92
CA THR A 32 6.46 -6.00 1.13
C THR A 32 6.28 -4.82 0.17
N SER A 33 5.25 -4.89 -0.67
CA SER A 33 4.96 -3.85 -1.62
C SER A 33 3.45 -3.68 -1.74
N TYR A 34 2.88 -3.01 -0.75
CA TYR A 34 1.45 -2.76 -0.69
C TYR A 34 1.04 -1.67 -1.67
N THR A 35 -0.05 -1.91 -2.39
CA THR A 35 -0.55 -0.95 -3.34
C THR A 35 -1.48 0.05 -2.67
N TYR A 36 -1.10 1.31 -2.68
CA TYR A 36 -1.89 2.36 -2.07
C TYR A 36 -2.96 2.81 -3.05
N GLN A 37 -4.21 2.74 -2.62
CA GLN A 37 -5.35 3.12 -3.45
C GLN A 37 -6.52 3.51 -2.57
N ALA A 38 -7.35 4.42 -3.07
CA ALA A 38 -8.52 4.87 -2.33
C ALA A 38 -9.69 3.93 -2.56
N THR A 39 -10.32 3.49 -1.48
CA THR A 39 -11.45 2.59 -1.57
C THR A 39 -12.74 3.34 -1.23
N PRO A 40 -13.89 2.88 -1.76
CA PRO A 40 -15.17 3.51 -1.48
C PRO A 40 -15.64 3.24 -0.04
N MET A 41 -14.77 2.62 0.75
CA MET A 41 -15.06 2.30 2.13
C MET A 41 -14.30 3.23 3.07
N ASP A 42 -13.33 3.96 2.51
CA ASP A 42 -12.53 4.89 3.31
C ASP A 42 -13.36 6.06 3.79
N GLY A 43 -14.04 6.70 2.85
CA GLY A 43 -14.88 7.82 3.20
C GLY A 43 -14.20 9.16 2.97
N THR A 44 -13.19 9.46 3.78
CA THR A 44 -12.50 10.73 3.65
C THR A 44 -11.00 10.56 3.50
N LEU A 45 -10.34 11.66 3.18
CA LEU A 45 -8.90 11.71 3.00
C LEU A 45 -8.18 11.23 4.26
N LYS A 46 -8.67 11.68 5.42
CA LYS A 46 -8.09 11.30 6.70
C LYS A 46 -8.14 9.79 6.90
N THR A 47 -9.33 9.21 6.74
CA THR A 47 -9.53 7.78 6.90
C THR A 47 -8.66 6.99 5.94
N MET A 48 -8.59 7.45 4.69
CA MET A 48 -7.81 6.80 3.65
C MET A 48 -6.32 6.83 4.00
N LEU A 49 -5.81 8.02 4.30
CA LEU A 49 -4.39 8.17 4.63
C LEU A 49 -4.03 7.39 5.89
N GLU A 50 -4.95 7.36 6.85
CA GLU A 50 -4.73 6.63 8.09
C GLU A 50 -4.51 5.16 7.79
N ARG A 51 -5.33 4.62 6.89
CA ARG A 51 -5.23 3.22 6.50
C ARG A 51 -3.92 2.97 5.77
N TRP A 52 -3.54 3.89 4.90
CA TRP A 52 -2.30 3.79 4.14
C TRP A 52 -1.10 3.76 5.08
N ALA A 53 -1.05 4.71 6.00
CA ALA A 53 0.04 4.82 6.95
C ALA A 53 0.03 3.66 7.95
N ALA A 54 -1.17 3.23 8.35
CA ALA A 54 -1.31 2.16 9.33
C ALA A 54 -0.66 0.86 8.84
N ASP A 55 -0.82 0.57 7.55
CA ASP A 55 -0.25 -0.65 6.98
C ASP A 55 1.25 -0.72 7.19
N SER A 56 1.93 0.40 7.06
CA SER A 56 3.37 0.46 7.23
C SER A 56 3.77 1.02 8.60
N ASN A 57 2.79 1.10 9.51
CA ASN A 57 3.03 1.61 10.87
C ASN A 57 3.66 3.00 10.84
N MET A 58 3.20 3.81 9.89
CA MET A 58 3.70 5.17 9.74
C MET A 58 2.78 6.15 10.46
N GLN A 59 3.19 7.40 10.52
CA GLN A 59 2.41 8.42 11.19
C GLN A 59 1.69 9.31 10.18
N LEU A 60 0.61 9.94 10.62
CA LEU A 60 -0.16 10.83 9.77
C LEU A 60 -0.37 12.16 10.46
N SER A 61 -0.12 13.22 9.74
CA SER A 61 -0.28 14.56 10.26
C SER A 61 -1.29 15.35 9.45
N TYR A 62 -2.52 15.39 9.95
CA TYR A 62 -3.59 16.10 9.27
C TYR A 62 -3.60 17.57 9.71
N ASN A 63 -3.01 18.44 8.90
CA ASN A 63 -2.97 19.86 9.22
C ASN A 63 -4.06 20.62 8.46
N LEU A 64 -5.08 19.90 8.04
CA LEU A 64 -6.19 20.51 7.33
C LEU A 64 -7.26 20.96 8.31
N PRO A 65 -7.88 22.12 8.05
CA PRO A 65 -8.92 22.68 8.93
C PRO A 65 -10.14 21.77 9.05
N SER A 66 -10.47 21.08 7.98
CA SER A 66 -11.62 20.19 7.95
C SER A 66 -11.30 18.90 7.22
N ASP A 67 -12.15 17.90 7.39
CA ASP A 67 -11.97 16.61 6.72
C ASP A 67 -12.61 16.68 5.35
N TYR A 68 -11.93 16.15 4.34
CA TYR A 68 -12.47 16.19 3.00
C TYR A 68 -12.68 14.78 2.43
N THR A 69 -13.78 14.61 1.73
CA THR A 69 -14.10 13.33 1.12
C THR A 69 -13.32 13.16 -0.18
N LEU A 70 -13.16 11.91 -0.61
CA LEU A 70 -12.42 11.62 -1.83
C LEU A 70 -13.10 12.30 -3.03
N ILE A 71 -12.34 13.14 -3.73
CA ILE A 71 -12.85 13.85 -4.89
C ILE A 71 -13.27 12.90 -6.00
N GLY A 72 -12.61 11.77 -6.09
CA GLY A 72 -12.93 10.80 -7.12
C GLY A 72 -11.72 10.13 -7.73
N PRO A 73 -10.86 10.89 -8.44
CA PRO A 73 -9.65 10.36 -9.08
C PRO A 73 -8.65 9.73 -8.11
N VAL A 74 -8.93 9.84 -6.82
CA VAL A 74 -8.06 9.28 -5.79
C VAL A 74 -8.03 7.77 -5.91
N SER A 75 -9.19 7.18 -6.21
CA SER A 75 -9.31 5.75 -6.37
C SER A 75 -8.64 5.28 -7.68
N ALA A 76 -8.20 6.22 -8.48
CA ALA A 76 -7.53 5.91 -9.74
C ALA A 76 -6.02 5.88 -9.55
N ILE A 77 -5.59 6.30 -8.38
CA ILE A 77 -4.17 6.30 -8.05
C ILE A 77 -3.81 5.00 -7.37
N SER A 78 -3.06 4.17 -8.07
CA SER A 78 -2.66 2.87 -7.53
C SER A 78 -1.16 2.65 -7.72
N THR A 79 -0.40 2.96 -6.69
CA THR A 79 1.05 2.79 -6.72
C THR A 79 1.53 2.06 -5.47
N THR A 80 2.69 1.42 -5.58
CA THR A 80 3.26 0.72 -4.45
C THR A 80 4.18 1.65 -3.67
N SER A 81 4.46 2.82 -4.23
CA SER A 81 5.32 3.79 -3.58
C SER A 81 4.47 4.82 -2.83
N VAL A 82 4.66 4.88 -1.51
CA VAL A 82 3.91 5.83 -0.69
C VAL A 82 4.28 7.27 -1.07
N GLN A 83 5.53 7.44 -1.52
CA GLN A 83 6.00 8.74 -1.94
C GLN A 83 5.32 9.15 -3.22
N GLN A 84 5.22 8.21 -4.16
CA GLN A 84 4.57 8.47 -5.44
C GLN A 84 3.10 8.78 -5.21
N ALA A 85 2.48 8.03 -4.30
CA ALA A 85 1.07 8.23 -3.97
C ALA A 85 0.83 9.66 -3.49
N ALA A 86 1.66 10.11 -2.55
CA ALA A 86 1.54 11.46 -2.02
C ALA A 86 1.77 12.48 -3.12
N THR A 87 2.69 12.18 -4.02
CA THR A 87 3.02 13.05 -5.12
C THR A 87 1.82 13.18 -6.07
N GLU A 88 1.25 12.04 -6.44
CA GLU A 88 0.10 11.99 -7.34
C GLU A 88 -1.11 12.66 -6.70
N LEU A 89 -1.31 12.42 -5.41
CA LEU A 89 -2.42 13.02 -4.68
C LEU A 89 -2.30 14.53 -4.71
N SER A 90 -1.14 15.05 -4.29
CA SER A 90 -0.91 16.49 -4.27
C SER A 90 -1.13 17.12 -5.64
N ALA A 91 -0.87 16.36 -6.69
CA ALA A 91 -1.05 16.84 -8.04
C ALA A 91 -2.51 17.15 -8.33
N VAL A 92 -3.38 16.24 -7.91
CA VAL A 92 -4.82 16.41 -8.13
C VAL A 92 -5.49 17.15 -6.97
N TYR A 93 -4.86 17.13 -5.81
CA TYR A 93 -5.39 17.78 -4.61
C TYR A 93 -5.08 19.27 -4.57
N ALA A 94 -4.02 19.68 -5.25
CA ALA A 94 -3.61 21.09 -5.29
C ALA A 94 -4.77 22.01 -5.69
N ALA A 95 -5.64 21.53 -6.57
CA ALA A 95 -6.79 22.31 -7.03
C ALA A 95 -7.77 22.59 -5.88
N GLN A 96 -7.76 21.71 -4.88
CA GLN A 96 -8.64 21.88 -3.73
C GLN A 96 -7.93 22.65 -2.63
N GLY A 97 -6.61 22.68 -2.73
CA GLY A 97 -5.80 23.37 -1.75
C GLY A 97 -5.19 22.44 -0.73
N VAL A 98 -4.92 21.21 -1.15
CA VAL A 98 -4.35 20.22 -0.25
C VAL A 98 -3.07 19.63 -0.85
N SER A 99 -2.08 19.41 0.00
CA SER A 99 -0.81 18.84 -0.43
C SER A 99 -0.36 17.79 0.59
N VAL A 100 0.02 16.63 0.11
CA VAL A 100 0.46 15.54 0.97
C VAL A 100 1.87 15.07 0.61
N SER A 101 2.67 14.78 1.62
CA SER A 101 4.04 14.33 1.40
C SER A 101 4.43 13.30 2.46
N VAL A 102 5.50 12.56 2.20
CA VAL A 102 5.99 11.56 3.13
C VAL A 102 7.37 11.94 3.60
N SER A 103 7.50 12.23 4.89
CA SER A 103 8.78 12.62 5.45
C SER A 103 9.02 11.91 6.79
N ALA A 104 10.06 11.08 6.82
CA ALA A 104 10.46 10.33 8.02
C ALA A 104 9.33 9.42 8.50
N ASN A 105 8.84 8.57 7.59
CA ASN A 105 7.77 7.62 7.90
C ASN A 105 6.54 8.33 8.46
N LYS A 106 6.29 9.53 8.00
CA LYS A 106 5.17 10.32 8.43
C LYS A 106 4.54 11.02 7.24
N LEU A 107 3.24 10.91 7.13
CA LEU A 107 2.52 11.55 6.05
C LEU A 107 2.12 12.95 6.48
N LEU A 108 2.57 13.94 5.73
CA LEU A 108 2.27 15.32 6.05
C LEU A 108 1.18 15.86 5.14
N VAL A 109 0.06 16.20 5.74
CA VAL A 109 -1.04 16.78 5.00
C VAL A 109 -1.09 18.25 5.33
N GLN A 110 -0.90 19.11 4.34
CA GLN A 110 -0.90 20.54 4.57
C GLN A 110 -1.68 21.27 3.49
N PRO A 111 -2.40 22.33 3.88
CA PRO A 111 -3.17 23.13 2.93
C PRO A 111 -2.27 24.14 2.22
N VAL A 112 -2.37 24.17 0.91
CA VAL A 112 -1.58 25.09 0.12
C VAL A 112 -2.36 26.35 -0.22
N PRO A 113 -1.72 27.52 -0.20
CA PRO A 113 -2.37 28.79 -0.51
C PRO A 113 -2.55 28.95 -2.01
N VAL A 114 -3.51 28.21 -2.55
CA VAL A 114 -3.78 28.24 -3.98
C VAL A 114 -5.11 28.93 -4.26
N SER A 115 -5.32 29.27 -5.52
CA SER A 115 -6.54 29.92 -5.96
C SER A 115 -6.81 29.57 -7.42
N SER A 116 -6.63 28.30 -7.73
CA SER A 116 -6.83 27.79 -9.08
C SER A 116 -8.31 27.72 -9.41
N GLY A 117 -8.63 27.62 -10.69
CA GLY A 117 -10.00 27.53 -11.11
C GLY A 117 -10.72 28.87 -11.05
N ALA A 118 -9.94 29.94 -11.14
CA ALA A 118 -10.49 31.29 -11.10
C ALA A 118 -10.33 31.98 -12.45
N LYS A 119 -9.24 31.69 -13.13
CA LYS A 119 -8.97 32.28 -14.44
C LYS A 119 -9.25 31.27 -15.54
N LEU A 120 -9.47 30.02 -15.14
CA LEU A 120 -9.74 28.95 -16.08
C LEU A 120 -10.57 27.88 -15.39
N GLY A 1 32.79 9.76 -12.17
CA GLY A 1 32.06 10.69 -11.28
C GLY A 1 30.76 11.16 -11.88
N SER A 2 29.66 10.53 -11.48
CA SER A 2 28.35 10.90 -11.97
C SER A 2 27.75 11.98 -11.09
N HIS A 3 27.01 12.90 -11.70
CA HIS A 3 26.39 13.99 -10.98
C HIS A 3 25.14 13.47 -10.24
N MET A 4 25.38 12.79 -9.13
CA MET A 4 24.29 12.23 -8.34
C MET A 4 24.01 13.09 -7.12
N THR A 5 22.83 13.70 -7.10
CA THR A 5 22.45 14.57 -6.00
C THR A 5 21.56 13.83 -5.00
N LYS A 6 21.25 12.59 -5.32
CA LYS A 6 20.39 11.78 -4.47
C LYS A 6 21.10 10.48 -4.10
N PRO A 7 21.58 10.36 -2.86
CA PRO A 7 22.28 9.16 -2.39
C PRO A 7 21.36 7.96 -2.30
N ALA A 8 21.82 6.83 -2.81
CA ALA A 8 21.04 5.60 -2.79
C ALA A 8 21.85 4.47 -2.16
N PRO A 9 21.19 3.60 -1.41
CA PRO A 9 21.84 2.47 -0.74
C PRO A 9 22.16 1.35 -1.74
N ASP A 10 23.00 0.42 -1.31
CA ASP A 10 23.40 -0.70 -2.15
C ASP A 10 22.25 -1.70 -2.29
N PHE A 11 22.20 -2.36 -3.44
CA PHE A 11 21.15 -3.34 -3.72
C PHE A 11 21.45 -4.67 -3.04
N GLY A 12 22.69 -4.83 -2.62
CA GLY A 12 23.09 -6.06 -1.97
C GLY A 12 24.54 -6.03 -1.55
N GLY A 13 25.26 -7.09 -1.84
CA GLY A 13 26.66 -7.16 -1.50
C GLY A 13 27.46 -7.85 -2.56
N ARG A 14 27.37 -7.37 -3.79
CA ARG A 14 28.10 -7.95 -4.91
C ARG A 14 29.60 -7.74 -4.73
N TRP A 15 29.95 -6.70 -3.98
CA TRP A 15 31.35 -6.38 -3.72
C TRP A 15 31.87 -7.23 -2.56
N LYS A 16 30.96 -7.98 -1.94
CA LYS A 16 31.30 -8.84 -0.82
C LYS A 16 30.97 -10.28 -1.16
N HIS A 17 31.63 -10.80 -2.18
CA HIS A 17 31.37 -12.18 -2.61
C HIS A 17 32.19 -13.16 -1.78
N VAL A 18 31.50 -13.89 -0.92
CA VAL A 18 32.13 -14.89 -0.08
C VAL A 18 31.21 -16.08 0.08
N ASN A 19 31.65 -17.22 -0.38
CA ASN A 19 30.85 -18.44 -0.32
C ASN A 19 31.00 -19.15 1.02
N HIS A 20 29.92 -19.16 1.79
CA HIS A 20 29.89 -19.82 3.08
C HIS A 20 28.48 -20.36 3.35
N PHE A 21 27.49 -19.62 2.88
CA PHE A 21 26.09 -20.01 3.04
C PHE A 21 25.28 -19.38 1.92
N ASP A 22 25.70 -19.65 0.69
CA ASP A 22 25.05 -19.11 -0.49
C ASP A 22 23.72 -19.80 -0.76
N GLU A 23 23.53 -20.94 -0.13
CA GLU A 23 22.30 -21.71 -0.30
C GLU A 23 21.33 -21.46 0.85
N ALA A 24 20.12 -21.96 0.69
CA ALA A 24 19.07 -21.81 1.68
C ALA A 24 17.98 -22.85 1.43
N PRO A 25 17.33 -23.34 2.50
CA PRO A 25 16.27 -24.34 2.37
C PRO A 25 15.08 -23.80 1.58
N THR A 26 14.64 -22.61 1.92
CA THR A 26 13.53 -21.98 1.24
C THR A 26 13.83 -20.52 0.97
N GLU A 27 14.11 -20.20 -0.28
CA GLU A 27 14.41 -18.84 -0.67
C GLU A 27 13.58 -18.44 -1.87
N ILE A 28 12.72 -17.45 -1.68
CA ILE A 28 11.84 -16.98 -2.75
C ILE A 28 11.84 -15.47 -2.81
N PRO A 29 11.86 -14.90 -4.03
CA PRO A 29 11.84 -13.45 -4.23
C PRO A 29 10.50 -12.83 -3.80
N LEU A 30 10.51 -12.21 -2.63
CA LEU A 30 9.30 -11.58 -2.11
C LEU A 30 9.59 -10.19 -1.58
N TYR A 31 9.19 -9.18 -2.33
CA TYR A 31 9.39 -7.81 -1.92
C TYR A 31 8.08 -7.23 -1.42
N THR A 32 8.01 -6.99 -0.13
CA THR A 32 6.82 -6.44 0.51
C THR A 32 6.57 -5.01 0.05
N SER A 33 5.43 -4.81 -0.59
CA SER A 33 5.05 -3.50 -1.07
C SER A 33 3.53 -3.37 -1.11
N TYR A 34 3.00 -2.60 -0.17
CA TYR A 34 1.57 -2.38 -0.08
C TYR A 34 1.12 -1.33 -1.08
N THR A 35 0.13 -1.68 -1.89
CA THR A 35 -0.40 -0.76 -2.90
C THR A 35 -1.30 0.27 -2.25
N TYR A 36 -0.89 1.52 -2.31
CA TYR A 36 -1.65 2.61 -1.74
C TYR A 36 -2.68 3.10 -2.75
N GLN A 37 -3.95 2.94 -2.39
CA GLN A 37 -5.05 3.36 -3.24
C GLN A 37 -6.23 3.83 -2.40
N ALA A 38 -7.12 4.60 -3.02
CA ALA A 38 -8.29 5.12 -2.33
C ALA A 38 -9.46 4.17 -2.54
N THR A 39 -9.93 3.57 -1.46
CA THR A 39 -11.04 2.64 -1.53
C THR A 39 -12.36 3.33 -1.19
N PRO A 40 -13.48 2.81 -1.70
CA PRO A 40 -14.81 3.38 -1.42
C PRO A 40 -15.18 3.24 0.06
N MET A 41 -14.46 2.37 0.74
CA MET A 41 -14.70 2.13 2.16
C MET A 41 -13.94 3.14 3.01
N ASP A 42 -13.09 3.95 2.37
CA ASP A 42 -12.32 4.97 3.08
C ASP A 42 -13.22 6.17 3.34
N GLY A 43 -13.78 6.72 2.26
CA GLY A 43 -14.68 7.85 2.39
C GLY A 43 -13.98 9.18 2.28
N THR A 44 -13.18 9.52 3.26
CA THR A 44 -12.49 10.80 3.25
C THR A 44 -10.98 10.63 3.23
N LEU A 45 -10.30 11.74 2.94
CA LEU A 45 -8.84 11.78 2.89
C LEU A 45 -8.23 11.33 4.21
N LYS A 46 -8.83 11.76 5.30
CA LYS A 46 -8.36 11.40 6.63
C LYS A 46 -8.40 9.89 6.84
N THR A 47 -9.56 9.29 6.57
CA THR A 47 -9.75 7.86 6.73
C THR A 47 -8.83 7.07 5.79
N MET A 48 -8.68 7.58 4.58
CA MET A 48 -7.84 6.94 3.56
C MET A 48 -6.38 6.90 4.01
N LEU A 49 -5.85 8.07 4.37
CA LEU A 49 -4.46 8.17 4.81
C LEU A 49 -4.24 7.40 6.10
N GLU A 50 -5.26 7.36 6.95
CA GLU A 50 -5.19 6.63 8.21
C GLU A 50 -4.90 5.16 7.96
N ARG A 51 -5.59 4.59 6.97
CA ARG A 51 -5.40 3.20 6.61
C ARG A 51 -4.02 2.97 6.03
N TRP A 52 -3.60 3.87 5.14
CA TRP A 52 -2.30 3.79 4.50
C TRP A 52 -1.18 3.74 5.53
N ALA A 53 -1.20 4.70 6.43
CA ALA A 53 -0.19 4.79 7.47
C ALA A 53 -0.25 3.61 8.42
N ALA A 54 -1.46 3.27 8.85
CA ALA A 54 -1.65 2.17 9.79
C ALA A 54 -1.17 0.84 9.21
N ASP A 55 -1.44 0.64 7.93
CA ASP A 55 -1.05 -0.59 7.25
C ASP A 55 0.46 -0.78 7.25
N SER A 56 1.19 0.30 7.02
CA SER A 56 2.64 0.23 6.98
C SER A 56 3.29 0.67 8.29
N ASN A 57 2.47 0.81 9.34
CA ASN A 57 2.97 1.22 10.65
C ASN A 57 3.67 2.57 10.60
N MET A 58 3.10 3.48 9.83
CA MET A 58 3.66 4.82 9.66
C MET A 58 2.84 5.82 10.46
N GLN A 59 3.29 7.05 10.51
CA GLN A 59 2.60 8.09 11.25
C GLN A 59 1.87 9.03 10.28
N LEU A 60 0.87 9.73 10.79
CA LEU A 60 0.08 10.65 9.98
C LEU A 60 -0.04 12.02 10.64
N SER A 61 0.13 13.05 9.83
CA SER A 61 0.03 14.42 10.27
C SER A 61 -1.00 15.16 9.43
N TYR A 62 -2.22 15.23 9.92
CA TYR A 62 -3.30 15.90 9.22
C TYR A 62 -3.37 17.35 9.65
N ASN A 63 -2.79 18.23 8.86
CA ASN A 63 -2.77 19.65 9.18
C ASN A 63 -3.81 20.41 8.38
N LEU A 64 -4.90 19.73 8.07
CA LEU A 64 -5.97 20.36 7.32
C LEU A 64 -7.04 20.87 8.29
N PRO A 65 -7.60 22.05 8.01
CA PRO A 65 -8.63 22.66 8.86
C PRO A 65 -9.85 21.76 9.03
N SER A 66 -10.13 20.97 7.99
CA SER A 66 -11.26 20.07 8.02
C SER A 66 -10.98 18.84 7.16
N ASP A 67 -11.84 17.85 7.25
CA ASP A 67 -11.70 16.64 6.48
C ASP A 67 -12.35 16.81 5.12
N TYR A 68 -11.79 16.16 4.11
CA TYR A 68 -12.33 16.26 2.76
C TYR A 68 -12.64 14.87 2.20
N THR A 69 -13.75 14.78 1.48
CA THR A 69 -14.17 13.52 0.89
C THR A 69 -13.47 13.27 -0.44
N LEU A 70 -13.29 11.99 -0.77
CA LEU A 70 -12.65 11.61 -2.03
C LEU A 70 -13.39 12.23 -3.21
N ILE A 71 -12.69 13.03 -3.99
CA ILE A 71 -13.28 13.70 -5.15
C ILE A 71 -13.68 12.73 -6.26
N GLY A 72 -12.96 11.62 -6.36
CA GLY A 72 -13.25 10.64 -7.38
C GLY A 72 -12.01 10.04 -8.01
N PRO A 73 -11.20 10.85 -8.73
CA PRO A 73 -9.96 10.38 -9.37
C PRO A 73 -8.92 9.89 -8.37
N VAL A 74 -9.24 9.97 -7.08
CA VAL A 74 -8.35 9.51 -6.02
C VAL A 74 -8.18 8.00 -6.09
N SER A 75 -9.27 7.31 -6.40
CA SER A 75 -9.26 5.86 -6.50
C SER A 75 -8.45 5.39 -7.70
N ALA A 76 -8.10 6.32 -8.59
CA ALA A 76 -7.31 6.00 -9.76
C ALA A 76 -5.82 5.99 -9.41
N ILE A 77 -5.52 6.39 -8.18
CA ILE A 77 -4.16 6.43 -7.70
C ILE A 77 -3.84 5.14 -6.95
N SER A 78 -3.08 4.27 -7.58
CA SER A 78 -2.72 3.00 -6.98
C SER A 78 -1.27 2.67 -7.28
N THR A 79 -0.40 2.99 -6.35
CA THR A 79 1.03 2.74 -6.49
C THR A 79 1.58 2.06 -5.26
N THR A 80 2.69 1.34 -5.41
CA THR A 80 3.32 0.67 -4.30
C THR A 80 4.24 1.62 -3.53
N SER A 81 4.53 2.76 -4.14
CA SER A 81 5.38 3.76 -3.53
C SER A 81 4.53 4.80 -2.80
N VAL A 82 4.66 4.85 -1.48
CA VAL A 82 3.90 5.80 -0.69
C VAL A 82 4.33 7.22 -1.03
N GLN A 83 5.60 7.37 -1.40
CA GLN A 83 6.14 8.66 -1.78
C GLN A 83 5.51 9.14 -3.07
N GLN A 84 5.38 8.22 -4.03
CA GLN A 84 4.77 8.53 -5.32
C GLN A 84 3.29 8.84 -5.14
N ALA A 85 2.64 8.06 -4.28
CA ALA A 85 1.22 8.25 -4.00
C ALA A 85 0.93 9.68 -3.56
N ALA A 86 1.70 10.16 -2.59
CA ALA A 86 1.54 11.50 -2.08
C ALA A 86 1.85 12.54 -3.16
N THR A 87 2.78 12.18 -4.06
CA THR A 87 3.16 13.06 -5.14
C THR A 87 2.00 13.25 -6.13
N GLU A 88 1.35 12.15 -6.47
CA GLU A 88 0.21 12.19 -7.38
C GLU A 88 -1.01 12.82 -6.71
N LEU A 89 -1.21 12.48 -5.45
CA LEU A 89 -2.34 13.01 -4.68
C LEU A 89 -2.29 14.54 -4.62
N SER A 90 -1.13 15.07 -4.27
CA SER A 90 -0.95 16.52 -4.15
C SER A 90 -1.18 17.24 -5.49
N ALA A 91 -1.03 16.52 -6.58
CA ALA A 91 -1.23 17.10 -7.90
C ALA A 91 -2.73 17.27 -8.19
N VAL A 92 -3.49 16.24 -7.85
CA VAL A 92 -4.93 16.24 -8.06
C VAL A 92 -5.63 17.04 -6.98
N TYR A 93 -5.06 17.02 -5.79
CA TYR A 93 -5.61 17.71 -4.64
C TYR A 93 -5.26 19.18 -4.62
N ALA A 94 -4.19 19.56 -5.32
CA ALA A 94 -3.75 20.95 -5.39
C ALA A 94 -4.89 21.89 -5.81
N ALA A 95 -5.85 21.35 -6.57
CA ALA A 95 -6.98 22.13 -7.04
C ALA A 95 -7.95 22.42 -5.89
N GLN A 96 -7.88 21.61 -4.85
CA GLN A 96 -8.74 21.76 -3.68
C GLN A 96 -8.02 22.58 -2.62
N GLY A 97 -6.69 22.51 -2.65
CA GLY A 97 -5.89 23.23 -1.68
C GLY A 97 -5.24 22.30 -0.68
N VAL A 98 -4.89 21.11 -1.12
CA VAL A 98 -4.27 20.11 -0.25
C VAL A 98 -2.97 19.56 -0.86
N SER A 99 -1.90 19.60 -0.09
CA SER A 99 -0.62 19.09 -0.54
C SER A 99 -0.10 18.01 0.42
N VAL A 100 -0.21 16.76 0.02
CA VAL A 100 0.25 15.65 0.84
C VAL A 100 1.67 15.25 0.47
N SER A 101 2.47 14.94 1.48
CA SER A 101 3.85 14.54 1.27
C SER A 101 4.27 13.53 2.33
N VAL A 102 5.22 12.67 1.99
CA VAL A 102 5.70 11.67 2.92
C VAL A 102 7.12 12.04 3.33
N SER A 103 7.33 12.24 4.60
CA SER A 103 8.64 12.61 5.09
C SER A 103 9.00 11.84 6.36
N ALA A 104 10.04 11.02 6.25
CA ALA A 104 10.53 10.22 7.38
C ALA A 104 9.49 9.21 7.84
N ASN A 105 8.92 8.48 6.89
CA ASN A 105 7.91 7.46 7.17
C ASN A 105 6.68 8.06 7.83
N LYS A 106 6.49 9.35 7.62
CA LYS A 106 5.37 10.07 8.19
C LYS A 106 4.62 10.80 7.09
N LEU A 107 3.31 10.65 7.05
CA LEU A 107 2.51 11.31 6.06
C LEU A 107 2.12 12.68 6.57
N LEU A 108 2.49 13.72 5.83
CA LEU A 108 2.18 15.07 6.24
C LEU A 108 1.28 15.76 5.24
N VAL A 109 0.12 16.16 5.71
CA VAL A 109 -0.83 16.84 4.86
C VAL A 109 -0.80 18.34 5.18
N GLN A 110 -0.47 19.15 4.20
CA GLN A 110 -0.39 20.59 4.41
C GLN A 110 -1.23 21.33 3.38
N PRO A 111 -2.04 22.29 3.82
CA PRO A 111 -2.89 23.09 2.95
C PRO A 111 -2.11 24.17 2.21
N VAL A 112 -2.34 24.26 0.92
CA VAL A 112 -1.66 25.26 0.09
C VAL A 112 -2.56 26.47 -0.09
N PRO A 113 -1.98 27.67 -0.21
CA PRO A 113 -2.73 28.91 -0.38
C PRO A 113 -3.21 29.11 -1.82
N VAL A 114 -4.20 28.33 -2.21
CA VAL A 114 -4.77 28.41 -3.55
C VAL A 114 -6.28 28.58 -3.47
N SER A 115 -6.88 29.02 -4.56
CA SER A 115 -8.31 29.22 -4.63
C SER A 115 -9.02 27.95 -5.08
N SER A 116 -9.69 27.28 -4.14
CA SER A 116 -10.41 26.05 -4.44
C SER A 116 -11.61 26.33 -5.35
N GLY A 117 -12.06 27.58 -5.34
CA GLY A 117 -13.17 27.97 -6.17
C GLY A 117 -13.08 29.45 -6.51
N ALA A 118 -14.21 30.03 -6.91
CA ALA A 118 -14.25 31.45 -7.27
C ALA A 118 -14.14 32.31 -6.01
N LYS A 119 -12.91 32.54 -5.58
CA LYS A 119 -12.64 33.33 -4.39
C LYS A 119 -11.48 34.29 -4.62
N LEU A 120 -11.45 35.36 -3.83
CA LEU A 120 -10.40 36.35 -3.95
C LEU A 120 -9.21 35.97 -3.07
N GLY A 1 -24.61 -64.13 24.07
CA GLY A 1 -24.52 -63.89 25.53
C GLY A 1 -25.51 -62.84 25.98
N SER A 2 -25.31 -62.34 27.19
CA SER A 2 -26.20 -61.32 27.76
C SER A 2 -26.21 -60.06 26.91
N HIS A 3 -25.03 -59.59 26.54
CA HIS A 3 -24.89 -58.38 25.74
C HIS A 3 -25.19 -58.68 24.26
N MET A 4 -26.45 -58.63 23.90
CA MET A 4 -26.86 -58.89 22.52
C MET A 4 -26.44 -57.74 21.61
N THR A 5 -26.12 -58.07 20.37
CA THR A 5 -25.71 -57.07 19.40
C THR A 5 -25.76 -57.66 17.98
N LYS A 6 -26.01 -56.81 16.99
CA LYS A 6 -26.10 -57.25 15.61
C LYS A 6 -25.48 -56.21 14.68
N PRO A 7 -24.31 -56.52 14.10
CA PRO A 7 -23.61 -55.62 13.20
C PRO A 7 -24.26 -55.57 11.81
N ALA A 8 -24.54 -54.37 11.34
CA ALA A 8 -25.17 -54.18 10.04
C ALA A 8 -24.47 -53.06 9.29
N PRO A 9 -24.55 -53.06 7.94
CA PRO A 9 -23.93 -52.02 7.12
C PRO A 9 -24.48 -50.63 7.43
N ASP A 10 -23.70 -49.85 8.17
CA ASP A 10 -24.09 -48.50 8.55
C ASP A 10 -23.43 -47.48 7.63
N PHE A 11 -22.11 -47.52 7.58
CA PHE A 11 -21.33 -46.62 6.76
C PHE A 11 -19.92 -47.14 6.62
N GLY A 12 -19.46 -47.26 5.37
CA GLY A 12 -18.13 -47.75 5.13
C GLY A 12 -17.06 -46.72 5.39
N GLY A 13 -16.92 -45.76 4.48
CA GLY A 13 -15.93 -44.73 4.63
C GLY A 13 -14.53 -45.30 4.58
N ARG A 14 -14.24 -46.03 3.52
CA ARG A 14 -12.94 -46.64 3.33
C ARG A 14 -12.09 -45.81 2.37
N TRP A 15 -10.89 -46.30 2.08
CA TRP A 15 -9.96 -45.62 1.17
C TRP A 15 -9.62 -44.24 1.70
N LYS A 16 -9.38 -44.15 3.00
CA LYS A 16 -9.06 -42.89 3.63
C LYS A 16 -7.54 -42.77 3.82
N HIS A 17 -7.14 -41.71 4.52
CA HIS A 17 -5.73 -41.42 4.78
C HIS A 17 -4.98 -41.30 3.45
N VAL A 18 -5.29 -40.25 2.72
CA VAL A 18 -4.67 -39.99 1.44
C VAL A 18 -4.49 -38.49 1.22
N ASN A 19 -3.24 -38.08 1.09
CA ASN A 19 -2.92 -36.67 0.87
C ASN A 19 -1.61 -36.56 0.10
N HIS A 20 -1.64 -35.85 -1.01
CA HIS A 20 -0.45 -35.67 -1.82
C HIS A 20 -0.25 -34.18 -2.10
N PHE A 21 -0.94 -33.35 -1.33
CA PHE A 21 -0.85 -31.92 -1.49
C PHE A 21 0.27 -31.37 -0.62
N ASP A 22 1.43 -31.17 -1.22
CA ASP A 22 2.59 -30.65 -0.51
C ASP A 22 3.20 -29.50 -1.29
N GLU A 23 2.55 -28.35 -1.25
CA GLU A 23 3.03 -27.17 -1.96
C GLU A 23 2.46 -25.91 -1.34
N ALA A 24 3.11 -24.79 -1.59
CA ALA A 24 2.69 -23.51 -1.07
C ALA A 24 2.17 -22.62 -2.19
N PRO A 25 1.21 -21.72 -1.88
CA PRO A 25 0.66 -20.80 -2.88
C PRO A 25 1.74 -19.86 -3.42
N THR A 26 2.43 -19.19 -2.50
CA THR A 26 3.49 -18.28 -2.87
C THR A 26 4.85 -18.81 -2.43
N GLU A 27 5.53 -19.49 -3.34
CA GLU A 27 6.85 -20.05 -3.05
C GLU A 27 7.90 -18.97 -3.16
N ILE A 28 7.73 -18.08 -4.13
CA ILE A 28 8.67 -16.99 -4.37
C ILE A 28 8.66 -16.02 -3.20
N PRO A 29 9.79 -15.32 -2.95
CA PRO A 29 9.91 -14.34 -1.87
C PRO A 29 8.79 -13.31 -1.90
N LEU A 30 7.95 -13.33 -0.88
CA LEU A 30 6.83 -12.42 -0.79
C LEU A 30 7.21 -11.21 0.05
N TYR A 31 7.67 -10.17 -0.62
CA TYR A 31 8.06 -8.96 0.07
C TYR A 31 6.84 -8.08 0.31
N THR A 32 6.62 -7.72 1.56
CA THR A 32 5.49 -6.89 1.93
C THR A 32 5.50 -5.55 1.20
N SER A 33 4.63 -5.44 0.23
CA SER A 33 4.51 -4.21 -0.55
C SER A 33 3.04 -3.82 -0.65
N TYR A 34 2.60 -3.02 0.30
CA TYR A 34 1.21 -2.57 0.35
C TYR A 34 0.93 -1.56 -0.76
N THR A 35 -0.15 -1.80 -1.49
CA THR A 35 -0.55 -0.91 -2.56
C THR A 35 -1.44 0.19 -2.02
N TYR A 36 -0.94 1.41 -2.06
CA TYR A 36 -1.69 2.56 -1.58
C TYR A 36 -2.70 3.01 -2.61
N GLN A 37 -3.97 2.77 -2.33
CA GLN A 37 -5.03 3.16 -3.24
C GLN A 37 -6.25 3.66 -2.47
N ALA A 38 -7.10 4.41 -3.15
CA ALA A 38 -8.31 4.93 -2.53
C ALA A 38 -9.46 3.98 -2.79
N THR A 39 -10.14 3.58 -1.73
CA THR A 39 -11.26 2.68 -1.84
C THR A 39 -12.53 3.35 -1.34
N PRO A 40 -13.72 2.86 -1.75
CA PRO A 40 -14.99 3.42 -1.29
C PRO A 40 -15.26 3.08 0.17
N MET A 41 -14.34 2.33 0.77
CA MET A 41 -14.45 1.92 2.16
C MET A 41 -13.79 2.95 3.06
N ASP A 42 -12.81 3.66 2.50
CA ASP A 42 -12.09 4.68 3.25
C ASP A 42 -13.01 5.83 3.61
N GLY A 43 -13.74 6.33 2.62
CA GLY A 43 -14.67 7.40 2.86
C GLY A 43 -14.08 8.77 2.61
N THR A 44 -13.11 9.15 3.44
CA THR A 44 -12.50 10.46 3.31
C THR A 44 -10.99 10.37 3.17
N LEU A 45 -10.36 11.52 2.91
CA LEU A 45 -8.93 11.62 2.77
C LEU A 45 -8.22 11.23 4.06
N LYS A 46 -8.79 11.67 5.18
CA LYS A 46 -8.22 11.38 6.49
C LYS A 46 -8.19 9.88 6.75
N THR A 47 -9.36 9.25 6.63
CA THR A 47 -9.47 7.81 6.85
C THR A 47 -8.55 7.02 5.93
N MET A 48 -8.49 7.44 4.68
CA MET A 48 -7.64 6.78 3.69
C MET A 48 -6.18 6.85 4.12
N LEU A 49 -5.73 8.06 4.42
CA LEU A 49 -4.34 8.27 4.84
C LEU A 49 -4.05 7.55 6.15
N GLU A 50 -5.02 7.56 7.07
CA GLU A 50 -4.87 6.90 8.35
C GLU A 50 -4.62 5.41 8.16
N ARG A 51 -5.39 4.81 7.26
CA ARG A 51 -5.26 3.38 6.98
C ARG A 51 -3.95 3.11 6.25
N TRP A 52 -3.62 3.98 5.30
CA TRP A 52 -2.37 3.86 4.55
C TRP A 52 -1.19 3.83 5.51
N ALA A 53 -1.18 4.78 6.44
CA ALA A 53 -0.12 4.88 7.42
C ALA A 53 -0.16 3.72 8.40
N ALA A 54 -1.32 3.47 9.01
CA ALA A 54 -1.48 2.40 9.98
C ALA A 54 -1.01 1.05 9.44
N ASP A 55 -1.44 0.73 8.22
CA ASP A 55 -1.07 -0.53 7.59
C ASP A 55 0.44 -0.67 7.43
N SER A 56 1.08 0.43 7.06
CA SER A 56 2.51 0.42 6.83
C SER A 56 3.29 0.82 8.08
N ASN A 57 2.59 0.92 9.20
CA ASN A 57 3.21 1.31 10.47
C ASN A 57 3.91 2.65 10.33
N MET A 58 3.20 3.60 9.76
CA MET A 58 3.69 4.95 9.54
C MET A 58 2.87 5.95 10.34
N GLN A 59 3.30 7.20 10.34
CA GLN A 59 2.59 8.24 11.07
C GLN A 59 1.90 9.18 10.09
N LEU A 60 0.93 9.93 10.57
CA LEU A 60 0.18 10.87 9.73
C LEU A 60 0.03 12.21 10.42
N SER A 61 0.11 13.24 9.63
CA SER A 61 -0.02 14.61 10.11
C SER A 61 -1.07 15.34 9.29
N TYR A 62 -2.29 15.37 9.80
CA TYR A 62 -3.40 16.02 9.13
C TYR A 62 -3.53 17.45 9.64
N ASN A 63 -2.97 18.40 8.88
CA ASN A 63 -3.00 19.81 9.27
C ASN A 63 -4.12 20.54 8.56
N LEU A 64 -5.11 19.80 8.10
CA LEU A 64 -6.24 20.40 7.41
C LEU A 64 -7.30 20.81 8.43
N PRO A 65 -7.99 21.93 8.20
CA PRO A 65 -9.02 22.43 9.11
C PRO A 65 -10.20 21.47 9.26
N SER A 66 -10.48 20.71 8.21
CA SER A 66 -11.57 19.75 8.23
C SER A 66 -11.26 18.54 7.35
N ASP A 67 -12.04 17.49 7.47
CA ASP A 67 -11.84 16.29 6.66
C ASP A 67 -12.53 16.49 5.31
N TYR A 68 -11.95 15.92 4.27
CA TYR A 68 -12.51 16.05 2.93
C TYR A 68 -12.64 14.68 2.28
N THR A 69 -13.62 14.54 1.43
CA THR A 69 -13.86 13.29 0.73
C THR A 69 -13.06 13.22 -0.56
N LEU A 70 -13.02 12.06 -1.19
CA LEU A 70 -12.30 11.89 -2.44
C LEU A 70 -13.06 12.55 -3.58
N ILE A 71 -12.33 13.13 -4.51
CA ILE A 71 -12.94 13.79 -5.65
C ILE A 71 -13.30 12.81 -6.76
N GLY A 72 -12.46 11.80 -6.96
CA GLY A 72 -12.72 10.82 -8.00
C GLY A 72 -11.47 10.13 -8.49
N PRO A 73 -10.57 10.86 -9.18
CA PRO A 73 -9.31 10.30 -9.71
C PRO A 73 -8.41 9.69 -8.64
N VAL A 74 -8.72 9.94 -7.38
CA VAL A 74 -7.95 9.41 -6.28
C VAL A 74 -8.03 7.89 -6.25
N SER A 75 -9.21 7.37 -6.54
CA SER A 75 -9.43 5.92 -6.56
C SER A 75 -8.70 5.25 -7.73
N ALA A 76 -8.12 6.06 -8.61
CA ALA A 76 -7.39 5.53 -9.76
C ALA A 76 -5.90 5.45 -9.45
N ILE A 77 -5.53 5.91 -8.27
CA ILE A 77 -4.14 5.89 -7.83
C ILE A 77 -3.88 4.66 -6.98
N SER A 78 -3.06 3.77 -7.49
CA SER A 78 -2.72 2.54 -6.80
C SER A 78 -1.25 2.20 -7.02
N THR A 79 -0.40 2.66 -6.12
CA THR A 79 1.03 2.41 -6.22
C THR A 79 1.57 1.88 -4.89
N THR A 80 2.67 1.15 -4.95
CA THR A 80 3.27 0.61 -3.76
C THR A 80 4.22 1.62 -3.11
N SER A 81 4.49 2.70 -3.83
CA SER A 81 5.35 3.75 -3.33
C SER A 81 4.51 4.84 -2.65
N VAL A 82 4.67 4.97 -1.34
CA VAL A 82 3.93 5.97 -0.59
C VAL A 82 4.34 7.38 -1.02
N GLN A 83 5.58 7.51 -1.47
CA GLN A 83 6.10 8.79 -1.92
C GLN A 83 5.44 9.17 -3.24
N GLN A 84 5.26 8.18 -4.10
CA GLN A 84 4.62 8.39 -5.40
C GLN A 84 3.14 8.69 -5.20
N ALA A 85 2.51 7.97 -4.29
CA ALA A 85 1.10 8.15 -3.99
C ALA A 85 0.83 9.60 -3.57
N ALA A 86 1.62 10.09 -2.63
CA ALA A 86 1.48 11.45 -2.15
C ALA A 86 1.76 12.45 -3.27
N THR A 87 2.63 12.04 -4.19
CA THR A 87 2.99 12.88 -5.32
C THR A 87 1.79 13.11 -6.23
N GLU A 88 1.11 12.03 -6.61
CA GLU A 88 -0.05 12.11 -7.48
C GLU A 88 -1.21 12.79 -6.77
N LEU A 89 -1.38 12.47 -5.50
CA LEU A 89 -2.46 13.04 -4.69
C LEU A 89 -2.33 14.56 -4.60
N SER A 90 -1.14 15.04 -4.23
CA SER A 90 -0.93 16.48 -4.10
C SER A 90 -1.08 17.18 -5.44
N ALA A 91 -0.73 16.49 -6.51
CA ALA A 91 -0.83 17.06 -7.85
C ALA A 91 -2.28 17.37 -8.21
N VAL A 92 -3.19 16.49 -7.84
CA VAL A 92 -4.61 16.67 -8.13
C VAL A 92 -5.33 17.45 -7.02
N TYR A 93 -4.78 17.40 -5.82
CA TYR A 93 -5.38 18.07 -4.66
C TYR A 93 -5.00 19.55 -4.56
N ALA A 94 -3.88 19.93 -5.15
CA ALA A 94 -3.41 21.32 -5.12
C ALA A 94 -4.50 22.31 -5.52
N ALA A 95 -5.38 21.91 -6.42
CA ALA A 95 -6.47 22.78 -6.87
C ALA A 95 -7.53 22.96 -5.78
N GLN A 96 -7.53 22.05 -4.81
CA GLN A 96 -8.48 22.10 -3.71
C GLN A 96 -7.84 22.75 -2.49
N GLY A 97 -6.58 23.13 -2.63
CA GLY A 97 -5.87 23.78 -1.53
C GLY A 97 -5.25 22.78 -0.57
N VAL A 98 -5.05 21.55 -1.03
CA VAL A 98 -4.47 20.52 -0.20
C VAL A 98 -3.19 19.98 -0.83
N SER A 99 -2.12 19.93 -0.05
CA SER A 99 -0.85 19.43 -0.53
C SER A 99 -0.31 18.35 0.40
N VAL A 100 -0.43 17.10 -0.05
CA VAL A 100 0.04 15.96 0.74
C VAL A 100 1.45 15.56 0.33
N SER A 101 2.20 15.07 1.29
CA SER A 101 3.57 14.63 1.07
C SER A 101 3.92 13.58 2.12
N VAL A 102 5.11 13.00 2.03
CA VAL A 102 5.53 12.01 2.98
C VAL A 102 7.01 12.16 3.28
N SER A 103 7.32 12.29 4.56
CA SER A 103 8.69 12.44 5.01
C SER A 103 9.09 11.21 5.81
N ALA A 104 9.96 10.39 5.20
CA ALA A 104 10.44 9.16 5.82
C ALA A 104 9.31 8.16 6.03
N ASN A 105 8.66 8.22 7.17
CA ASN A 105 7.56 7.33 7.48
C ASN A 105 6.39 8.12 8.03
N LYS A 106 6.35 9.40 7.69
CA LYS A 106 5.28 10.27 8.15
C LYS A 106 4.59 10.95 6.99
N LEU A 107 3.27 10.84 6.95
CA LEU A 107 2.49 11.47 5.90
C LEU A 107 2.17 12.89 6.34
N LEU A 108 2.56 13.86 5.53
CA LEU A 108 2.35 15.26 5.85
C LEU A 108 1.26 15.86 4.98
N VAL A 109 0.18 16.26 5.61
CA VAL A 109 -0.93 16.88 4.90
C VAL A 109 -1.01 18.33 5.34
N GLN A 110 -0.82 19.24 4.41
CA GLN A 110 -0.86 20.66 4.73
C GLN A 110 -1.63 21.41 3.66
N PRO A 111 -2.39 22.44 4.07
CA PRO A 111 -3.17 23.25 3.14
C PRO A 111 -2.31 24.31 2.47
N VAL A 112 -2.58 24.56 1.20
CA VAL A 112 -1.84 25.57 0.45
C VAL A 112 -2.72 26.78 0.19
N PRO A 113 -2.15 27.99 0.24
CA PRO A 113 -2.88 29.24 0.02
C PRO A 113 -3.19 29.49 -1.44
N VAL A 114 -4.14 28.73 -1.97
CA VAL A 114 -4.55 28.85 -3.36
C VAL A 114 -6.06 29.04 -3.43
N SER A 115 -6.55 29.37 -4.61
CA SER A 115 -7.97 29.58 -4.81
C SER A 115 -8.70 28.25 -4.99
N SER A 116 -9.30 27.77 -3.91
CA SER A 116 -10.04 26.52 -3.95
C SER A 116 -11.52 26.80 -4.22
N GLY A 117 -12.05 27.81 -3.54
CA GLY A 117 -13.43 28.17 -3.70
C GLY A 117 -13.92 29.03 -2.57
N ALA A 118 -15.18 29.44 -2.63
CA ALA A 118 -15.77 30.28 -1.59
C ALA A 118 -15.89 29.52 -0.26
N LYS A 119 -15.24 30.06 0.76
CA LYS A 119 -15.27 29.47 2.08
C LYS A 119 -16.23 30.25 2.97
N LEU A 120 -16.38 31.53 2.69
CA LEU A 120 -17.26 32.40 3.46
C LEU A 120 -18.49 32.75 2.64
N GLY A 1 18.11 -34.32 -73.37
CA GLY A 1 19.04 -33.32 -72.81
C GLY A 1 20.48 -33.66 -73.11
N SER A 2 21.37 -32.70 -72.89
CA SER A 2 22.80 -32.91 -73.16
C SER A 2 23.36 -34.01 -72.27
N HIS A 3 22.78 -34.19 -71.10
CA HIS A 3 23.23 -35.22 -70.17
C HIS A 3 22.06 -36.11 -69.77
N MET A 4 22.38 -37.32 -69.33
CA MET A 4 21.34 -38.26 -68.92
C MET A 4 20.79 -37.86 -67.56
N THR A 5 19.64 -37.19 -67.58
CA THR A 5 19.01 -36.74 -66.35
C THR A 5 18.35 -37.89 -65.60
N LYS A 6 19.12 -38.53 -64.72
CA LYS A 6 18.63 -39.65 -63.94
C LYS A 6 18.04 -39.16 -62.62
N PRO A 7 16.78 -39.51 -62.34
CA PRO A 7 16.11 -39.12 -61.10
C PRO A 7 16.68 -39.85 -59.90
N ALA A 8 17.45 -39.13 -59.10
CA ALA A 8 18.07 -39.71 -57.92
C ALA A 8 17.04 -39.90 -56.82
N PRO A 9 17.10 -41.02 -56.10
CA PRO A 9 16.18 -41.32 -55.01
C PRO A 9 16.60 -40.63 -53.71
N ASP A 10 17.13 -39.42 -53.87
CA ASP A 10 17.58 -38.62 -52.75
C ASP A 10 16.44 -37.83 -52.16
N PHE A 11 15.79 -38.38 -51.15
CA PHE A 11 14.67 -37.71 -50.52
C PHE A 11 14.52 -38.13 -49.05
N GLY A 12 15.38 -37.58 -48.21
CA GLY A 12 15.34 -37.89 -46.80
C GLY A 12 14.93 -36.69 -45.99
N GLY A 13 13.97 -36.87 -45.09
CA GLY A 13 13.53 -35.76 -44.27
C GLY A 13 12.28 -35.12 -44.83
N ARG A 14 11.29 -35.95 -45.15
CA ARG A 14 10.02 -35.47 -45.69
C ARG A 14 9.30 -34.62 -44.65
N TRP A 15 9.38 -35.06 -43.41
CA TRP A 15 8.77 -34.36 -42.29
C TRP A 15 9.69 -34.43 -41.07
N LYS A 16 9.87 -33.30 -40.42
CA LYS A 16 10.72 -33.23 -39.24
C LYS A 16 10.29 -32.09 -38.33
N HIS A 17 9.26 -32.35 -37.54
CA HIS A 17 8.75 -31.37 -36.61
C HIS A 17 9.31 -31.62 -35.22
N VAL A 18 10.36 -30.91 -34.87
CA VAL A 18 11.00 -31.07 -33.57
C VAL A 18 11.46 -29.73 -33.02
N ASN A 19 10.99 -29.40 -31.83
CA ASN A 19 11.34 -28.17 -31.16
C ASN A 19 11.03 -28.28 -29.68
N HIS A 20 12.01 -27.96 -28.85
CA HIS A 20 11.84 -28.02 -27.40
C HIS A 20 12.76 -27.01 -26.72
N PHE A 21 12.27 -25.80 -26.57
CA PHE A 21 13.05 -24.74 -25.93
C PHE A 21 12.12 -23.70 -25.32
N ASP A 22 11.52 -24.06 -24.19
CA ASP A 22 10.61 -23.16 -23.51
C ASP A 22 11.35 -22.37 -22.45
N GLU A 23 11.82 -21.19 -22.83
CA GLU A 23 12.55 -20.33 -21.93
C GLU A 23 11.81 -19.04 -21.69
N ALA A 24 12.05 -18.45 -20.53
CA ALA A 24 11.42 -17.20 -20.18
C ALA A 24 12.16 -16.55 -19.01
N PRO A 25 12.16 -15.22 -18.95
CA PRO A 25 12.84 -14.47 -17.88
C PRO A 25 12.34 -14.87 -16.50
N THR A 26 13.13 -15.67 -15.80
CA THR A 26 12.78 -16.13 -14.47
C THR A 26 12.96 -15.03 -13.44
N GLU A 27 11.86 -14.43 -13.02
CA GLU A 27 11.90 -13.36 -12.03
C GLU A 27 10.75 -13.51 -11.04
N ILE A 28 11.10 -13.78 -9.79
CA ILE A 28 10.12 -13.94 -8.73
C ILE A 28 10.56 -13.18 -7.48
N PRO A 29 10.57 -11.84 -7.53
CA PRO A 29 10.97 -11.00 -6.41
C PRO A 29 9.97 -11.06 -5.26
N LEU A 30 10.49 -11.29 -4.07
CA LEU A 30 9.65 -11.38 -2.89
C LEU A 30 9.87 -10.16 -2.00
N TYR A 31 9.38 -9.02 -2.45
CA TYR A 31 9.51 -7.78 -1.70
C TYR A 31 8.13 -7.30 -1.29
N THR A 32 7.89 -7.23 0.01
CA THR A 32 6.60 -6.78 0.52
C THR A 32 6.31 -5.36 0.06
N SER A 33 5.15 -5.19 -0.57
CA SER A 33 4.76 -3.88 -1.07
C SER A 33 3.26 -3.66 -0.93
N TYR A 34 2.87 -2.85 0.04
CA TYR A 34 1.47 -2.54 0.24
C TYR A 34 1.02 -1.50 -0.79
N THR A 35 0.00 -1.84 -1.56
CA THR A 35 -0.51 -0.94 -2.58
C THR A 35 -1.40 0.13 -1.98
N TYR A 36 -1.03 1.37 -2.18
CA TYR A 36 -1.79 2.50 -1.67
C TYR A 36 -2.80 2.95 -2.73
N GLN A 37 -4.07 2.74 -2.43
CA GLN A 37 -5.13 3.11 -3.36
C GLN A 37 -6.37 3.57 -2.61
N ALA A 38 -7.10 4.49 -3.19
CA ALA A 38 -8.32 5.01 -2.58
C ALA A 38 -9.48 4.08 -2.85
N THR A 39 -10.01 3.48 -1.80
CA THR A 39 -11.13 2.57 -1.92
C THR A 39 -12.43 3.30 -1.65
N PRO A 40 -13.55 2.83 -2.24
CA PRO A 40 -14.86 3.46 -2.05
C PRO A 40 -15.31 3.39 -0.59
N MET A 41 -14.70 2.48 0.17
CA MET A 41 -15.04 2.30 1.58
C MET A 41 -14.20 3.22 2.48
N ASP A 42 -13.36 4.05 1.88
CA ASP A 42 -12.53 4.98 2.65
C ASP A 42 -13.34 6.21 3.02
N GLY A 43 -13.95 6.81 2.01
CA GLY A 43 -14.79 7.98 2.22
C GLY A 43 -14.02 9.28 2.16
N THR A 44 -13.15 9.51 3.12
CA THR A 44 -12.40 10.76 3.17
C THR A 44 -10.89 10.53 3.15
N LEU A 45 -10.18 11.63 2.90
CA LEU A 45 -8.73 11.62 2.84
C LEU A 45 -8.13 11.23 4.19
N LYS A 46 -8.69 11.75 5.27
CA LYS A 46 -8.21 11.45 6.61
C LYS A 46 -8.25 9.96 6.88
N THR A 47 -9.43 9.36 6.71
CA THR A 47 -9.62 7.94 6.93
C THR A 47 -8.72 7.12 6.02
N MET A 48 -8.60 7.54 4.77
CA MET A 48 -7.76 6.85 3.79
C MET A 48 -6.30 6.88 4.21
N LEU A 49 -5.80 8.08 4.48
CA LEU A 49 -4.40 8.26 4.88
C LEU A 49 -4.11 7.52 6.19
N GLU A 50 -5.05 7.59 7.12
CA GLU A 50 -4.88 6.92 8.41
C GLU A 50 -4.72 5.42 8.21
N ARG A 51 -5.54 4.85 7.33
CA ARG A 51 -5.49 3.43 7.04
C ARG A 51 -4.17 3.09 6.34
N TRP A 52 -3.78 3.94 5.39
CA TRP A 52 -2.54 3.75 4.64
C TRP A 52 -1.34 3.71 5.58
N ALA A 53 -1.22 4.75 6.41
CA ALA A 53 -0.13 4.86 7.36
C ALA A 53 -0.16 3.73 8.39
N ALA A 54 -1.35 3.38 8.86
CA ALA A 54 -1.50 2.32 9.86
C ALA A 54 -1.06 0.98 9.30
N ASP A 55 -1.43 0.72 8.05
CA ASP A 55 -1.10 -0.54 7.39
C ASP A 55 0.40 -0.66 7.12
N SER A 56 1.08 0.48 7.10
CA SER A 56 2.51 0.51 6.83
C SER A 56 3.31 0.87 8.08
N ASN A 57 2.63 0.96 9.22
CA ASN A 57 3.26 1.30 10.50
C ASN A 57 4.00 2.64 10.39
N MET A 58 3.30 3.62 9.85
CA MET A 58 3.86 4.96 9.66
C MET A 58 3.06 5.97 10.48
N GLN A 59 3.54 7.21 10.51
CA GLN A 59 2.87 8.27 11.25
C GLN A 59 2.18 9.22 10.28
N LEU A 60 1.21 9.98 10.77
CA LEU A 60 0.46 10.90 9.93
C LEU A 60 0.30 12.26 10.59
N SER A 61 0.45 13.30 9.80
CA SER A 61 0.30 14.66 10.28
C SER A 61 -0.75 15.39 9.46
N TYR A 62 -1.97 15.44 9.97
CA TYR A 62 -3.08 16.08 9.29
C TYR A 62 -3.20 17.54 9.70
N ASN A 63 -2.75 18.45 8.85
CA ASN A 63 -2.81 19.87 9.14
C ASN A 63 -3.91 20.54 8.34
N LEU A 64 -4.99 19.82 8.11
CA LEU A 64 -6.12 20.36 7.35
C LEU A 64 -7.24 20.74 8.29
N PRO A 65 -7.99 21.79 7.95
CA PRO A 65 -9.11 22.26 8.77
C PRO A 65 -10.19 21.19 8.94
N SER A 66 -10.39 20.38 7.92
CA SER A 66 -11.39 19.31 7.96
C SER A 66 -10.98 18.18 7.03
N ASP A 67 -11.64 17.04 7.17
CA ASP A 67 -11.36 15.89 6.32
C ASP A 67 -12.17 16.03 5.04
N TYR A 68 -11.50 15.89 3.90
CA TYR A 68 -12.16 16.03 2.62
C TYR A 68 -12.46 14.67 2.01
N THR A 69 -13.65 14.54 1.46
CA THR A 69 -14.07 13.30 0.82
C THR A 69 -13.35 13.11 -0.50
N LEU A 70 -13.22 11.87 -0.95
CA LEU A 70 -12.56 11.57 -2.21
C LEU A 70 -13.32 12.24 -3.35
N ILE A 71 -12.67 13.20 -4.00
CA ILE A 71 -13.29 13.94 -5.11
C ILE A 71 -13.71 13.04 -6.25
N GLY A 72 -12.95 11.97 -6.48
CA GLY A 72 -13.28 11.05 -7.55
C GLY A 72 -12.05 10.38 -8.15
N PRO A 73 -11.22 11.14 -8.89
CA PRO A 73 -9.99 10.61 -9.53
C PRO A 73 -8.99 10.03 -8.54
N VAL A 74 -9.28 10.15 -7.26
CA VAL A 74 -8.42 9.65 -6.20
C VAL A 74 -8.35 8.12 -6.27
N SER A 75 -9.48 7.52 -6.63
CA SER A 75 -9.57 6.07 -6.72
C SER A 75 -8.73 5.52 -7.87
N ALA A 76 -8.28 6.41 -8.75
CA ALA A 76 -7.46 6.00 -9.88
C ALA A 76 -5.99 5.98 -9.51
N ILE A 77 -5.68 6.28 -8.26
CA ILE A 77 -4.31 6.29 -7.79
C ILE A 77 -4.03 4.98 -7.06
N SER A 78 -3.20 4.16 -7.67
CA SER A 78 -2.86 2.86 -7.11
C SER A 78 -1.38 2.56 -7.34
N THR A 79 -0.56 2.88 -6.36
CA THR A 79 0.87 2.65 -6.43
C THR A 79 1.38 1.99 -5.15
N THR A 80 2.50 1.30 -5.25
CA THR A 80 3.08 0.63 -4.09
C THR A 80 4.02 1.56 -3.34
N SER A 81 4.38 2.66 -3.98
CA SER A 81 5.28 3.63 -3.40
C SER A 81 4.48 4.73 -2.69
N VAL A 82 4.60 4.80 -1.36
CA VAL A 82 3.88 5.81 -0.59
C VAL A 82 4.30 7.22 -1.00
N GLN A 83 5.59 7.35 -1.35
CA GLN A 83 6.12 8.64 -1.77
C GLN A 83 5.45 9.09 -3.05
N GLN A 84 5.21 8.15 -3.96
CA GLN A 84 4.55 8.45 -5.22
C GLN A 84 3.07 8.75 -4.99
N ALA A 85 2.45 7.94 -4.13
CA ALA A 85 1.03 8.11 -3.81
C ALA A 85 0.75 9.52 -3.31
N ALA A 86 1.53 9.97 -2.35
CA ALA A 86 1.37 11.30 -1.79
C ALA A 86 1.63 12.36 -2.86
N THR A 87 2.56 12.07 -3.76
CA THR A 87 2.91 12.99 -4.83
C THR A 87 1.75 13.15 -5.81
N GLU A 88 1.17 12.03 -6.21
CA GLU A 88 0.05 12.06 -7.14
C GLU A 88 -1.17 12.71 -6.47
N LEU A 89 -1.37 12.39 -5.20
CA LEU A 89 -2.48 12.96 -4.44
C LEU A 89 -2.37 14.49 -4.36
N SER A 90 -1.19 14.98 -3.98
CA SER A 90 -0.97 16.41 -3.84
C SER A 90 -1.10 17.13 -5.18
N ALA A 91 -0.93 16.40 -6.28
CA ALA A 91 -1.03 16.98 -7.60
C ALA A 91 -2.49 17.29 -7.93
N VAL A 92 -3.36 16.32 -7.66
CA VAL A 92 -4.79 16.48 -7.91
C VAL A 92 -5.42 17.36 -6.85
N TYR A 93 -5.11 17.06 -5.60
CA TYR A 93 -5.62 17.77 -4.44
C TYR A 93 -5.19 19.23 -4.38
N ALA A 94 -4.10 19.56 -5.08
CA ALA A 94 -3.60 20.94 -5.09
C ALA A 94 -4.69 21.93 -5.48
N ALA A 95 -5.66 21.48 -6.27
CA ALA A 95 -6.76 22.34 -6.69
C ALA A 95 -7.76 22.54 -5.56
N GLN A 96 -7.78 21.59 -4.63
CA GLN A 96 -8.68 21.64 -3.47
C GLN A 96 -8.02 22.39 -2.32
N GLY A 97 -6.75 22.71 -2.50
CA GLY A 97 -6.01 23.41 -1.46
C GLY A 97 -5.35 22.46 -0.49
N VAL A 98 -5.04 21.27 -0.96
CA VAL A 98 -4.41 20.24 -0.13
C VAL A 98 -3.15 19.71 -0.80
N SER A 99 -2.08 19.59 -0.03
CA SER A 99 -0.83 19.08 -0.55
C SER A 99 -0.21 18.09 0.44
N VAL A 100 -0.30 16.81 0.09
CA VAL A 100 0.24 15.74 0.92
C VAL A 100 1.62 15.31 0.44
N SER A 101 2.44 14.85 1.36
CA SER A 101 3.79 14.39 1.05
C SER A 101 4.25 13.40 2.12
N VAL A 102 5.37 12.75 1.91
CA VAL A 102 5.90 11.80 2.88
C VAL A 102 7.29 12.25 3.30
N SER A 103 7.52 12.32 4.60
CA SER A 103 8.81 12.75 5.10
C SER A 103 9.17 12.00 6.39
N ALA A 104 10.26 11.25 6.33
CA ALA A 104 10.77 10.47 7.47
C ALA A 104 9.74 9.45 7.96
N ASN A 105 9.22 8.66 7.02
CA ASN A 105 8.25 7.60 7.31
C ASN A 105 6.98 8.18 7.94
N LYS A 106 6.72 9.44 7.66
CA LYS A 106 5.55 10.12 8.18
C LYS A 106 4.84 10.84 7.05
N LEU A 107 3.52 10.77 7.03
CA LEU A 107 2.77 11.43 6.00
C LEU A 107 2.46 12.85 6.44
N LEU A 108 2.89 13.81 5.63
CA LEU A 108 2.69 15.21 5.93
C LEU A 108 1.58 15.78 5.09
N VAL A 109 0.52 16.19 5.74
CA VAL A 109 -0.60 16.78 5.05
C VAL A 109 -0.64 18.27 5.36
N GLN A 110 -0.50 19.09 4.34
CA GLN A 110 -0.48 20.52 4.53
C GLN A 110 -1.30 21.22 3.44
N PRO A 111 -2.06 22.25 3.81
CA PRO A 111 -2.90 22.98 2.87
C PRO A 111 -2.09 23.99 2.05
N VAL A 112 -2.58 24.32 0.88
CA VAL A 112 -1.91 25.28 0.02
C VAL A 112 -2.85 26.44 -0.29
N PRO A 113 -2.31 27.66 -0.41
CA PRO A 113 -3.10 28.85 -0.69
C PRO A 113 -3.37 29.01 -2.19
N VAL A 114 -4.42 28.36 -2.65
CA VAL A 114 -4.78 28.40 -4.05
C VAL A 114 -6.23 28.87 -4.25
N SER A 115 -6.63 29.02 -5.50
CA SER A 115 -7.98 29.44 -5.81
C SER A 115 -8.46 28.74 -7.09
N SER A 116 -9.77 28.78 -7.33
CA SER A 116 -10.34 28.14 -8.50
C SER A 116 -10.09 28.96 -9.76
N GLY A 117 -10.09 30.29 -9.61
CA GLY A 117 -9.87 31.16 -10.74
C GLY A 117 -8.40 31.22 -11.16
N ALA A 118 -8.08 30.51 -12.22
CA ALA A 118 -6.71 30.47 -12.73
C ALA A 118 -6.51 31.55 -13.79
N LYS A 119 -7.57 31.88 -14.50
CA LYS A 119 -7.50 32.89 -15.54
C LYS A 119 -7.78 34.27 -14.97
N LEU A 120 -7.63 35.29 -15.80
CA LEU A 120 -7.88 36.66 -15.37
C LEU A 120 -9.14 37.19 -16.05
N GLY A 1 24.02 -82.56 14.73
CA GLY A 1 23.42 -81.74 13.66
C GLY A 1 24.46 -80.95 12.90
N SER A 2 24.75 -81.39 11.68
CA SER A 2 25.74 -80.72 10.85
C SER A 2 25.11 -79.54 10.12
N HIS A 3 25.66 -78.35 10.33
CA HIS A 3 25.15 -77.15 9.70
C HIS A 3 26.07 -76.69 8.58
N MET A 4 25.54 -75.89 7.67
CA MET A 4 26.30 -75.38 6.55
C MET A 4 26.25 -73.85 6.52
N THR A 5 27.09 -73.26 5.70
CA THR A 5 27.17 -71.82 5.57
C THR A 5 26.11 -71.31 4.58
N LYS A 6 25.58 -70.13 4.84
CA LYS A 6 24.56 -69.52 3.99
C LYS A 6 24.59 -68.00 4.13
N PRO A 7 24.36 -67.27 3.02
CA PRO A 7 24.37 -65.82 3.02
C PRO A 7 23.08 -65.21 3.59
N ALA A 8 22.93 -63.91 3.46
CA ALA A 8 21.76 -63.22 3.96
C ALA A 8 21.39 -62.05 3.05
N PRO A 9 20.08 -61.80 2.86
CA PRO A 9 19.62 -60.69 2.00
C PRO A 9 20.12 -59.35 2.48
N ASP A 10 20.87 -58.65 1.63
CA ASP A 10 21.40 -57.34 1.97
C ASP A 10 20.34 -56.27 1.76
N PHE A 11 20.64 -55.07 2.24
CA PHE A 11 19.74 -53.94 2.11
C PHE A 11 20.45 -52.76 1.49
N GLY A 12 19.69 -51.85 0.91
CA GLY A 12 20.30 -50.68 0.29
C GLY A 12 19.28 -49.78 -0.37
N GLY A 13 19.39 -48.49 -0.10
CA GLY A 13 18.48 -47.52 -0.68
C GLY A 13 18.80 -47.25 -2.13
N ARG A 14 18.32 -48.12 -3.00
CA ARG A 14 18.56 -47.98 -4.43
C ARG A 14 17.30 -47.56 -5.17
N TRP A 15 16.20 -47.46 -4.43
CA TRP A 15 14.93 -47.08 -5.03
C TRP A 15 14.67 -45.59 -4.87
N LYS A 16 15.58 -44.89 -4.22
CA LYS A 16 15.46 -43.46 -4.01
C LYS A 16 15.90 -42.72 -5.27
N HIS A 17 14.94 -42.48 -6.16
CA HIS A 17 15.22 -41.80 -7.41
C HIS A 17 15.12 -40.29 -7.22
N VAL A 18 16.26 -39.65 -7.05
CA VAL A 18 16.32 -38.20 -6.86
C VAL A 18 17.50 -37.59 -7.60
N ASN A 19 17.26 -36.49 -8.27
CA ASN A 19 18.30 -35.79 -9.01
C ASN A 19 19.07 -34.86 -8.09
N HIS A 20 18.33 -34.05 -7.33
CA HIS A 20 18.94 -33.10 -6.41
C HIS A 20 18.03 -32.88 -5.21
N PHE A 21 18.59 -32.32 -4.15
CA PHE A 21 17.83 -32.05 -2.94
C PHE A 21 17.28 -30.63 -2.98
N ASP A 22 16.32 -30.39 -3.85
CA ASP A 22 15.72 -29.07 -3.99
C ASP A 22 14.71 -28.81 -2.89
N GLU A 23 15.10 -27.99 -1.93
CA GLU A 23 14.23 -27.64 -0.82
C GLU A 23 13.35 -26.46 -1.22
N ALA A 24 13.89 -25.60 -2.08
CA ALA A 24 13.19 -24.43 -2.57
C ALA A 24 13.83 -23.96 -3.86
N PRO A 25 13.08 -23.26 -4.73
CA PRO A 25 13.60 -22.75 -6.01
C PRO A 25 14.76 -21.79 -5.80
N THR A 26 14.72 -21.06 -4.69
CA THR A 26 15.76 -20.11 -4.36
C THR A 26 15.50 -19.57 -2.96
N GLU A 27 16.52 -19.00 -2.34
CA GLU A 27 16.39 -18.43 -1.01
C GLU A 27 16.65 -16.93 -1.05
N ILE A 28 15.65 -16.18 -1.48
CA ILE A 28 15.77 -14.74 -1.58
C ILE A 28 14.88 -14.05 -0.54
N PRO A 29 15.25 -12.84 -0.10
CA PRO A 29 14.47 -12.09 0.86
C PRO A 29 13.14 -11.66 0.25
N LEU A 30 12.07 -11.70 1.04
CA LEU A 30 10.77 -11.33 0.56
C LEU A 30 10.40 -9.94 1.06
N TYR A 31 10.37 -8.99 0.15
CA TYR A 31 10.04 -7.63 0.50
C TYR A 31 8.59 -7.33 0.17
N THR A 32 7.87 -6.78 1.14
CA THR A 32 6.47 -6.44 0.97
C THR A 32 6.32 -5.08 0.28
N SER A 33 5.33 -4.99 -0.59
CA SER A 33 5.07 -3.76 -1.31
C SER A 33 3.57 -3.48 -1.33
N TYR A 34 3.13 -2.64 -0.41
CA TYR A 34 1.72 -2.29 -0.29
C TYR A 34 1.32 -1.26 -1.33
N THR A 35 0.25 -1.57 -2.07
CA THR A 35 -0.25 -0.66 -3.07
C THR A 35 -1.19 0.37 -2.44
N TYR A 36 -0.79 1.62 -2.54
CA TYR A 36 -1.57 2.71 -1.99
C TYR A 36 -2.64 3.15 -2.97
N GLN A 37 -3.90 2.97 -2.57
CA GLN A 37 -5.04 3.33 -3.41
C GLN A 37 -6.24 3.66 -2.53
N ALA A 38 -7.07 4.59 -2.99
CA ALA A 38 -8.27 4.97 -2.25
C ALA A 38 -9.38 3.97 -2.52
N THR A 39 -10.09 3.58 -1.47
CA THR A 39 -11.17 2.63 -1.60
C THR A 39 -12.48 3.25 -1.14
N PRO A 40 -13.63 2.71 -1.59
CA PRO A 40 -14.95 3.22 -1.20
C PRO A 40 -15.25 2.96 0.28
N MET A 41 -14.38 2.19 0.92
CA MET A 41 -14.53 1.87 2.33
C MET A 41 -13.94 2.96 3.19
N ASP A 42 -13.10 3.79 2.59
CA ASP A 42 -12.45 4.89 3.31
C ASP A 42 -13.44 6.00 3.61
N GLY A 43 -14.18 6.41 2.59
CA GLY A 43 -15.16 7.45 2.75
C GLY A 43 -14.56 8.84 2.61
N THR A 44 -13.62 9.17 3.49
CA THR A 44 -12.98 10.48 3.46
C THR A 44 -11.47 10.34 3.30
N LEU A 45 -10.82 11.47 3.07
CA LEU A 45 -9.38 11.51 2.89
C LEU A 45 -8.68 11.17 4.21
N LYS A 46 -9.24 11.66 5.32
CA LYS A 46 -8.68 11.39 6.63
C LYS A 46 -8.61 9.88 6.88
N THR A 47 -9.75 9.21 6.74
CA THR A 47 -9.83 7.78 6.93
C THR A 47 -9.01 7.03 5.87
N MET A 48 -8.86 7.65 4.70
CA MET A 48 -8.09 7.05 3.61
C MET A 48 -6.61 7.03 3.95
N LEU A 49 -6.05 8.20 4.27
CA LEU A 49 -4.63 8.29 4.63
C LEU A 49 -4.34 7.51 5.91
N GLU A 50 -5.31 7.48 6.82
CA GLU A 50 -5.14 6.77 8.08
C GLU A 50 -4.89 5.28 7.84
N ARG A 51 -5.59 4.73 6.85
CA ARG A 51 -5.44 3.32 6.50
C ARG A 51 -4.08 3.08 5.87
N TRP A 52 -3.68 4.00 4.99
CA TRP A 52 -2.39 3.91 4.31
C TRP A 52 -1.26 3.86 5.33
N ALA A 53 -1.30 4.78 6.27
CA ALA A 53 -0.28 4.86 7.30
C ALA A 53 -0.34 3.66 8.25
N ALA A 54 -1.56 3.29 8.65
CA ALA A 54 -1.76 2.18 9.58
C ALA A 54 -1.15 0.88 9.06
N ASP A 55 -1.30 0.62 7.78
CA ASP A 55 -0.77 -0.60 7.18
C ASP A 55 0.74 -0.67 7.28
N SER A 56 1.40 0.46 7.11
CA SER A 56 2.86 0.51 7.15
C SER A 56 3.37 0.98 8.51
N ASN A 57 2.47 1.05 9.50
CA ASN A 57 2.82 1.49 10.86
C ASN A 57 3.41 2.90 10.85
N MET A 58 2.98 3.69 9.88
CA MET A 58 3.45 5.06 9.72
C MET A 58 2.55 6.03 10.45
N GLN A 59 2.99 7.27 10.55
CA GLN A 59 2.22 8.30 11.24
C GLN A 59 1.61 9.27 10.25
N LEU A 60 0.48 9.84 10.63
CA LEU A 60 -0.21 10.81 9.78
C LEU A 60 -0.25 12.19 10.43
N SER A 61 0.20 13.18 9.71
CA SER A 61 0.20 14.54 10.16
C SER A 61 -0.85 15.32 9.38
N TYR A 62 -2.03 15.46 9.97
CA TYR A 62 -3.12 16.16 9.34
C TYR A 62 -3.14 17.61 9.79
N ASN A 63 -2.66 18.50 8.92
CA ASN A 63 -2.61 19.92 9.24
C ASN A 63 -3.76 20.65 8.58
N LEU A 64 -4.87 19.95 8.41
CA LEU A 64 -6.05 20.52 7.79
C LEU A 64 -7.10 20.80 8.86
N PRO A 65 -7.96 21.81 8.64
CA PRO A 65 -9.00 22.18 9.59
C PRO A 65 -10.12 21.15 9.68
N SER A 66 -10.34 20.43 8.60
CA SER A 66 -11.40 19.41 8.56
C SER A 66 -11.06 18.32 7.55
N ASP A 67 -11.80 17.23 7.60
CA ASP A 67 -11.61 16.12 6.68
C ASP A 67 -12.55 16.29 5.50
N TYR A 68 -12.11 15.87 4.32
CA TYR A 68 -12.92 16.00 3.11
C TYR A 68 -13.07 14.64 2.45
N THR A 69 -14.11 14.51 1.63
CA THR A 69 -14.37 13.27 0.93
C THR A 69 -13.52 13.16 -0.34
N LEU A 70 -13.43 11.95 -0.88
CA LEU A 70 -12.65 11.73 -2.09
C LEU A 70 -13.37 12.35 -3.28
N ILE A 71 -12.72 13.30 -3.94
CA ILE A 71 -13.30 13.99 -5.10
C ILE A 71 -13.69 13.03 -6.22
N GLY A 72 -12.92 11.96 -6.40
CA GLY A 72 -13.24 11.00 -7.44
C GLY A 72 -12.02 10.26 -7.97
N PRO A 73 -11.16 10.95 -8.76
CA PRO A 73 -9.95 10.35 -9.36
C PRO A 73 -8.93 9.84 -8.33
N VAL A 74 -9.22 10.05 -7.05
CA VAL A 74 -8.34 9.62 -5.98
C VAL A 74 -8.19 8.09 -5.99
N SER A 75 -9.30 7.41 -6.22
CA SER A 75 -9.31 5.95 -6.26
C SER A 75 -8.65 5.42 -7.53
N ALA A 76 -8.32 6.32 -8.44
CA ALA A 76 -7.68 5.94 -9.69
C ALA A 76 -6.16 5.96 -9.57
N ILE A 77 -5.69 6.27 -8.37
CA ILE A 77 -4.26 6.32 -8.09
C ILE A 77 -3.85 5.08 -7.30
N SER A 78 -3.03 4.23 -7.92
CA SER A 78 -2.58 3.01 -7.28
C SER A 78 -1.10 2.74 -7.54
N THR A 79 -0.27 3.07 -6.56
CA THR A 79 1.17 2.87 -6.65
C THR A 79 1.70 2.19 -5.39
N THR A 80 2.84 1.51 -5.50
CA THR A 80 3.43 0.86 -4.36
C THR A 80 4.36 1.81 -3.60
N SER A 81 4.67 2.93 -4.23
CA SER A 81 5.54 3.93 -3.62
C SER A 81 4.72 4.97 -2.89
N VAL A 82 4.90 5.05 -1.58
CA VAL A 82 4.16 6.02 -0.76
C VAL A 82 4.58 7.44 -1.15
N GLN A 83 5.82 7.60 -1.58
CA GLN A 83 6.34 8.89 -2.00
C GLN A 83 5.64 9.33 -3.28
N GLN A 84 5.48 8.39 -4.20
CA GLN A 84 4.82 8.68 -5.47
C GLN A 84 3.34 8.95 -5.23
N ALA A 85 2.73 8.13 -4.38
CA ALA A 85 1.32 8.26 -4.03
C ALA A 85 1.04 9.67 -3.51
N ALA A 86 1.86 10.12 -2.59
CA ALA A 86 1.71 11.46 -2.01
C ALA A 86 1.85 12.52 -3.08
N THR A 87 2.79 12.31 -3.99
CA THR A 87 3.04 13.24 -5.08
C THR A 87 1.85 13.31 -6.03
N GLU A 88 1.35 12.14 -6.43
CA GLU A 88 0.21 12.08 -7.34
C GLU A 88 -1.05 12.64 -6.69
N LEU A 89 -1.22 12.36 -5.40
CA LEU A 89 -2.38 12.87 -4.66
C LEU A 89 -2.34 14.38 -4.63
N SER A 90 -1.19 14.93 -4.27
CA SER A 90 -1.00 16.37 -4.20
C SER A 90 -1.25 17.02 -5.55
N ALA A 91 -0.94 16.31 -6.62
CA ALA A 91 -1.15 16.83 -7.96
C ALA A 91 -2.62 17.12 -8.21
N VAL A 92 -3.49 16.22 -7.74
CA VAL A 92 -4.93 16.37 -7.91
C VAL A 92 -5.52 17.26 -6.82
N TYR A 93 -5.03 17.06 -5.60
CA TYR A 93 -5.50 17.80 -4.44
C TYR A 93 -5.09 19.27 -4.47
N ALA A 94 -4.00 19.57 -5.18
CA ALA A 94 -3.50 20.94 -5.28
C ALA A 94 -4.58 21.93 -5.66
N ALA A 95 -5.43 21.56 -6.61
CA ALA A 95 -6.50 22.44 -7.06
C ALA A 95 -7.51 22.71 -5.96
N GLN A 96 -7.58 21.82 -4.98
CA GLN A 96 -8.51 21.97 -3.86
C GLN A 96 -7.82 22.63 -2.67
N GLY A 97 -6.52 22.87 -2.79
CA GLY A 97 -5.78 23.50 -1.72
C GLY A 97 -5.22 22.51 -0.72
N VAL A 98 -5.01 21.28 -1.15
CA VAL A 98 -4.48 20.24 -0.28
C VAL A 98 -3.25 19.58 -0.92
N SER A 99 -2.25 19.31 -0.11
CA SER A 99 -1.05 18.65 -0.58
C SER A 99 -0.53 17.67 0.46
N VAL A 100 -0.05 16.52 0.01
CA VAL A 100 0.45 15.49 0.90
C VAL A 100 1.87 15.06 0.53
N SER A 101 2.72 14.96 1.53
CA SER A 101 4.09 14.55 1.32
C SER A 101 4.51 13.62 2.45
N VAL A 102 5.31 12.61 2.13
CA VAL A 102 5.76 11.68 3.14
C VAL A 102 7.23 11.91 3.45
N SER A 103 7.53 12.06 4.73
CA SER A 103 8.89 12.31 5.17
C SER A 103 9.12 11.66 6.52
N ALA A 104 10.21 10.90 6.64
CA ALA A 104 10.57 10.19 7.87
C ALA A 104 9.49 9.20 8.27
N ASN A 105 8.92 8.52 7.27
CA ASN A 105 7.86 7.52 7.47
C ASN A 105 6.63 8.16 8.06
N LYS A 106 6.43 9.43 7.75
CA LYS A 106 5.29 10.17 8.25
C LYS A 106 4.62 10.90 7.10
N LEU A 107 3.31 10.79 7.01
CA LEU A 107 2.55 11.45 5.97
C LEU A 107 2.18 12.84 6.46
N LEU A 108 2.59 13.86 5.74
CA LEU A 108 2.31 15.23 6.14
C LEU A 108 1.37 15.91 5.17
N VAL A 109 0.19 16.25 5.66
CA VAL A 109 -0.78 16.93 4.83
C VAL A 109 -0.69 18.42 5.11
N GLN A 110 -0.38 19.21 4.08
CA GLN A 110 -0.26 20.64 4.23
C GLN A 110 -1.03 21.35 3.13
N PRO A 111 -1.89 22.30 3.51
CA PRO A 111 -2.69 23.04 2.54
C PRO A 111 -1.85 24.05 1.77
N VAL A 112 -2.01 24.03 0.46
CA VAL A 112 -1.28 24.94 -0.41
C VAL A 112 -2.06 26.23 -0.62
N PRO A 113 -1.37 27.36 -0.82
CA PRO A 113 -1.99 28.67 -1.00
C PRO A 113 -2.55 28.87 -2.41
N VAL A 114 -3.65 28.21 -2.72
CA VAL A 114 -4.27 28.35 -4.03
C VAL A 114 -5.75 28.66 -3.89
N SER A 115 -6.21 29.65 -4.63
CA SER A 115 -7.60 30.05 -4.62
C SER A 115 -7.90 30.93 -5.82
N SER A 116 -9.17 31.03 -6.19
CA SER A 116 -9.58 31.84 -7.32
C SER A 116 -9.22 33.31 -7.10
N GLY A 117 -8.33 33.82 -7.92
CA GLY A 117 -7.91 35.21 -7.81
C GLY A 117 -6.52 35.31 -7.20
N ALA A 118 -5.52 35.37 -8.06
CA ALA A 118 -4.14 35.48 -7.61
C ALA A 118 -3.50 36.75 -8.15
N LYS A 119 -3.44 37.78 -7.31
CA LYS A 119 -2.86 39.05 -7.70
C LYS A 119 -1.33 38.99 -7.59
N LEU A 120 -0.70 38.38 -8.57
CA LEU A 120 0.74 38.25 -8.60
C LEU A 120 1.28 38.79 -9.92
N GLY A 1 22.33 -80.96 -40.55
CA GLY A 1 22.66 -79.62 -40.01
C GLY A 1 22.15 -79.43 -38.61
N SER A 2 22.87 -78.65 -37.82
CA SER A 2 22.49 -78.40 -36.43
C SER A 2 22.42 -76.89 -36.17
N HIS A 3 21.20 -76.36 -36.13
CA HIS A 3 20.98 -74.94 -35.87
C HIS A 3 21.33 -74.59 -34.43
N MET A 4 21.81 -73.37 -34.21
CA MET A 4 22.19 -72.92 -32.88
C MET A 4 22.16 -71.40 -32.81
N THR A 5 21.95 -70.86 -31.61
CA THR A 5 21.89 -69.43 -31.41
C THR A 5 22.64 -69.04 -30.14
N LYS A 6 23.74 -68.31 -30.29
CA LYS A 6 24.54 -67.87 -29.17
C LYS A 6 24.66 -66.34 -29.15
N PRO A 7 23.65 -65.66 -28.60
CA PRO A 7 23.62 -64.21 -28.51
C PRO A 7 24.13 -63.71 -27.16
N ALA A 8 24.29 -62.40 -27.02
CA ALA A 8 24.76 -61.83 -25.77
C ALA A 8 23.95 -60.60 -25.41
N PRO A 9 23.63 -60.44 -24.13
CA PRO A 9 22.85 -59.30 -23.64
C PRO A 9 23.67 -58.01 -23.59
N ASP A 10 23.20 -56.99 -24.28
CA ASP A 10 23.88 -55.71 -24.30
C ASP A 10 23.15 -54.71 -23.43
N PHE A 11 23.84 -53.64 -23.07
CA PHE A 11 23.25 -52.60 -22.25
C PHE A 11 23.65 -51.23 -22.78
N GLY A 12 23.15 -50.90 -23.96
CA GLY A 12 23.45 -49.63 -24.57
C GLY A 12 22.75 -48.50 -23.86
N GLY A 13 23.53 -47.60 -23.29
CA GLY A 13 22.97 -46.47 -22.57
C GLY A 13 23.30 -46.54 -21.09
N ARG A 14 24.29 -47.35 -20.75
CA ARG A 14 24.71 -47.51 -19.36
C ARG A 14 25.53 -46.30 -18.93
N TRP A 15 26.01 -45.54 -19.89
CA TRP A 15 26.80 -44.36 -19.61
C TRP A 15 25.92 -43.11 -19.73
N LYS A 16 24.63 -43.33 -19.92
CA LYS A 16 23.66 -42.24 -20.05
C LYS A 16 23.23 -41.72 -18.69
N HIS A 17 23.95 -42.11 -17.65
CA HIS A 17 23.64 -41.67 -16.30
C HIS A 17 24.01 -40.20 -16.15
N VAL A 18 23.02 -39.40 -15.79
CA VAL A 18 23.23 -37.98 -15.58
C VAL A 18 22.54 -37.54 -14.30
N ASN A 19 23.02 -36.46 -13.70
CA ASN A 19 22.44 -35.97 -12.47
C ASN A 19 22.67 -34.48 -12.30
N HIS A 20 21.60 -33.71 -12.42
CA HIS A 20 21.67 -32.27 -12.27
C HIS A 20 20.73 -31.83 -11.15
N PHE A 21 21.30 -31.62 -9.98
CA PHE A 21 20.53 -31.22 -8.81
C PHE A 21 20.71 -29.74 -8.50
N ASP A 22 20.89 -28.95 -9.54
CA ASP A 22 21.08 -27.52 -9.38
C ASP A 22 19.76 -26.84 -9.04
N GLU A 23 19.66 -26.39 -7.80
CA GLU A 23 18.48 -25.71 -7.32
C GLU A 23 18.87 -24.54 -6.44
N ALA A 24 17.89 -23.81 -5.96
CA ALA A 24 18.16 -22.67 -5.09
C ALA A 24 18.69 -23.17 -3.74
N PRO A 25 19.61 -22.40 -3.12
CA PRO A 25 20.21 -22.76 -1.83
C PRO A 25 19.18 -22.79 -0.69
N THR A 26 18.02 -22.22 -0.96
CA THR A 26 16.94 -22.18 0.00
C THR A 26 15.66 -21.69 -0.67
N GLU A 27 14.53 -21.93 -0.03
CA GLU A 27 13.25 -21.51 -0.58
C GLU A 27 12.54 -20.58 0.40
N ILE A 28 12.81 -19.30 0.28
CA ILE A 28 12.21 -18.29 1.12
C ILE A 28 11.58 -17.18 0.28
N PRO A 29 10.41 -17.47 -0.32
CA PRO A 29 9.70 -16.52 -1.17
C PRO A 29 9.04 -15.40 -0.36
N LEU A 30 9.56 -14.20 -0.51
CA LEU A 30 9.03 -13.04 0.20
C LEU A 30 8.80 -11.89 -0.77
N TYR A 31 7.56 -11.71 -1.17
CA TYR A 31 7.20 -10.66 -2.10
C TYR A 31 6.06 -9.82 -1.53
N THR A 32 6.39 -8.82 -0.75
CA THR A 32 5.39 -7.96 -0.15
C THR A 32 5.48 -6.54 -0.69
N SER A 33 4.41 -6.09 -1.34
CA SER A 33 4.34 -4.75 -1.89
C SER A 33 2.89 -4.26 -1.84
N TYR A 34 2.55 -3.60 -0.74
CA TYR A 34 1.20 -3.10 -0.54
C TYR A 34 0.88 -1.96 -1.50
N THR A 35 -0.21 -2.12 -2.24
CA THR A 35 -0.65 -1.12 -3.19
C THR A 35 -1.50 -0.06 -2.49
N TYR A 36 -1.07 1.18 -2.59
CA TYR A 36 -1.78 2.28 -1.97
C TYR A 36 -2.83 2.80 -2.94
N GLN A 37 -4.10 2.64 -2.56
CA GLN A 37 -5.20 3.09 -3.39
C GLN A 37 -6.35 3.54 -2.50
N ALA A 38 -7.08 4.56 -2.95
CA ALA A 38 -8.22 5.05 -2.20
C ALA A 38 -9.42 4.14 -2.43
N THR A 39 -9.98 3.61 -1.36
CA THR A 39 -11.12 2.71 -1.47
C THR A 39 -12.40 3.35 -0.94
N PRO A 40 -13.57 2.86 -1.36
CA PRO A 40 -14.86 3.40 -0.90
C PRO A 40 -15.04 3.15 0.60
N MET A 41 -14.28 2.20 1.13
CA MET A 41 -14.33 1.88 2.55
C MET A 41 -13.80 3.06 3.33
N ASP A 42 -12.81 3.73 2.75
CA ASP A 42 -12.21 4.90 3.36
C ASP A 42 -13.17 6.06 3.21
N GLY A 43 -13.54 6.34 1.96
CA GLY A 43 -14.47 7.40 1.67
C GLY A 43 -13.86 8.79 1.75
N THR A 44 -13.28 9.11 2.88
CA THR A 44 -12.68 10.42 3.07
C THR A 44 -11.17 10.35 3.09
N LEU A 45 -10.55 11.52 2.98
CA LEU A 45 -9.10 11.65 2.95
C LEU A 45 -8.48 11.16 4.26
N LYS A 46 -9.03 11.61 5.39
CA LYS A 46 -8.50 11.22 6.69
C LYS A 46 -8.53 9.71 6.86
N THR A 47 -9.70 9.12 6.67
CA THR A 47 -9.87 7.68 6.80
C THR A 47 -8.95 6.92 5.86
N MET A 48 -8.78 7.45 4.66
CA MET A 48 -7.93 6.83 3.66
C MET A 48 -6.46 6.89 4.06
N LEU A 49 -5.99 8.09 4.39
CA LEU A 49 -4.60 8.28 4.78
C LEU A 49 -4.29 7.53 6.07
N GLU A 50 -5.27 7.46 6.96
CA GLU A 50 -5.10 6.74 8.22
C GLU A 50 -4.82 5.27 7.94
N ARG A 51 -5.58 4.71 7.00
CA ARG A 51 -5.42 3.32 6.61
C ARG A 51 -4.05 3.11 5.97
N TRP A 52 -3.66 4.05 5.12
CA TRP A 52 -2.37 3.98 4.43
C TRP A 52 -1.22 3.98 5.44
N ALA A 53 -1.20 4.97 6.31
CA ALA A 53 -0.16 5.09 7.32
C ALA A 53 -0.18 3.92 8.28
N ALA A 54 -1.36 3.42 8.61
CA ALA A 54 -1.50 2.30 9.54
C ALA A 54 -0.85 1.05 8.98
N ASP A 55 -1.08 0.79 7.70
CA ASP A 55 -0.52 -0.40 7.04
C ASP A 55 0.99 -0.31 6.93
N SER A 56 1.51 0.89 6.74
CA SER A 56 2.94 1.09 6.60
C SER A 56 3.60 1.39 7.95
N ASN A 57 2.78 1.41 9.01
CA ASN A 57 3.25 1.70 10.35
C ASN A 57 3.96 3.05 10.38
N MET A 58 3.32 4.03 9.76
CA MET A 58 3.86 5.38 9.68
C MET A 58 2.98 6.35 10.44
N GLN A 59 3.49 7.55 10.64
CA GLN A 59 2.76 8.59 11.34
C GLN A 59 2.01 9.47 10.35
N LEU A 60 0.90 10.01 10.77
CA LEU A 60 0.10 10.89 9.91
C LEU A 60 -0.12 12.23 10.59
N SER A 61 0.07 13.28 9.82
CA SER A 61 -0.12 14.62 10.33
C SER A 61 -1.19 15.34 9.50
N TYR A 62 -2.41 15.32 10.00
CA TYR A 62 -3.51 15.98 9.32
C TYR A 62 -3.64 17.41 9.83
N ASN A 63 -3.07 18.34 9.09
CA ASN A 63 -3.10 19.75 9.47
C ASN A 63 -4.20 20.49 8.72
N LEU A 64 -5.18 19.74 8.24
CA LEU A 64 -6.28 20.32 7.52
C LEU A 64 -7.37 20.73 8.51
N PRO A 65 -7.97 21.91 8.28
CA PRO A 65 -9.03 22.45 9.16
C PRO A 65 -10.26 21.56 9.24
N SER A 66 -10.60 20.93 8.12
CA SER A 66 -11.78 20.08 8.07
C SER A 66 -11.48 18.80 7.30
N ASP A 67 -12.40 17.86 7.39
CA ASP A 67 -12.27 16.58 6.70
C ASP A 67 -12.75 16.75 5.26
N TYR A 68 -12.09 16.05 4.34
CA TYR A 68 -12.47 16.13 2.94
C TYR A 68 -12.75 14.73 2.40
N THR A 69 -13.70 14.64 1.49
CA THR A 69 -14.09 13.38 0.90
C THR A 69 -13.41 13.18 -0.45
N LEU A 70 -13.18 11.92 -0.82
CA LEU A 70 -12.56 11.59 -2.10
C LEU A 70 -13.38 12.16 -3.25
N ILE A 71 -12.81 13.13 -3.95
CA ILE A 71 -13.49 13.78 -5.07
C ILE A 71 -13.79 12.82 -6.21
N GLY A 72 -12.93 11.83 -6.43
CA GLY A 72 -13.16 10.88 -7.51
C GLY A 72 -11.88 10.30 -8.10
N PRO A 73 -11.04 11.14 -8.74
CA PRO A 73 -9.78 10.67 -9.36
C PRO A 73 -8.81 10.05 -8.35
N VAL A 74 -9.08 10.26 -7.08
CA VAL A 74 -8.24 9.72 -6.01
C VAL A 74 -8.28 8.20 -6.01
N SER A 75 -9.45 7.65 -6.33
CA SER A 75 -9.64 6.21 -6.35
C SER A 75 -8.92 5.57 -7.54
N ALA A 76 -8.46 6.40 -8.48
CA ALA A 76 -7.77 5.92 -9.66
C ALA A 76 -6.26 5.91 -9.46
N ILE A 77 -5.82 6.26 -8.27
CA ILE A 77 -4.40 6.29 -7.96
C ILE A 77 -3.99 5.01 -7.24
N SER A 78 -3.25 4.15 -7.93
CA SER A 78 -2.80 2.89 -7.37
C SER A 78 -1.31 2.66 -7.60
N THR A 79 -0.51 2.92 -6.58
CA THR A 79 0.94 2.71 -6.67
C THR A 79 1.45 1.94 -5.45
N THR A 80 2.58 1.26 -5.59
CA THR A 80 3.16 0.50 -4.49
C THR A 80 4.15 1.35 -3.69
N SER A 81 4.34 2.58 -4.12
CA SER A 81 5.26 3.49 -3.44
C SER A 81 4.48 4.59 -2.72
N VAL A 82 4.67 4.69 -1.40
CA VAL A 82 3.96 5.71 -0.63
C VAL A 82 4.43 7.11 -1.04
N GLN A 83 5.69 7.22 -1.45
CA GLN A 83 6.23 8.50 -1.88
C GLN A 83 5.58 8.92 -3.18
N GLN A 84 5.50 7.97 -4.12
CA GLN A 84 4.88 8.24 -5.40
C GLN A 84 3.40 8.52 -5.19
N ALA A 85 2.80 7.83 -4.24
CA ALA A 85 1.40 8.01 -3.92
C ALA A 85 1.15 9.44 -3.47
N ALA A 86 1.95 9.90 -2.51
CA ALA A 86 1.82 11.26 -2.01
C ALA A 86 2.09 12.28 -3.11
N THR A 87 2.99 11.92 -4.02
CA THR A 87 3.34 12.80 -5.14
C THR A 87 2.17 12.97 -6.09
N GLU A 88 1.53 11.85 -6.43
CA GLU A 88 0.39 11.87 -7.33
C GLU A 88 -0.82 12.48 -6.63
N LEU A 89 -0.95 12.20 -5.34
CA LEU A 89 -2.05 12.74 -4.54
C LEU A 89 -1.99 14.25 -4.48
N SER A 90 -0.82 14.80 -4.20
CA SER A 90 -0.64 16.24 -4.10
C SER A 90 -0.94 16.93 -5.44
N ALA A 91 -0.69 16.21 -6.54
CA ALA A 91 -0.95 16.77 -7.86
C ALA A 91 -2.45 16.98 -8.08
N VAL A 92 -3.24 16.08 -7.53
CA VAL A 92 -4.69 16.16 -7.64
C VAL A 92 -5.27 17.08 -6.56
N TYR A 93 -4.72 16.94 -5.36
CA TYR A 93 -5.15 17.71 -4.21
C TYR A 93 -4.79 19.18 -4.33
N ALA A 94 -3.75 19.49 -5.08
CA ALA A 94 -3.30 20.87 -5.28
C ALA A 94 -4.45 21.77 -5.71
N ALA A 95 -5.25 21.29 -6.65
CA ALA A 95 -6.39 22.05 -7.16
C ALA A 95 -7.47 22.22 -6.09
N GLN A 96 -7.47 21.31 -5.11
CA GLN A 96 -8.45 21.36 -4.03
C GLN A 96 -7.92 22.20 -2.87
N GLY A 97 -6.64 22.53 -2.90
CA GLY A 97 -6.05 23.34 -1.85
C GLY A 97 -5.37 22.50 -0.79
N VAL A 98 -4.99 21.28 -1.15
CA VAL A 98 -4.33 20.37 -0.21
C VAL A 98 -3.03 19.84 -0.84
N SER A 99 -2.03 19.63 -0.02
CA SER A 99 -0.77 19.10 -0.50
C SER A 99 -0.20 18.09 0.48
N VAL A 100 -0.07 16.85 0.02
CA VAL A 100 0.44 15.77 0.84
C VAL A 100 1.85 15.36 0.42
N SER A 101 2.64 14.99 1.40
CA SER A 101 4.01 14.54 1.16
C SER A 101 4.44 13.65 2.32
N VAL A 102 5.19 12.60 2.03
CA VAL A 102 5.65 11.68 3.06
C VAL A 102 7.11 11.95 3.36
N SER A 103 7.39 12.35 4.58
CA SER A 103 8.74 12.67 4.97
C SER A 103 9.09 12.01 6.31
N ALA A 104 10.11 11.14 6.26
CA ALA A 104 10.60 10.43 7.44
C ALA A 104 9.53 9.55 8.09
N ASN A 105 8.90 8.70 7.27
CA ASN A 105 7.86 7.78 7.74
C ASN A 105 6.68 8.53 8.34
N LYS A 106 6.39 9.70 7.80
CA LYS A 106 5.28 10.49 8.28
C LYS A 106 4.63 11.20 7.11
N LEU A 107 3.31 11.07 7.03
CA LEU A 107 2.55 11.70 5.97
C LEU A 107 2.16 13.10 6.42
N LEU A 108 2.59 14.09 5.66
CA LEU A 108 2.31 15.47 5.98
C LEU A 108 1.20 16.01 5.10
N VAL A 109 0.10 16.37 5.72
CA VAL A 109 -1.02 16.94 5.01
C VAL A 109 -1.16 18.40 5.40
N GLN A 110 -1.03 19.29 4.43
CA GLN A 110 -1.12 20.71 4.71
C GLN A 110 -1.81 21.45 3.56
N PRO A 111 -2.52 22.54 3.88
CA PRO A 111 -3.20 23.34 2.87
C PRO A 111 -2.23 24.27 2.18
N VAL A 112 -2.43 24.48 0.88
CA VAL A 112 -1.56 25.36 0.12
C VAL A 112 -2.21 26.72 -0.05
N PRO A 113 -1.39 27.77 -0.26
CA PRO A 113 -1.90 29.14 -0.43
C PRO A 113 -2.57 29.35 -1.79
N VAL A 114 -3.76 28.77 -1.93
CA VAL A 114 -4.53 28.87 -3.16
C VAL A 114 -6.00 29.09 -2.82
N SER A 115 -6.85 29.19 -3.84
CA SER A 115 -8.27 29.40 -3.61
C SER A 115 -9.09 28.73 -4.71
N SER A 116 -9.63 27.56 -4.40
CA SER A 116 -10.43 26.81 -5.36
C SER A 116 -11.86 27.35 -5.41
N GLY A 117 -12.29 27.77 -6.59
CA GLY A 117 -13.63 28.30 -6.74
C GLY A 117 -13.70 29.77 -6.37
N ALA A 118 -12.74 30.54 -6.89
CA ALA A 118 -12.68 31.96 -6.62
C ALA A 118 -13.60 32.72 -7.57
N LYS A 119 -14.82 32.99 -7.11
CA LYS A 119 -15.80 33.70 -7.92
C LYS A 119 -15.49 35.19 -7.93
N LEU A 120 -15.64 35.79 -9.11
CA LEU A 120 -15.39 37.22 -9.26
C LEU A 120 -16.69 38.00 -9.14
N GLY A 1 31.23 -45.56 -7.50
CA GLY A 1 30.22 -44.98 -6.58
C GLY A 1 30.86 -44.19 -5.47
N SER A 2 30.09 -43.31 -4.85
CA SER A 2 30.59 -42.49 -3.76
C SER A 2 30.37 -43.18 -2.41
N HIS A 3 29.36 -44.05 -2.36
CA HIS A 3 29.05 -44.79 -1.14
C HIS A 3 28.31 -46.08 -1.48
N MET A 4 28.19 -46.96 -0.49
CA MET A 4 27.51 -48.24 -0.68
C MET A 4 26.00 -48.09 -0.53
N THR A 5 25.55 -46.88 -0.23
CA THR A 5 24.13 -46.61 -0.06
C THR A 5 23.43 -46.51 -1.42
N LYS A 6 22.76 -47.58 -1.81
CA LYS A 6 22.05 -47.61 -3.07
C LYS A 6 20.56 -47.33 -2.86
N PRO A 7 19.87 -46.82 -3.88
CA PRO A 7 18.43 -46.53 -3.80
C PRO A 7 17.58 -47.80 -3.78
N ALA A 8 17.66 -48.53 -2.67
CA ALA A 8 16.92 -49.76 -2.49
C ALA A 8 16.73 -50.05 -1.00
N PRO A 9 15.65 -50.74 -0.64
CA PRO A 9 15.37 -51.08 0.76
C PRO A 9 16.30 -52.18 1.30
N ASP A 10 15.87 -52.85 2.35
CA ASP A 10 16.66 -53.91 2.97
C ASP A 10 16.60 -55.18 2.11
N PHE A 11 17.17 -56.28 2.63
CA PHE A 11 17.19 -57.55 1.92
C PHE A 11 15.77 -58.01 1.60
N GLY A 12 14.88 -57.83 2.56
CA GLY A 12 13.50 -58.21 2.39
C GLY A 12 12.59 -57.02 2.56
N GLY A 13 11.34 -57.17 2.16
CA GLY A 13 10.39 -56.08 2.27
C GLY A 13 10.62 -55.04 1.20
N ARG A 14 10.20 -55.37 -0.01
CA ARG A 14 10.37 -54.48 -1.15
C ARG A 14 9.23 -53.47 -1.22
N TRP A 15 9.17 -52.72 -2.32
CA TRP A 15 8.15 -51.70 -2.54
C TRP A 15 8.29 -50.59 -1.51
N LYS A 16 9.54 -50.24 -1.22
CA LYS A 16 9.85 -49.19 -0.25
C LYS A 16 10.80 -48.18 -0.87
N HIS A 17 10.70 -48.03 -2.19
CA HIS A 17 11.55 -47.10 -2.91
C HIS A 17 10.92 -45.71 -2.89
N VAL A 18 11.27 -44.94 -1.88
CA VAL A 18 10.76 -43.59 -1.74
C VAL A 18 11.90 -42.62 -1.49
N ASN A 19 12.32 -41.93 -2.54
CA ASN A 19 13.40 -40.96 -2.43
C ASN A 19 13.24 -39.86 -3.47
N HIS A 20 12.10 -39.85 -4.15
CA HIS A 20 11.82 -38.86 -5.17
C HIS A 20 11.49 -37.53 -4.52
N PHE A 21 12.48 -36.64 -4.48
CA PHE A 21 12.30 -35.34 -3.88
C PHE A 21 11.88 -34.31 -4.92
N ASP A 22 10.91 -33.50 -4.56
CA ASP A 22 10.44 -32.45 -5.46
C ASP A 22 10.68 -31.09 -4.84
N GLU A 23 11.02 -31.13 -3.56
CA GLU A 23 11.32 -29.94 -2.79
C GLU A 23 12.54 -29.25 -3.33
N ALA A 24 12.51 -27.94 -3.29
CA ALA A 24 13.61 -27.14 -3.76
C ALA A 24 13.59 -25.77 -3.12
N PRO A 25 14.77 -25.15 -2.95
CA PRO A 25 14.88 -23.82 -2.36
C PRO A 25 14.10 -22.77 -3.16
N THR A 26 12.89 -22.50 -2.72
CA THR A 26 12.03 -21.53 -3.39
C THR A 26 12.19 -20.16 -2.74
N GLU A 27 13.20 -19.42 -3.18
CA GLU A 27 13.45 -18.10 -2.64
C GLU A 27 13.09 -17.04 -3.67
N ILE A 28 11.85 -16.59 -3.61
CA ILE A 28 11.37 -15.57 -4.53
C ILE A 28 11.29 -14.23 -3.83
N PRO A 29 11.66 -13.15 -4.52
CA PRO A 29 11.62 -11.80 -3.96
C PRO A 29 10.19 -11.39 -3.61
N LEU A 30 9.92 -11.30 -2.33
CA LEU A 30 8.59 -10.93 -1.86
C LEU A 30 8.64 -9.66 -1.01
N TYR A 31 9.11 -8.58 -1.62
CA TYR A 31 9.20 -7.31 -0.92
C TYR A 31 7.79 -6.79 -0.65
N THR A 32 7.46 -6.68 0.64
CA THR A 32 6.15 -6.19 1.03
C THR A 32 5.91 -4.80 0.49
N SER A 33 4.98 -4.68 -0.44
CA SER A 33 4.66 -3.41 -1.04
C SER A 33 3.16 -3.18 -1.07
N TYR A 34 2.68 -2.43 -0.08
CA TYR A 34 1.26 -2.12 0.00
C TYR A 34 0.88 -1.07 -1.02
N THR A 35 0.05 -1.45 -1.99
CA THR A 35 -0.39 -0.52 -3.03
C THR A 35 -1.31 0.53 -2.43
N TYR A 36 -0.85 1.76 -2.47
CA TYR A 36 -1.60 2.88 -1.93
C TYR A 36 -2.68 3.32 -2.91
N GLN A 37 -3.92 3.17 -2.50
CA GLN A 37 -5.05 3.56 -3.32
C GLN A 37 -6.21 3.96 -2.42
N ALA A 38 -7.02 4.90 -2.89
CA ALA A 38 -8.19 5.34 -2.14
C ALA A 38 -9.34 4.39 -2.40
N THR A 39 -9.83 3.75 -1.35
CA THR A 39 -10.93 2.81 -1.50
C THR A 39 -12.24 3.41 -1.00
N PRO A 40 -13.37 2.94 -1.54
CA PRO A 40 -14.69 3.43 -1.14
C PRO A 40 -14.99 3.11 0.33
N MET A 41 -14.18 2.23 0.91
CA MET A 41 -14.34 1.83 2.29
C MET A 41 -13.76 2.90 3.22
N ASP A 42 -12.86 3.71 2.69
CA ASP A 42 -12.23 4.78 3.45
C ASP A 42 -13.22 5.92 3.63
N GLY A 43 -13.80 6.36 2.52
CA GLY A 43 -14.78 7.43 2.57
C GLY A 43 -14.16 8.80 2.44
N THR A 44 -13.35 9.19 3.42
CA THR A 44 -12.73 10.50 3.39
C THR A 44 -11.21 10.40 3.34
N LEU A 45 -10.57 11.53 3.10
CA LEU A 45 -9.13 11.61 3.01
C LEU A 45 -8.48 11.22 4.34
N LYS A 46 -9.11 11.66 5.43
CA LYS A 46 -8.60 11.38 6.77
C LYS A 46 -8.57 9.87 7.02
N THR A 47 -9.69 9.21 6.79
CA THR A 47 -9.79 7.77 6.99
C THR A 47 -8.90 7.00 6.03
N MET A 48 -8.76 7.51 4.81
CA MET A 48 -7.93 6.87 3.79
C MET A 48 -6.46 6.95 4.16
N LEU A 49 -5.99 8.15 4.50
CA LEU A 49 -4.61 8.34 4.88
C LEU A 49 -4.30 7.57 6.15
N GLU A 50 -5.27 7.50 7.05
CA GLU A 50 -5.12 6.77 8.29
C GLU A 50 -4.89 5.29 7.97
N ARG A 51 -5.58 4.81 6.94
CA ARG A 51 -5.47 3.43 6.50
C ARG A 51 -4.08 3.20 5.89
N TRP A 52 -3.67 4.13 5.03
CA TRP A 52 -2.36 4.04 4.37
C TRP A 52 -1.24 3.96 5.40
N ALA A 53 -1.26 4.88 6.36
CA ALA A 53 -0.23 4.93 7.39
C ALA A 53 -0.32 3.73 8.34
N ALA A 54 -1.55 3.35 8.71
CA ALA A 54 -1.74 2.22 9.62
C ALA A 54 -1.27 0.91 9.01
N ASP A 55 -1.57 0.73 7.72
CA ASP A 55 -1.20 -0.50 7.01
C ASP A 55 0.31 -0.59 6.84
N SER A 56 0.95 0.56 6.65
CA SER A 56 2.39 0.60 6.44
C SER A 56 3.15 0.83 7.74
N ASN A 57 2.41 0.89 8.86
CA ASN A 57 3.00 1.13 10.18
C ASN A 57 3.80 2.43 10.19
N MET A 58 3.13 3.51 9.82
CA MET A 58 3.74 4.84 9.77
C MET A 58 2.87 5.84 10.52
N GLN A 59 3.38 7.05 10.67
CA GLN A 59 2.65 8.11 11.36
C GLN A 59 1.97 9.03 10.35
N LEU A 60 0.90 9.69 10.76
CA LEU A 60 0.17 10.59 9.88
C LEU A 60 -0.11 11.92 10.57
N SER A 61 0.12 13.01 9.85
CA SER A 61 -0.12 14.34 10.36
C SER A 61 -1.11 15.09 9.48
N TYR A 62 -2.37 15.08 9.88
CA TYR A 62 -3.43 15.75 9.14
C TYR A 62 -3.55 17.19 9.62
N ASN A 63 -2.94 18.11 8.88
CA ASN A 63 -2.96 19.53 9.26
C ASN A 63 -3.89 20.34 8.35
N LEU A 64 -4.96 19.72 7.89
CA LEU A 64 -5.91 20.40 7.02
C LEU A 64 -6.96 21.13 7.84
N PRO A 65 -7.50 22.24 7.32
CA PRO A 65 -8.54 23.02 8.01
C PRO A 65 -9.82 22.23 8.23
N SER A 66 -10.09 21.29 7.33
CA SER A 66 -11.28 20.45 7.42
C SER A 66 -11.04 19.12 6.74
N ASP A 67 -11.92 18.16 6.98
CA ASP A 67 -11.81 16.85 6.37
C ASP A 67 -12.52 16.86 5.03
N TYR A 68 -11.94 16.20 4.04
CA TYR A 68 -12.53 16.17 2.71
C TYR A 68 -12.81 14.74 2.27
N THR A 69 -13.89 14.58 1.53
CA THR A 69 -14.30 13.28 1.04
C THR A 69 -13.56 12.96 -0.27
N LEU A 70 -13.52 11.69 -0.64
CA LEU A 70 -12.86 11.27 -1.86
C LEU A 70 -13.47 11.99 -3.07
N ILE A 71 -12.63 12.78 -3.74
CA ILE A 71 -13.05 13.55 -4.91
C ILE A 71 -13.54 12.66 -6.04
N GLY A 72 -12.91 11.50 -6.19
CA GLY A 72 -13.29 10.59 -7.25
C GLY A 72 -12.09 9.97 -7.94
N PRO A 73 -11.30 10.76 -8.70
CA PRO A 73 -10.12 10.27 -9.41
C PRO A 73 -9.03 9.78 -8.46
N VAL A 74 -9.19 10.11 -7.18
CA VAL A 74 -8.26 9.69 -6.14
C VAL A 74 -8.22 8.17 -6.05
N SER A 75 -9.35 7.57 -6.32
CA SER A 75 -9.50 6.12 -6.30
C SER A 75 -8.82 5.47 -7.50
N ALA A 76 -8.41 6.29 -8.47
CA ALA A 76 -7.74 5.79 -9.66
C ALA A 76 -6.22 5.78 -9.47
N ILE A 77 -5.78 6.25 -8.31
CA ILE A 77 -4.36 6.30 -7.99
C ILE A 77 -3.99 5.09 -7.16
N SER A 78 -3.17 4.22 -7.72
CA SER A 78 -2.73 3.02 -7.02
C SER A 78 -1.26 2.73 -7.31
N THR A 79 -0.39 3.17 -6.42
CA THR A 79 1.04 2.96 -6.58
C THR A 79 1.64 2.30 -5.34
N THR A 80 2.75 1.62 -5.52
CA THR A 80 3.42 0.93 -4.43
C THR A 80 4.47 1.81 -3.75
N SER A 81 4.71 2.98 -4.30
CA SER A 81 5.68 3.91 -3.75
C SER A 81 4.96 4.99 -2.94
N VAL A 82 5.27 5.06 -1.65
CA VAL A 82 4.65 6.02 -0.75
C VAL A 82 4.83 7.46 -1.23
N GLN A 83 6.07 7.80 -1.57
CA GLN A 83 6.39 9.14 -2.02
C GLN A 83 5.67 9.49 -3.31
N GLN A 84 5.45 8.49 -4.15
CA GLN A 84 4.76 8.72 -5.42
C GLN A 84 3.28 8.92 -5.16
N ALA A 85 2.74 8.15 -4.24
CA ALA A 85 1.32 8.26 -3.88
C ALA A 85 1.00 9.67 -3.42
N ALA A 86 1.83 10.18 -2.52
CA ALA A 86 1.64 11.53 -1.99
C ALA A 86 1.79 12.56 -3.11
N THR A 87 2.80 12.36 -3.95
CA THR A 87 3.06 13.28 -5.06
C THR A 87 1.88 13.28 -6.05
N GLU A 88 1.38 12.09 -6.36
CA GLU A 88 0.26 11.96 -7.28
C GLU A 88 -1.00 12.56 -6.69
N LEU A 89 -1.19 12.35 -5.38
CA LEU A 89 -2.35 12.89 -4.69
C LEU A 89 -2.34 14.40 -4.77
N SER A 90 -1.24 15.01 -4.36
CA SER A 90 -1.09 16.46 -4.37
C SER A 90 -1.29 17.03 -5.77
N ALA A 91 -0.92 16.27 -6.79
CA ALA A 91 -1.08 16.71 -8.16
C ALA A 91 -2.55 16.95 -8.49
N VAL A 92 -3.41 16.07 -7.97
CA VAL A 92 -4.85 16.17 -8.19
C VAL A 92 -5.52 17.00 -7.09
N TYR A 93 -4.94 16.96 -5.90
CA TYR A 93 -5.46 17.64 -4.73
C TYR A 93 -5.10 19.12 -4.65
N ALA A 94 -4.01 19.53 -5.28
CA ALA A 94 -3.57 20.94 -5.25
C ALA A 94 -4.71 21.91 -5.57
N ALA A 95 -5.57 21.54 -6.52
CA ALA A 95 -6.69 22.38 -6.91
C ALA A 95 -7.71 22.53 -5.78
N GLN A 96 -7.66 21.63 -4.81
CA GLN A 96 -8.56 21.65 -3.68
C GLN A 96 -7.89 22.32 -2.48
N GLY A 97 -6.62 22.66 -2.65
CA GLY A 97 -5.87 23.30 -1.59
C GLY A 97 -5.29 22.30 -0.61
N VAL A 98 -5.02 21.10 -1.10
CA VAL A 98 -4.46 20.03 -0.27
C VAL A 98 -3.16 19.50 -0.88
N SER A 99 -2.16 19.31 -0.05
CA SER A 99 -0.89 18.78 -0.50
C SER A 99 -0.33 17.80 0.53
N VAL A 100 -0.08 16.58 0.08
CA VAL A 100 0.44 15.54 0.96
C VAL A 100 1.88 15.18 0.60
N SER A 101 2.65 14.81 1.59
CA SER A 101 4.04 14.43 1.39
C SER A 101 4.47 13.41 2.45
N VAL A 102 5.48 12.63 2.13
CA VAL A 102 5.98 11.62 3.06
C VAL A 102 7.37 12.02 3.52
N SER A 103 7.50 12.28 4.80
CA SER A 103 8.78 12.70 5.35
C SER A 103 9.06 11.99 6.67
N ALA A 104 10.14 11.20 6.68
CA ALA A 104 10.58 10.47 7.87
C ALA A 104 9.55 9.43 8.31
N ASN A 105 9.13 8.59 7.35
CA ASN A 105 8.16 7.53 7.61
C ASN A 105 6.89 8.10 8.22
N LYS A 106 6.54 9.29 7.79
CA LYS A 106 5.36 9.97 8.28
C LYS A 106 4.67 10.68 7.14
N LEU A 107 3.37 10.51 7.06
CA LEU A 107 2.57 11.16 6.04
C LEU A 107 2.14 12.52 6.53
N LEU A 108 2.51 13.56 5.82
CA LEU A 108 2.16 14.91 6.22
C LEU A 108 1.18 15.52 5.24
N VAL A 109 0.07 15.99 5.77
CA VAL A 109 -0.94 16.63 4.96
C VAL A 109 -0.91 18.12 5.28
N GLN A 110 -0.64 18.92 4.26
CA GLN A 110 -0.56 20.36 4.45
C GLN A 110 -1.44 21.10 3.47
N PRO A 111 -2.14 22.14 3.92
CA PRO A 111 -2.98 22.95 3.05
C PRO A 111 -2.14 23.99 2.32
N VAL A 112 -2.37 24.11 1.03
CA VAL A 112 -1.62 25.06 0.23
C VAL A 112 -2.44 26.33 0.00
N PRO A 113 -1.78 27.49 -0.02
CA PRO A 113 -2.43 28.78 -0.20
C PRO A 113 -2.77 29.06 -1.66
N VAL A 114 -3.75 28.34 -2.19
CA VAL A 114 -4.17 28.50 -3.56
C VAL A 114 -5.64 28.89 -3.64
N SER A 115 -6.06 29.33 -4.81
CA SER A 115 -7.45 29.73 -5.02
C SER A 115 -8.29 28.52 -5.43
N SER A 116 -8.65 27.70 -4.45
CA SER A 116 -9.46 26.51 -4.68
C SER A 116 -10.93 26.86 -4.89
N GLY A 117 -11.34 27.95 -4.26
CA GLY A 117 -12.71 28.41 -4.38
C GLY A 117 -12.83 29.90 -4.14
N ALA A 118 -13.86 30.31 -3.43
CA ALA A 118 -14.06 31.72 -3.14
C ALA A 118 -13.51 32.06 -1.76
N LYS A 119 -13.55 31.09 -0.87
CA LYS A 119 -13.05 31.28 0.49
C LYS A 119 -11.97 30.26 0.78
N LEU A 120 -11.37 30.33 1.96
CA LEU A 120 -10.32 29.42 2.34
C LEU A 120 -10.44 29.07 3.82
N GLY A 1 6.64 -87.18 -14.11
CA GLY A 1 7.05 -85.97 -13.36
C GLY A 1 6.28 -84.75 -13.80
N SER A 2 6.06 -83.82 -12.88
CA SER A 2 5.34 -82.60 -13.17
C SER A 2 6.17 -81.70 -14.09
N HIS A 3 5.75 -81.61 -15.34
CA HIS A 3 6.45 -80.80 -16.33
C HIS A 3 5.89 -79.38 -16.35
N MET A 4 6.62 -78.46 -15.73
CA MET A 4 6.23 -77.07 -15.69
C MET A 4 7.44 -76.18 -15.90
N THR A 5 7.25 -75.07 -16.59
CA THR A 5 8.33 -74.15 -16.86
C THR A 5 8.62 -73.26 -15.67
N LYS A 6 7.59 -73.06 -14.84
CA LYS A 6 7.68 -72.22 -13.65
C LYS A 6 8.16 -70.80 -14.01
N PRO A 7 7.25 -69.98 -14.54
CA PRO A 7 7.59 -68.60 -14.93
C PRO A 7 7.73 -67.69 -13.73
N ALA A 8 8.40 -66.56 -13.93
CA ALA A 8 8.60 -65.60 -12.87
C ALA A 8 7.95 -64.28 -13.24
N PRO A 9 7.47 -63.53 -12.24
CA PRO A 9 6.82 -62.24 -12.47
C PRO A 9 7.79 -61.22 -13.06
N ASP A 10 7.31 -60.45 -14.02
CA ASP A 10 8.13 -59.44 -14.68
C ASP A 10 8.11 -58.14 -13.91
N PHE A 11 9.06 -57.27 -14.21
CA PHE A 11 9.14 -55.97 -13.54
C PHE A 11 9.87 -54.97 -14.42
N GLY A 12 9.15 -53.97 -14.90
CA GLY A 12 9.74 -52.96 -15.74
C GLY A 12 8.94 -51.66 -15.70
N GLY A 13 8.85 -50.99 -16.84
CA GLY A 13 8.11 -49.75 -16.91
C GLY A 13 6.61 -49.96 -17.00
N ARG A 14 6.03 -50.51 -15.94
CA ARG A 14 4.59 -50.75 -15.90
C ARG A 14 3.86 -49.52 -15.38
N TRP A 15 4.51 -48.82 -14.47
CA TRP A 15 3.92 -47.63 -13.88
C TRP A 15 4.35 -46.40 -14.68
N LYS A 16 5.66 -46.18 -14.74
CA LYS A 16 6.25 -45.06 -15.47
C LYS A 16 5.72 -43.73 -14.96
N HIS A 17 5.56 -43.60 -13.64
CA HIS A 17 5.07 -42.36 -13.06
C HIS A 17 6.22 -41.37 -12.94
N VAL A 18 6.25 -40.41 -13.85
CA VAL A 18 7.29 -39.38 -13.85
C VAL A 18 6.68 -38.03 -14.21
N ASN A 19 6.40 -37.23 -13.20
CA ASN A 19 5.83 -35.92 -13.42
C ASN A 19 6.29 -34.94 -12.35
N HIS A 20 7.37 -34.25 -12.65
CA HIS A 20 7.93 -33.27 -11.73
C HIS A 20 7.54 -31.86 -12.15
N PHE A 21 7.06 -31.07 -11.21
CA PHE A 21 6.65 -29.70 -11.48
C PHE A 21 7.85 -28.77 -11.31
N ASP A 22 8.33 -28.69 -10.08
CA ASP A 22 9.48 -27.87 -9.75
C ASP A 22 10.13 -28.41 -8.49
N GLU A 23 11.35 -27.98 -8.21
CA GLU A 23 12.06 -28.45 -7.04
C GLU A 23 12.58 -27.27 -6.22
N ALA A 24 11.65 -26.60 -5.57
CA ALA A 24 11.98 -25.45 -4.73
C ALA A 24 10.89 -25.26 -3.67
N PRO A 25 11.26 -25.31 -2.39
CA PRO A 25 10.32 -25.16 -1.28
C PRO A 25 9.60 -23.81 -1.31
N THR A 26 10.35 -22.74 -1.10
CA THR A 26 9.80 -21.40 -1.11
C THR A 26 10.78 -20.43 -1.76
N GLU A 27 10.56 -20.15 -3.03
CA GLU A 27 11.41 -19.23 -3.76
C GLU A 27 10.57 -18.23 -4.54
N ILE A 28 10.10 -17.21 -3.84
CA ILE A 28 9.29 -16.17 -4.46
C ILE A 28 9.95 -14.82 -4.31
N PRO A 29 10.48 -14.26 -5.42
CA PRO A 29 11.15 -12.95 -5.41
C PRO A 29 10.13 -11.82 -5.34
N LEU A 30 9.34 -11.83 -4.30
CA LEU A 30 8.31 -10.82 -4.10
C LEU A 30 8.36 -10.32 -2.67
N TYR A 31 8.49 -9.01 -2.53
CA TYR A 31 8.55 -8.39 -1.22
C TYR A 31 7.21 -7.71 -0.92
N THR A 32 6.85 -7.64 0.36
CA THR A 32 5.61 -7.03 0.76
C THR A 32 5.52 -5.58 0.30
N SER A 33 4.66 -5.32 -0.67
CA SER A 33 4.49 -3.99 -1.19
C SER A 33 3.01 -3.60 -1.17
N TYR A 34 2.62 -2.90 -0.12
CA TYR A 34 1.24 -2.46 0.05
C TYR A 34 0.86 -1.43 -1.00
N THR A 35 -0.24 -1.69 -1.69
CA THR A 35 -0.72 -0.80 -2.73
C THR A 35 -1.54 0.33 -2.11
N TYR A 36 -1.02 1.54 -2.22
CA TYR A 36 -1.68 2.71 -1.69
C TYR A 36 -2.70 3.21 -2.71
N GLN A 37 -3.97 3.01 -2.39
CA GLN A 37 -5.06 3.44 -3.26
C GLN A 37 -6.26 3.83 -2.42
N ALA A 38 -7.28 4.35 -3.07
CA ALA A 38 -8.49 4.77 -2.37
C ALA A 38 -9.60 3.74 -2.50
N THR A 39 -10.16 3.34 -1.38
CA THR A 39 -11.24 2.37 -1.39
C THR A 39 -12.55 3.03 -1.00
N PRO A 40 -13.69 2.50 -1.44
CA PRO A 40 -15.01 3.06 -1.11
C PRO A 40 -15.31 2.92 0.39
N MET A 41 -14.47 2.16 1.08
CA MET A 41 -14.64 1.94 2.51
C MET A 41 -13.99 3.07 3.31
N ASP A 42 -13.09 3.79 2.66
CA ASP A 42 -12.40 4.91 3.30
C ASP A 42 -13.35 6.08 3.46
N GLY A 43 -13.90 6.54 2.34
CA GLY A 43 -14.82 7.66 2.38
C GLY A 43 -14.14 9.00 2.31
N THR A 44 -13.25 9.27 3.26
CA THR A 44 -12.57 10.55 3.30
C THR A 44 -11.05 10.41 3.17
N LEU A 45 -10.41 11.54 2.89
CA LEU A 45 -8.95 11.59 2.72
C LEU A 45 -8.24 11.19 4.01
N LYS A 46 -8.70 11.72 5.13
CA LYS A 46 -8.10 11.42 6.42
C LYS A 46 -8.14 9.92 6.71
N THR A 47 -9.31 9.33 6.56
CA THR A 47 -9.49 7.91 6.80
C THR A 47 -8.61 7.08 5.87
N MET A 48 -8.57 7.48 4.59
CA MET A 48 -7.76 6.78 3.60
C MET A 48 -6.28 6.82 3.98
N LEU A 49 -5.79 8.02 4.28
CA LEU A 49 -4.40 8.21 4.65
C LEU A 49 -4.08 7.49 5.96
N GLU A 50 -5.06 7.45 6.87
CA GLU A 50 -4.91 6.77 8.15
C GLU A 50 -4.65 5.30 7.91
N ARG A 51 -5.40 4.71 6.98
CA ARG A 51 -5.25 3.31 6.62
C ARG A 51 -3.88 3.08 6.00
N TRP A 52 -3.51 3.96 5.07
CA TRP A 52 -2.23 3.90 4.38
C TRP A 52 -1.08 3.87 5.39
N ALA A 53 -1.11 4.81 6.31
CA ALA A 53 -0.08 4.94 7.32
C ALA A 53 -0.07 3.76 8.27
N ALA A 54 -1.22 3.44 8.86
CA ALA A 54 -1.33 2.34 9.82
C ALA A 54 -0.82 1.02 9.26
N ASP A 55 -1.20 0.73 8.01
CA ASP A 55 -0.82 -0.51 7.36
C ASP A 55 0.70 -0.68 7.29
N SER A 56 1.41 0.43 7.10
CA SER A 56 2.87 0.38 6.98
C SER A 56 3.56 0.91 8.23
N ASN A 57 2.83 0.95 9.35
CA ASN A 57 3.37 1.42 10.63
C ASN A 57 3.91 2.84 10.51
N MET A 58 3.24 3.65 9.71
CA MET A 58 3.64 5.04 9.50
C MET A 58 2.71 5.97 10.28
N GLN A 59 3.04 7.25 10.28
CA GLN A 59 2.24 8.25 10.99
C GLN A 59 1.57 9.20 10.02
N LEU A 60 0.50 9.83 10.46
CA LEU A 60 -0.23 10.79 9.63
C LEU A 60 -0.35 12.14 10.33
N SER A 61 -0.02 13.19 9.60
CA SER A 61 -0.11 14.54 10.10
C SER A 61 -1.16 15.31 9.30
N TYR A 62 -2.37 15.37 9.84
CA TYR A 62 -3.46 16.05 9.18
C TYR A 62 -3.52 17.51 9.65
N ASN A 63 -2.96 18.40 8.84
CA ASN A 63 -2.95 19.82 9.18
C ASN A 63 -4.12 20.55 8.54
N LEU A 64 -5.07 19.79 8.02
CA LEU A 64 -6.23 20.38 7.39
C LEU A 64 -7.28 20.69 8.45
N PRO A 65 -8.07 21.76 8.25
CA PRO A 65 -9.11 22.17 9.21
C PRO A 65 -10.12 21.06 9.48
N SER A 66 -10.53 20.35 8.42
CA SER A 66 -11.50 19.28 8.55
C SER A 66 -11.20 18.19 7.52
N ASP A 67 -11.89 17.05 7.64
CA ASP A 67 -11.70 15.95 6.71
C ASP A 67 -12.50 16.19 5.45
N TYR A 68 -12.00 15.70 4.33
CA TYR A 68 -12.67 15.89 3.05
C TYR A 68 -12.92 14.54 2.38
N THR A 69 -14.06 14.44 1.71
CA THR A 69 -14.44 13.23 1.01
C THR A 69 -13.65 13.09 -0.29
N LEU A 70 -13.45 11.86 -0.75
CA LEU A 70 -12.73 11.61 -2.00
C LEU A 70 -13.45 12.30 -3.16
N ILE A 71 -12.68 12.94 -4.02
CA ILE A 71 -13.24 13.64 -5.16
C ILE A 71 -13.54 12.69 -6.31
N GLY A 72 -12.79 11.59 -6.38
CA GLY A 72 -13.01 10.64 -7.45
C GLY A 72 -11.72 10.09 -8.05
N PRO A 73 -10.87 10.96 -8.65
CA PRO A 73 -9.60 10.55 -9.27
C PRO A 73 -8.65 9.87 -8.30
N VAL A 74 -8.93 10.03 -7.02
CA VAL A 74 -8.11 9.44 -5.96
C VAL A 74 -8.11 7.92 -6.05
N SER A 75 -9.25 7.36 -6.43
CA SER A 75 -9.41 5.92 -6.55
C SER A 75 -8.65 5.37 -7.76
N ALA A 76 -8.25 6.26 -8.66
CA ALA A 76 -7.53 5.87 -9.87
C ALA A 76 -6.02 5.84 -9.59
N ILE A 77 -5.65 6.18 -8.37
CA ILE A 77 -4.27 6.19 -7.97
C ILE A 77 -3.97 4.94 -7.15
N SER A 78 -3.16 4.06 -7.71
CA SER A 78 -2.81 2.82 -7.04
C SER A 78 -1.33 2.50 -7.27
N THR A 79 -0.51 2.85 -6.31
CA THR A 79 0.93 2.60 -6.41
C THR A 79 1.44 1.95 -5.13
N THR A 80 2.57 1.26 -5.24
CA THR A 80 3.17 0.60 -4.11
C THR A 80 4.09 1.55 -3.36
N SER A 81 4.48 2.63 -4.03
CA SER A 81 5.36 3.63 -3.44
C SER A 81 4.54 4.75 -2.81
N VAL A 82 4.61 4.85 -1.48
CA VAL A 82 3.87 5.88 -0.77
C VAL A 82 4.29 7.29 -1.21
N GLN A 83 5.56 7.43 -1.58
CA GLN A 83 6.07 8.72 -2.04
C GLN A 83 5.40 9.12 -3.34
N GLN A 84 5.23 8.14 -4.23
CA GLN A 84 4.59 8.37 -5.52
C GLN A 84 3.12 8.72 -5.31
N ALA A 85 2.48 7.99 -4.40
CA ALA A 85 1.08 8.23 -4.09
C ALA A 85 0.85 9.66 -3.65
N ALA A 86 1.66 10.12 -2.71
CA ALA A 86 1.56 11.48 -2.20
C ALA A 86 1.81 12.48 -3.32
N THR A 87 2.72 12.14 -4.22
CA THR A 87 3.06 13.01 -5.34
C THR A 87 1.87 13.17 -6.28
N GLU A 88 1.20 12.06 -6.59
CA GLU A 88 0.03 12.09 -7.46
C GLU A 88 -1.15 12.77 -6.78
N LEU A 89 -1.30 12.50 -5.49
CA LEU A 89 -2.39 13.09 -4.71
C LEU A 89 -2.24 14.61 -4.65
N SER A 90 -1.05 15.08 -4.28
CA SER A 90 -0.80 16.52 -4.17
C SER A 90 -0.95 17.23 -5.52
N ALA A 91 -0.84 16.47 -6.61
CA ALA A 91 -0.98 17.03 -7.94
C ALA A 91 -2.43 17.39 -8.23
N VAL A 92 -3.34 16.46 -7.94
CA VAL A 92 -4.76 16.67 -8.17
C VAL A 92 -5.40 17.47 -7.02
N TYR A 93 -4.82 17.33 -5.84
CA TYR A 93 -5.33 18.00 -4.65
C TYR A 93 -4.86 19.45 -4.54
N ALA A 94 -3.76 19.78 -5.21
CA ALA A 94 -3.22 21.15 -5.18
C ALA A 94 -4.29 22.19 -5.48
N ALA A 95 -5.14 21.93 -6.47
CA ALA A 95 -6.20 22.87 -6.84
C ALA A 95 -7.27 22.95 -5.77
N GLN A 96 -7.33 21.92 -4.93
CA GLN A 96 -8.31 21.87 -3.83
C GLN A 96 -7.75 22.56 -2.60
N GLY A 97 -6.44 22.82 -2.63
CA GLY A 97 -5.79 23.47 -1.50
C GLY A 97 -5.16 22.47 -0.56
N VAL A 98 -4.81 21.30 -1.06
CA VAL A 98 -4.20 20.26 -0.23
C VAL A 98 -2.92 19.72 -0.85
N SER A 99 -1.87 19.66 -0.05
CA SER A 99 -0.59 19.15 -0.51
C SER A 99 -0.10 18.05 0.44
N VAL A 100 -0.07 16.82 -0.04
CA VAL A 100 0.38 15.70 0.77
C VAL A 100 1.79 15.29 0.40
N SER A 101 2.56 14.91 1.40
CA SER A 101 3.94 14.48 1.19
C SER A 101 4.32 13.46 2.26
N VAL A 102 5.43 12.75 2.05
CA VAL A 102 5.88 11.77 3.01
C VAL A 102 7.27 12.14 3.50
N SER A 103 7.39 12.41 4.80
CA SER A 103 8.66 12.79 5.37
C SER A 103 8.91 12.03 6.67
N ALA A 104 9.98 11.24 6.68
CA ALA A 104 10.37 10.45 7.86
C ALA A 104 9.33 9.39 8.17
N ASN A 105 8.86 8.73 7.12
CA ASN A 105 7.86 7.67 7.22
C ASN A 105 6.57 8.22 7.84
N LYS A 106 6.34 9.50 7.62
CA LYS A 106 5.16 10.15 8.12
C LYS A 106 4.49 10.90 6.99
N LEU A 107 3.18 10.76 6.89
CA LEU A 107 2.42 11.42 5.86
C LEU A 107 2.02 12.79 6.35
N LEU A 108 2.41 13.82 5.64
CA LEU A 108 2.10 15.16 6.05
C LEU A 108 1.16 15.82 5.08
N VAL A 109 -0.03 16.14 5.57
CA VAL A 109 -1.01 16.80 4.77
C VAL A 109 -0.98 18.28 5.11
N GLN A 110 -0.65 19.12 4.14
CA GLN A 110 -0.56 20.54 4.38
C GLN A 110 -1.38 21.33 3.38
N PRO A 111 -2.19 22.26 3.86
CA PRO A 111 -3.01 23.10 3.00
C PRO A 111 -2.17 24.14 2.28
N VAL A 112 -2.43 24.33 1.01
CA VAL A 112 -1.68 25.30 0.23
C VAL A 112 -2.54 26.53 -0.05
N PRO A 113 -1.94 27.73 -0.02
CA PRO A 113 -2.66 28.96 -0.26
C PRO A 113 -2.83 29.21 -1.76
N VAL A 114 -3.77 28.50 -2.34
CA VAL A 114 -4.03 28.60 -3.76
C VAL A 114 -5.28 29.44 -4.02
N SER A 115 -5.62 30.28 -3.07
CA SER A 115 -6.79 31.13 -3.18
C SER A 115 -6.37 32.60 -3.17
N SER A 116 -6.42 33.22 -4.34
CA SER A 116 -6.03 34.62 -4.48
C SER A 116 -7.16 35.54 -4.02
N GLY A 117 -7.37 35.60 -2.72
CA GLY A 117 -8.41 36.44 -2.18
C GLY A 117 -9.23 35.71 -1.14
N ALA A 118 -10.54 35.90 -1.16
CA ALA A 118 -11.42 35.25 -0.20
C ALA A 118 -11.98 33.96 -0.80
N LYS A 119 -12.62 33.16 0.04
CA LYS A 119 -13.20 31.89 -0.40
C LYS A 119 -14.49 32.14 -1.17
N LEU A 120 -14.88 31.19 -2.00
CA LEU A 120 -16.11 31.30 -2.77
C LEU A 120 -17.27 30.77 -1.94
N GLY A 1 -9.76 -37.76 -60.60
CA GLY A 1 -9.65 -39.05 -61.31
C GLY A 1 -9.18 -40.17 -60.40
N SER A 2 -8.54 -41.17 -60.97
CA SER A 2 -8.03 -42.30 -60.21
C SER A 2 -6.66 -42.00 -59.61
N HIS A 3 -6.62 -41.88 -58.28
CA HIS A 3 -5.38 -41.59 -57.59
C HIS A 3 -4.82 -42.87 -56.97
N MET A 4 -3.62 -43.25 -57.40
CA MET A 4 -2.96 -44.45 -56.90
C MET A 4 -2.69 -44.32 -55.41
N THR A 5 -3.15 -45.29 -54.64
CA THR A 5 -2.94 -45.29 -53.21
C THR A 5 -1.59 -45.90 -52.87
N LYS A 6 -0.86 -45.24 -51.99
CA LYS A 6 0.47 -45.71 -51.58
C LYS A 6 0.49 -46.03 -50.09
N PRO A 7 1.32 -47.01 -49.68
CA PRO A 7 1.45 -47.39 -48.27
C PRO A 7 2.28 -46.39 -47.46
N ALA A 8 1.77 -45.16 -47.39
CA ALA A 8 2.44 -44.11 -46.66
C ALA A 8 1.88 -43.99 -45.25
N PRO A 9 2.71 -43.60 -44.27
CA PRO A 9 2.28 -43.46 -42.88
C PRO A 9 1.31 -42.30 -42.71
N ASP A 10 0.36 -42.45 -41.81
CA ASP A 10 -0.64 -41.42 -41.57
C ASP A 10 -0.14 -40.41 -40.52
N PHE A 11 0.98 -39.78 -40.83
CA PHE A 11 1.59 -38.77 -39.95
C PHE A 11 1.97 -39.36 -38.60
N GLY A 12 2.67 -40.49 -38.64
CA GLY A 12 3.08 -41.16 -37.42
C GLY A 12 4.08 -40.36 -36.62
N GLY A 13 3.66 -39.94 -35.43
CA GLY A 13 4.54 -39.18 -34.57
C GLY A 13 4.40 -37.68 -34.77
N ARG A 14 3.40 -37.29 -35.55
CA ARG A 14 3.17 -35.88 -35.84
C ARG A 14 1.96 -35.36 -35.09
N TRP A 15 1.28 -36.24 -34.36
CA TRP A 15 0.10 -35.85 -33.60
C TRP A 15 0.39 -35.78 -32.11
N LYS A 16 1.67 -35.84 -31.79
CA LYS A 16 2.11 -35.78 -30.40
C LYS A 16 2.54 -34.36 -30.05
N HIS A 17 2.00 -33.39 -30.78
CA HIS A 17 2.32 -32.00 -30.57
C HIS A 17 1.57 -31.45 -29.36
N VAL A 18 2.18 -31.59 -28.19
CA VAL A 18 1.61 -31.11 -26.95
C VAL A 18 2.70 -30.47 -26.11
N ASN A 19 2.35 -29.42 -25.39
CA ASN A 19 3.31 -28.72 -24.55
C ASN A 19 2.63 -28.17 -23.32
N HIS A 20 3.25 -28.36 -22.16
CA HIS A 20 2.69 -27.88 -20.91
C HIS A 20 3.70 -27.02 -20.15
N PHE A 21 4.60 -26.39 -20.89
CA PHE A 21 5.62 -25.55 -20.29
C PHE A 21 5.28 -24.08 -20.51
N ASP A 22 4.13 -23.67 -20.00
CA ASP A 22 3.65 -22.29 -20.14
C ASP A 22 4.62 -21.32 -19.48
N GLU A 23 4.79 -20.16 -20.11
CA GLU A 23 5.68 -19.15 -19.59
C GLU A 23 4.90 -17.97 -19.05
N ALA A 24 5.50 -17.27 -18.11
CA ALA A 24 4.88 -16.11 -17.50
C ALA A 24 5.36 -14.85 -18.21
N PRO A 25 4.44 -13.89 -18.46
CA PRO A 25 4.79 -12.62 -19.12
C PRO A 25 5.99 -11.95 -18.48
N THR A 26 5.93 -11.77 -17.18
CA THR A 26 7.01 -11.16 -16.42
C THR A 26 7.07 -11.72 -15.01
N GLU A 27 7.89 -12.74 -14.81
CA GLU A 27 8.03 -13.37 -13.51
C GLU A 27 8.77 -12.46 -12.56
N ILE A 28 8.21 -12.27 -11.38
CA ILE A 28 8.80 -11.43 -10.35
C ILE A 28 8.62 -12.06 -8.98
N PRO A 29 9.57 -11.85 -8.08
CA PRO A 29 9.49 -12.39 -6.72
C PRO A 29 8.38 -11.72 -5.92
N LEU A 30 8.01 -12.31 -4.79
CA LEU A 30 6.95 -11.75 -3.96
C LEU A 30 7.53 -10.72 -3.00
N TYR A 31 8.05 -9.65 -3.55
CA TYR A 31 8.63 -8.58 -2.76
C TYR A 31 7.50 -7.75 -2.16
N THR A 32 7.45 -7.70 -0.84
CA THR A 32 6.42 -6.95 -0.14
C THR A 32 6.34 -5.51 -0.62
N SER A 33 5.27 -5.20 -1.32
CA SER A 33 5.06 -3.87 -1.84
C SER A 33 3.57 -3.50 -1.74
N TYR A 34 3.20 -2.89 -0.63
CA TYR A 34 1.82 -2.49 -0.41
C TYR A 34 1.38 -1.43 -1.40
N THR A 35 0.28 -1.71 -2.09
CA THR A 35 -0.27 -0.79 -3.06
C THR A 35 -1.19 0.22 -2.39
N TYR A 36 -0.87 1.50 -2.55
CA TYR A 36 -1.68 2.56 -1.96
C TYR A 36 -2.77 2.97 -2.94
N GLN A 37 -4.02 2.82 -2.51
CA GLN A 37 -5.15 3.16 -3.36
C GLN A 37 -6.36 3.55 -2.52
N ALA A 38 -7.14 4.51 -3.02
CA ALA A 38 -8.33 4.96 -2.33
C ALA A 38 -9.46 3.97 -2.54
N THR A 39 -10.08 3.55 -1.45
CA THR A 39 -11.16 2.58 -1.53
C THR A 39 -12.47 3.22 -1.09
N PRO A 40 -13.62 2.64 -1.49
CA PRO A 40 -14.94 3.16 -1.10
C PRO A 40 -15.22 2.96 0.39
N MET A 41 -14.29 2.31 1.08
CA MET A 41 -14.44 2.05 2.51
C MET A 41 -13.87 3.21 3.31
N ASP A 42 -12.94 3.94 2.70
CA ASP A 42 -12.31 5.08 3.37
C ASP A 42 -13.29 6.23 3.46
N GLY A 43 -13.78 6.68 2.31
CA GLY A 43 -14.73 7.77 2.30
C GLY A 43 -14.06 9.13 2.26
N THR A 44 -13.23 9.41 3.25
CA THR A 44 -12.55 10.70 3.30
C THR A 44 -11.04 10.57 3.30
N LEU A 45 -10.38 11.70 3.20
CA LEU A 45 -8.92 11.78 3.16
C LEU A 45 -8.30 11.28 4.46
N LYS A 46 -8.80 11.79 5.59
CA LYS A 46 -8.26 11.39 6.90
C LYS A 46 -8.39 9.88 7.09
N THR A 47 -9.54 9.34 6.73
CA THR A 47 -9.79 7.91 6.85
C THR A 47 -8.90 7.10 5.92
N MET A 48 -8.70 7.60 4.70
CA MET A 48 -7.87 6.92 3.72
C MET A 48 -6.40 6.90 4.14
N LEU A 49 -5.89 8.07 4.52
CA LEU A 49 -4.51 8.20 4.95
C LEU A 49 -4.23 7.37 6.19
N GLU A 50 -5.21 7.33 7.10
CA GLU A 50 -5.07 6.55 8.33
C GLU A 50 -4.87 5.08 8.00
N ARG A 51 -5.62 4.59 7.01
CA ARG A 51 -5.51 3.19 6.59
C ARG A 51 -4.14 2.93 5.98
N TRP A 52 -3.73 3.82 5.08
CA TRP A 52 -2.44 3.70 4.41
C TRP A 52 -1.30 3.67 5.43
N ALA A 53 -1.29 4.66 6.32
CA ALA A 53 -0.28 4.77 7.35
C ALA A 53 -0.31 3.57 8.29
N ALA A 54 -1.50 3.14 8.68
CA ALA A 54 -1.65 2.01 9.60
C ALA A 54 -1.06 0.74 9.02
N ASP A 55 -1.34 0.47 7.75
CA ASP A 55 -0.85 -0.73 7.09
C ASP A 55 0.67 -0.75 7.04
N SER A 56 1.27 0.40 6.78
CA SER A 56 2.71 0.51 6.67
C SER A 56 3.35 0.93 8.00
N ASN A 57 2.53 0.99 9.05
CA ASN A 57 2.99 1.36 10.39
C ASN A 57 3.68 2.73 10.39
N MET A 58 3.02 3.70 9.77
CA MET A 58 3.55 5.05 9.67
C MET A 58 2.68 6.03 10.44
N GLN A 59 3.14 7.27 10.51
CA GLN A 59 2.43 8.31 11.23
C GLN A 59 1.69 9.22 10.25
N LEU A 60 0.73 9.99 10.75
CA LEU A 60 -0.03 10.90 9.92
C LEU A 60 -0.09 12.29 10.54
N SER A 61 0.05 13.30 9.69
CA SER A 61 0.00 14.68 10.10
C SER A 61 -1.08 15.40 9.28
N TYR A 62 -2.27 15.51 9.84
CA TYR A 62 -3.37 16.17 9.17
C TYR A 62 -3.40 17.65 9.57
N ASN A 63 -2.84 18.49 8.72
CA ASN A 63 -2.79 19.93 9.00
C ASN A 63 -3.93 20.65 8.31
N LEU A 64 -5.00 19.92 8.03
CA LEU A 64 -6.16 20.49 7.36
C LEU A 64 -7.19 20.94 8.39
N PRO A 65 -7.85 22.07 8.13
CA PRO A 65 -8.87 22.63 9.03
C PRO A 65 -10.08 21.72 9.16
N SER A 66 -10.37 20.97 8.10
CA SER A 66 -11.49 20.06 8.09
C SER A 66 -11.15 18.85 7.22
N ASP A 67 -11.77 17.72 7.52
CA ASP A 67 -11.54 16.51 6.75
C ASP A 67 -12.34 16.53 5.46
N TYR A 68 -11.66 16.36 4.34
CA TYR A 68 -12.32 16.38 3.04
C TYR A 68 -12.54 14.96 2.53
N THR A 69 -13.60 14.77 1.76
CA THR A 69 -13.90 13.46 1.22
C THR A 69 -13.28 13.28 -0.16
N LEU A 70 -12.97 12.03 -0.52
CA LEU A 70 -12.37 11.70 -1.81
C LEU A 70 -13.15 12.34 -2.95
N ILE A 71 -12.47 13.16 -3.73
CA ILE A 71 -13.10 13.85 -4.86
C ILE A 71 -13.52 12.88 -5.95
N GLY A 72 -12.81 11.78 -6.08
CA GLY A 72 -13.13 10.79 -7.10
C GLY A 72 -11.91 10.16 -7.75
N PRO A 73 -11.14 10.96 -8.53
CA PRO A 73 -9.93 10.47 -9.24
C PRO A 73 -8.86 9.88 -8.31
N VAL A 74 -9.08 10.01 -7.01
CA VAL A 74 -8.13 9.48 -6.02
C VAL A 74 -8.13 7.97 -6.05
N SER A 75 -9.28 7.38 -6.34
CA SER A 75 -9.43 5.94 -6.40
C SER A 75 -8.74 5.36 -7.63
N ALA A 76 -8.39 6.22 -8.58
CA ALA A 76 -7.73 5.79 -9.81
C ALA A 76 -6.22 5.80 -9.63
N ILE A 77 -5.78 6.18 -8.43
CA ILE A 77 -4.37 6.23 -8.11
C ILE A 77 -3.96 4.96 -7.37
N SER A 78 -3.18 4.14 -8.02
CA SER A 78 -2.73 2.89 -7.43
C SER A 78 -1.23 2.70 -7.66
N THR A 79 -0.45 3.03 -6.65
CA THR A 79 1.00 2.89 -6.73
C THR A 79 1.53 2.14 -5.52
N THR A 80 2.69 1.52 -5.67
CA THR A 80 3.31 0.76 -4.61
C THR A 80 4.24 1.63 -3.75
N SER A 81 4.50 2.85 -4.21
CA SER A 81 5.37 3.77 -3.49
C SER A 81 4.57 4.84 -2.77
N VAL A 82 4.75 4.96 -1.46
CA VAL A 82 4.04 5.96 -0.68
C VAL A 82 4.49 7.36 -1.09
N GLN A 83 5.74 7.46 -1.53
CA GLN A 83 6.30 8.73 -1.96
C GLN A 83 5.64 9.16 -3.27
N GLN A 84 5.45 8.20 -4.17
CA GLN A 84 4.80 8.48 -5.44
C GLN A 84 3.33 8.81 -5.20
N ALA A 85 2.73 8.08 -4.27
CA ALA A 85 1.33 8.30 -3.92
C ALA A 85 1.11 9.74 -3.47
N ALA A 86 1.96 10.21 -2.58
CA ALA A 86 1.86 11.58 -2.07
C ALA A 86 2.09 12.58 -3.20
N THR A 87 2.97 12.21 -4.12
CA THR A 87 3.30 13.05 -5.25
C THR A 87 2.10 13.17 -6.20
N GLU A 88 1.50 12.03 -6.52
CA GLU A 88 0.36 11.99 -7.42
C GLU A 88 -0.87 12.62 -6.76
N LEU A 89 -1.06 12.33 -5.48
CA LEU A 89 -2.18 12.87 -4.73
C LEU A 89 -2.16 14.39 -4.73
N SER A 90 -1.00 14.97 -4.43
CA SER A 90 -0.84 16.43 -4.39
C SER A 90 -1.16 17.07 -5.74
N ALA A 91 -0.89 16.35 -6.82
CA ALA A 91 -1.15 16.87 -8.15
C ALA A 91 -2.64 17.15 -8.35
N VAL A 92 -3.46 16.27 -7.78
CA VAL A 92 -4.90 16.41 -7.87
C VAL A 92 -5.43 17.29 -6.73
N TYR A 93 -4.89 17.07 -5.55
CA TYR A 93 -5.29 17.80 -4.35
C TYR A 93 -4.97 19.28 -4.43
N ALA A 94 -3.96 19.65 -5.21
CA ALA A 94 -3.56 21.05 -5.37
C ALA A 94 -4.73 21.91 -5.82
N ALA A 95 -5.64 21.33 -6.59
CA ALA A 95 -6.80 22.05 -7.09
C ALA A 95 -7.85 22.21 -6.00
N GLN A 96 -7.67 21.50 -4.90
CA GLN A 96 -8.60 21.56 -3.77
C GLN A 96 -7.96 22.27 -2.58
N GLY A 97 -6.71 22.69 -2.77
CA GLY A 97 -5.99 23.39 -1.71
C GLY A 97 -5.38 22.43 -0.70
N VAL A 98 -5.05 21.23 -1.15
CA VAL A 98 -4.45 20.21 -0.29
C VAL A 98 -3.17 19.67 -0.90
N SER A 99 -2.19 19.37 -0.07
CA SER A 99 -0.93 18.83 -0.54
C SER A 99 -0.43 17.79 0.45
N VAL A 100 0.10 16.68 -0.05
CA VAL A 100 0.59 15.62 0.82
C VAL A 100 2.02 15.25 0.49
N SER A 101 2.78 14.93 1.53
CA SER A 101 4.16 14.53 1.39
C SER A 101 4.54 13.60 2.53
N VAL A 102 5.30 12.56 2.24
CA VAL A 102 5.72 11.60 3.25
C VAL A 102 7.15 11.88 3.66
N SER A 103 7.35 12.15 4.93
CA SER A 103 8.67 12.44 5.45
C SER A 103 8.88 11.79 6.81
N ALA A 104 9.94 10.99 6.92
CA ALA A 104 10.28 10.30 8.16
C ALA A 104 9.16 9.36 8.60
N ASN A 105 8.68 8.55 7.66
CA ASN A 105 7.61 7.58 7.92
C ASN A 105 6.35 8.26 8.43
N LYS A 106 6.12 9.48 7.98
CA LYS A 106 4.96 10.24 8.39
C LYS A 106 4.35 10.93 7.19
N LEU A 107 3.05 10.76 7.03
CA LEU A 107 2.35 11.39 5.94
C LEU A 107 1.94 12.78 6.38
N LEU A 108 2.39 13.79 5.68
CA LEU A 108 2.08 15.15 6.04
C LEU A 108 1.13 15.79 5.06
N VAL A 109 -0.02 16.18 5.56
CA VAL A 109 -1.00 16.83 4.74
C VAL A 109 -0.99 18.31 5.07
N GLN A 110 -0.68 19.13 4.10
CA GLN A 110 -0.59 20.57 4.32
C GLN A 110 -1.37 21.33 3.25
N PRO A 111 -2.21 22.28 3.66
CA PRO A 111 -3.00 23.08 2.75
C PRO A 111 -2.13 24.08 2.01
N VAL A 112 -2.32 24.19 0.72
CA VAL A 112 -1.54 25.12 -0.08
C VAL A 112 -2.33 26.39 -0.30
N PRO A 113 -1.66 27.56 -0.33
CA PRO A 113 -2.33 28.85 -0.53
C PRO A 113 -2.79 29.03 -1.97
N VAL A 114 -3.98 28.52 -2.26
CA VAL A 114 -4.55 28.62 -3.60
C VAL A 114 -5.95 29.19 -3.55
N SER A 115 -6.16 30.25 -4.31
CA SER A 115 -7.46 30.90 -4.38
C SER A 115 -7.56 31.70 -5.67
N SER A 116 -7.33 31.02 -6.77
CA SER A 116 -7.37 31.64 -8.09
C SER A 116 -8.82 31.88 -8.52
N GLY A 117 -9.18 33.13 -8.74
CA GLY A 117 -10.54 33.45 -9.15
C GLY A 117 -10.61 34.01 -10.56
N ALA A 118 -9.67 33.61 -11.41
CA ALA A 118 -9.65 34.08 -12.78
C ALA A 118 -10.54 33.20 -13.65
N LYS A 119 -10.54 31.90 -13.38
CA LYS A 119 -11.35 30.96 -14.13
C LYS A 119 -12.10 30.04 -13.17
N LEU A 120 -13.37 30.37 -12.92
CA LEU A 120 -14.19 29.58 -12.02
C LEU A 120 -14.93 28.50 -12.79
N GLY A 1 35.75 -59.63 -38.91
CA GLY A 1 37.04 -59.19 -38.32
C GLY A 1 37.40 -59.97 -37.09
N SER A 2 38.29 -59.43 -36.28
CA SER A 2 38.71 -60.08 -35.05
C SER A 2 37.63 -59.94 -33.97
N HIS A 3 36.53 -60.65 -34.15
CA HIS A 3 35.43 -60.62 -33.21
C HIS A 3 35.85 -61.21 -31.87
N MET A 4 35.51 -60.50 -30.80
CA MET A 4 35.85 -60.94 -29.45
C MET A 4 34.58 -61.13 -28.63
N THR A 5 34.60 -62.15 -27.78
CA THR A 5 33.45 -62.45 -26.94
C THR A 5 33.15 -61.32 -25.96
N LYS A 6 32.10 -60.57 -26.24
CA LYS A 6 31.71 -59.46 -25.39
C LYS A 6 30.29 -59.66 -24.87
N PRO A 7 30.04 -59.30 -23.61
CA PRO A 7 28.71 -59.45 -23.01
C PRO A 7 27.73 -58.45 -23.62
N ALA A 8 26.54 -58.94 -23.93
CA ALA A 8 25.50 -58.10 -24.52
C ALA A 8 24.95 -57.12 -23.48
N PRO A 9 24.41 -55.98 -23.92
CA PRO A 9 23.85 -54.97 -23.03
C PRO A 9 22.74 -55.56 -22.15
N ASP A 10 22.59 -55.01 -20.95
CA ASP A 10 21.58 -55.51 -20.02
C ASP A 10 20.18 -55.10 -20.46
N PHE A 11 19.18 -55.56 -19.73
CA PHE A 11 17.80 -55.27 -20.05
C PHE A 11 16.91 -55.59 -18.86
N GLY A 12 15.81 -54.86 -18.73
CA GLY A 12 14.90 -55.08 -17.62
C GLY A 12 15.29 -54.26 -16.41
N GLY A 13 16.02 -53.17 -16.65
CA GLY A 13 16.44 -52.31 -15.58
C GLY A 13 16.21 -50.85 -15.92
N ARG A 14 15.24 -50.62 -16.80
CA ARG A 14 14.90 -49.27 -17.23
C ARG A 14 14.07 -48.58 -16.17
N TRP A 15 13.24 -49.36 -15.49
CA TRP A 15 12.38 -48.84 -14.44
C TRP A 15 13.16 -48.60 -13.15
N LYS A 16 13.93 -47.51 -13.14
CA LYS A 16 14.72 -47.15 -11.97
C LYS A 16 14.44 -45.70 -11.60
N HIS A 17 13.21 -45.27 -11.87
CA HIS A 17 12.80 -43.91 -11.56
C HIS A 17 12.64 -43.73 -10.05
N VAL A 18 13.66 -43.21 -9.41
CA VAL A 18 13.62 -43.00 -7.96
C VAL A 18 13.92 -41.55 -7.60
N ASN A 19 14.27 -40.75 -8.60
CA ASN A 19 14.58 -39.35 -8.37
C ASN A 19 13.76 -38.47 -9.30
N HIS A 20 12.88 -37.68 -8.71
CA HIS A 20 12.02 -36.78 -9.47
C HIS A 20 12.83 -35.58 -9.96
N PHE A 21 13.23 -34.72 -9.04
CA PHE A 21 14.01 -33.54 -9.38
C PHE A 21 14.63 -32.95 -8.12
N ASP A 22 15.85 -32.43 -8.26
CA ASP A 22 16.56 -31.85 -7.14
C ASP A 22 16.47 -30.32 -7.21
N GLU A 23 15.49 -29.76 -6.51
CA GLU A 23 15.29 -28.31 -6.49
C GLU A 23 14.63 -27.89 -5.20
N ALA A 24 14.23 -26.63 -5.13
CA ALA A 24 13.57 -26.10 -3.94
C ALA A 24 12.05 -26.29 -4.04
N PRO A 25 11.37 -26.46 -2.90
CA PRO A 25 9.92 -26.64 -2.86
C PRO A 25 9.19 -25.48 -3.54
N THR A 26 9.35 -24.28 -3.00
CA THR A 26 8.71 -23.10 -3.56
C THR A 26 9.57 -21.86 -3.29
N GLU A 27 10.60 -21.67 -4.09
CA GLU A 27 11.48 -20.53 -3.94
C GLU A 27 10.88 -19.33 -4.67
N ILE A 28 10.31 -18.42 -3.90
CA ILE A 28 9.70 -17.23 -4.45
C ILE A 28 10.12 -15.99 -3.67
N PRO A 29 10.39 -14.89 -4.37
CA PRO A 29 10.80 -13.64 -3.73
C PRO A 29 9.67 -13.05 -2.89
N LEU A 30 10.01 -12.57 -1.71
CA LEU A 30 9.01 -12.00 -0.82
C LEU A 30 9.36 -10.56 -0.50
N TYR A 31 8.60 -9.65 -1.08
CA TYR A 31 8.82 -8.23 -0.88
C TYR A 31 7.50 -7.56 -0.56
N THR A 32 7.40 -6.99 0.63
CA THR A 32 6.19 -6.30 1.06
C THR A 32 5.93 -5.09 0.18
N SER A 33 4.78 -5.08 -0.48
CA SER A 33 4.42 -3.98 -1.35
C SER A 33 2.92 -3.71 -1.28
N TYR A 34 2.53 -2.86 -0.35
CA TYR A 34 1.14 -2.50 -0.16
C TYR A 34 0.72 -1.45 -1.17
N THR A 35 -0.29 -1.78 -1.98
CA THR A 35 -0.79 -0.85 -2.97
C THR A 35 -1.58 0.26 -2.31
N TYR A 36 -1.08 1.47 -2.42
CA TYR A 36 -1.75 2.61 -1.85
C TYR A 36 -2.81 3.12 -2.82
N GLN A 37 -4.06 2.85 -2.51
CA GLN A 37 -5.17 3.26 -3.35
C GLN A 37 -6.34 3.73 -2.51
N ALA A 38 -7.08 4.70 -3.02
CA ALA A 38 -8.25 5.20 -2.32
C ALA A 38 -9.39 4.21 -2.45
N THR A 39 -9.82 3.68 -1.32
CA THR A 39 -10.90 2.70 -1.32
C THR A 39 -12.22 3.32 -0.92
N PRO A 40 -13.34 2.77 -1.39
CA PRO A 40 -14.68 3.28 -1.07
C PRO A 40 -15.02 3.16 0.41
N MET A 41 -14.22 2.37 1.14
CA MET A 41 -14.45 2.18 2.56
C MET A 41 -13.74 3.28 3.36
N ASP A 42 -12.97 4.10 2.68
CA ASP A 42 -12.26 5.19 3.33
C ASP A 42 -13.19 6.38 3.47
N GLY A 43 -13.68 6.85 2.33
CA GLY A 43 -14.60 7.98 2.33
C GLY A 43 -13.90 9.31 2.31
N THR A 44 -13.09 9.59 3.34
CA THR A 44 -12.41 10.86 3.43
C THR A 44 -10.90 10.72 3.35
N LEU A 45 -10.25 11.87 3.15
CA LEU A 45 -8.79 11.97 3.05
C LEU A 45 -8.11 11.43 4.30
N LYS A 46 -8.63 11.82 5.46
CA LYS A 46 -8.08 11.38 6.73
C LYS A 46 -8.11 9.86 6.84
N THR A 47 -9.30 9.29 6.70
CA THR A 47 -9.48 7.84 6.79
C THR A 47 -8.59 7.10 5.79
N MET A 48 -8.52 7.61 4.57
CA MET A 48 -7.71 7.00 3.54
C MET A 48 -6.24 6.94 3.95
N LEU A 49 -5.69 8.08 4.32
CA LEU A 49 -4.29 8.17 4.73
C LEU A 49 -4.05 7.38 6.01
N GLU A 50 -5.02 7.39 6.91
CA GLU A 50 -4.91 6.66 8.17
C GLU A 50 -4.73 5.17 7.90
N ARG A 51 -5.54 4.65 6.99
CA ARG A 51 -5.48 3.23 6.61
C ARG A 51 -4.16 2.92 5.92
N TRP A 52 -3.70 3.84 5.09
CA TRP A 52 -2.44 3.68 4.37
C TRP A 52 -1.29 3.59 5.36
N ALA A 53 -1.21 4.59 6.24
CA ALA A 53 -0.18 4.66 7.25
C ALA A 53 -0.24 3.48 8.20
N ALA A 54 -1.45 3.07 8.57
CA ALA A 54 -1.65 1.96 9.49
C ALA A 54 -1.03 0.66 8.99
N ASP A 55 -1.15 0.41 7.69
CA ASP A 55 -0.61 -0.82 7.10
C ASP A 55 0.91 -0.86 7.16
N SER A 56 1.55 0.29 6.99
CA SER A 56 3.00 0.36 7.01
C SER A 56 3.52 0.92 8.34
N ASN A 57 2.65 0.98 9.34
CA ASN A 57 3.01 1.48 10.68
C ASN A 57 3.63 2.88 10.59
N MET A 58 3.03 3.72 9.78
CA MET A 58 3.49 5.09 9.59
C MET A 58 2.62 6.06 10.36
N GLN A 59 3.13 7.25 10.61
CA GLN A 59 2.38 8.27 11.31
C GLN A 59 1.73 9.23 10.31
N LEU A 60 0.63 9.85 10.72
CA LEU A 60 -0.08 10.77 9.84
C LEU A 60 -0.19 12.15 10.47
N SER A 61 0.11 13.16 9.66
CA SER A 61 0.04 14.54 10.09
C SER A 61 -1.05 15.25 9.30
N TYR A 62 -2.24 15.32 9.88
CA TYR A 62 -3.37 15.96 9.21
C TYR A 62 -3.55 17.37 9.76
N ASN A 63 -2.99 18.34 9.05
CA ASN A 63 -3.08 19.74 9.45
C ASN A 63 -4.17 20.46 8.68
N LEU A 64 -4.97 19.68 7.96
CA LEU A 64 -6.07 20.24 7.18
C LEU A 64 -7.17 20.74 8.11
N PRO A 65 -7.80 21.86 7.76
CA PRO A 65 -8.88 22.45 8.55
C PRO A 65 -10.02 21.48 8.79
N SER A 66 -10.37 20.69 7.78
CA SER A 66 -11.44 19.72 7.89
C SER A 66 -11.16 18.50 7.04
N ASP A 67 -11.99 17.46 7.18
CA ASP A 67 -11.83 16.24 6.40
C ASP A 67 -12.47 16.43 5.03
N TYR A 68 -11.78 16.00 3.99
CA TYR A 68 -12.31 16.13 2.64
C TYR A 68 -12.61 14.77 2.06
N THR A 69 -13.81 14.60 1.54
CA THR A 69 -14.23 13.34 0.96
C THR A 69 -13.50 13.12 -0.36
N LEU A 70 -13.23 11.86 -0.70
CA LEU A 70 -12.55 11.54 -1.95
C LEU A 70 -13.35 12.09 -3.12
N ILE A 71 -12.82 13.13 -3.75
CA ILE A 71 -13.46 13.79 -4.89
C ILE A 71 -13.79 12.82 -6.03
N GLY A 72 -12.91 11.85 -6.26
CA GLY A 72 -13.15 10.89 -7.33
C GLY A 72 -11.87 10.33 -7.92
N PRO A 73 -11.10 11.15 -8.66
CA PRO A 73 -9.84 10.73 -9.31
C PRO A 73 -8.83 10.13 -8.32
N VAL A 74 -9.04 10.38 -7.04
CA VAL A 74 -8.17 9.87 -5.98
C VAL A 74 -8.12 8.35 -6.01
N SER A 75 -9.26 7.73 -6.32
CA SER A 75 -9.36 6.28 -6.36
C SER A 75 -8.62 5.68 -7.56
N ALA A 76 -8.14 6.52 -8.46
CA ALA A 76 -7.41 6.05 -9.64
C ALA A 76 -5.91 5.99 -9.36
N ILE A 77 -5.51 6.40 -8.16
CA ILE A 77 -4.10 6.38 -7.79
C ILE A 77 -3.78 5.08 -7.06
N SER A 78 -3.06 4.19 -7.73
CA SER A 78 -2.70 2.90 -7.16
C SER A 78 -1.22 2.57 -7.38
N THR A 79 -0.39 2.95 -6.42
CA THR A 79 1.03 2.69 -6.50
C THR A 79 1.52 2.06 -5.20
N THR A 80 2.62 1.32 -5.27
CA THR A 80 3.18 0.69 -4.09
C THR A 80 4.13 1.64 -3.38
N SER A 81 4.58 2.66 -4.10
CA SER A 81 5.49 3.64 -3.55
C SER A 81 4.69 4.77 -2.90
N VAL A 82 4.71 4.81 -1.58
CA VAL A 82 3.97 5.82 -0.82
C VAL A 82 4.38 7.25 -1.23
N GLN A 83 5.64 7.42 -1.59
CA GLN A 83 6.15 8.71 -2.00
C GLN A 83 5.53 9.11 -3.33
N GLN A 84 5.39 8.14 -4.23
CA GLN A 84 4.79 8.40 -5.52
C GLN A 84 3.32 8.75 -5.34
N ALA A 85 2.66 7.99 -4.47
CA ALA A 85 1.25 8.21 -4.16
C ALA A 85 1.02 9.66 -3.73
N ALA A 86 1.84 10.12 -2.78
CA ALA A 86 1.73 11.49 -2.28
C ALA A 86 1.98 12.50 -3.40
N THR A 87 2.90 12.16 -4.30
CA THR A 87 3.25 13.01 -5.41
C THR A 87 2.06 13.18 -6.35
N GLU A 88 1.38 12.07 -6.65
CA GLU A 88 0.22 12.09 -7.52
C GLU A 88 -0.98 12.73 -6.82
N LEU A 89 -1.11 12.45 -5.53
CA LEU A 89 -2.20 13.00 -4.73
C LEU A 89 -2.14 14.52 -4.72
N SER A 90 -0.96 15.07 -4.41
CA SER A 90 -0.76 16.51 -4.36
C SER A 90 -1.08 17.19 -5.68
N ALA A 91 -0.91 16.47 -6.78
CA ALA A 91 -1.19 17.01 -8.11
C ALA A 91 -2.68 17.25 -8.28
N VAL A 92 -3.48 16.36 -7.73
CA VAL A 92 -4.93 16.47 -7.80
C VAL A 92 -5.46 17.35 -6.68
N TYR A 93 -4.89 17.16 -5.51
CA TYR A 93 -5.28 17.88 -4.29
C TYR A 93 -4.97 19.38 -4.36
N ALA A 94 -3.97 19.76 -5.14
CA ALA A 94 -3.59 21.16 -5.28
C ALA A 94 -4.76 22.02 -5.73
N ALA A 95 -5.66 21.44 -6.52
CA ALA A 95 -6.82 22.16 -7.03
C ALA A 95 -7.86 22.37 -5.93
N GLN A 96 -7.71 21.63 -4.84
CA GLN A 96 -8.64 21.71 -3.72
C GLN A 96 -8.00 22.43 -2.52
N GLY A 97 -6.70 22.64 -2.60
CA GLY A 97 -6.00 23.33 -1.53
C GLY A 97 -5.36 22.37 -0.53
N VAL A 98 -4.94 21.21 -1.01
CA VAL A 98 -4.32 20.21 -0.14
C VAL A 98 -3.01 19.69 -0.74
N SER A 99 -2.02 19.45 0.10
CA SER A 99 -0.74 18.93 -0.33
C SER A 99 -0.30 17.82 0.62
N VAL A 100 0.23 16.74 0.06
CA VAL A 100 0.67 15.61 0.87
C VAL A 100 2.09 15.17 0.49
N SER A 101 2.85 14.76 1.48
CA SER A 101 4.22 14.30 1.25
C SER A 101 4.62 13.31 2.33
N VAL A 102 5.54 12.42 2.00
CA VAL A 102 6.00 11.43 2.96
C VAL A 102 7.40 11.80 3.44
N SER A 103 7.52 12.04 4.73
CA SER A 103 8.80 12.42 5.30
C SER A 103 9.02 11.76 6.65
N ALA A 104 10.07 10.93 6.73
CA ALA A 104 10.44 10.22 7.94
C ALA A 104 9.33 9.28 8.41
N ASN A 105 8.86 8.44 7.49
CA ASN A 105 7.81 7.45 7.78
C ASN A 105 6.54 8.14 8.30
N LYS A 106 6.33 9.38 7.88
CA LYS A 106 5.17 10.12 8.30
C LYS A 106 4.56 10.87 7.11
N LEU A 107 3.24 10.81 7.00
CA LEU A 107 2.53 11.49 5.92
C LEU A 107 2.20 12.90 6.36
N LEU A 108 2.69 13.88 5.62
CA LEU A 108 2.44 15.27 5.95
C LEU A 108 1.36 15.84 5.06
N VAL A 109 0.26 16.22 5.67
CA VAL A 109 -0.85 16.80 4.95
C VAL A 109 -0.98 18.26 5.36
N GLN A 110 -0.82 19.15 4.40
CA GLN A 110 -0.89 20.58 4.69
C GLN A 110 -1.72 21.31 3.64
N PRO A 111 -2.46 22.34 4.05
CA PRO A 111 -3.26 23.13 3.14
C PRO A 111 -2.40 24.10 2.33
N VAL A 112 -2.73 24.27 1.06
CA VAL A 112 -1.98 25.17 0.21
C VAL A 112 -2.82 26.37 -0.20
N PRO A 113 -2.21 27.56 -0.32
CA PRO A 113 -2.91 28.77 -0.70
C PRO A 113 -3.15 28.86 -2.20
N VAL A 114 -4.32 28.40 -2.62
CA VAL A 114 -4.69 28.41 -4.03
C VAL A 114 -6.10 28.96 -4.19
N SER A 115 -6.48 29.20 -5.44
CA SER A 115 -7.80 29.71 -5.76
C SER A 115 -8.14 29.43 -7.21
N SER A 116 -9.35 28.97 -7.46
CA SER A 116 -9.80 28.66 -8.81
C SER A 116 -10.93 29.58 -9.20
N GLY A 117 -11.02 30.72 -8.51
CA GLY A 117 -12.06 31.68 -8.78
C GLY A 117 -13.00 31.82 -7.61
N ALA A 118 -13.65 32.97 -7.50
CA ALA A 118 -14.59 33.22 -6.43
C ALA A 118 -16.01 33.30 -6.97
N LYS A 119 -16.91 32.54 -6.38
CA LYS A 119 -18.31 32.51 -6.81
C LYS A 119 -19.10 33.60 -6.10
N LEU A 120 -18.84 34.84 -6.46
CA LEU A 120 -19.53 35.97 -5.86
C LEU A 120 -20.65 36.46 -6.77
N GLY A 1 5.73 -58.83 -33.35
CA GLY A 1 6.09 -57.53 -32.76
C GLY A 1 7.51 -57.12 -33.10
N SER A 2 7.74 -55.84 -33.33
CA SER A 2 9.05 -55.34 -33.67
C SER A 2 10.01 -55.47 -32.48
N HIS A 3 9.46 -55.34 -31.28
CA HIS A 3 10.25 -55.44 -30.06
C HIS A 3 9.35 -55.74 -28.86
N MET A 4 9.26 -57.01 -28.51
CA MET A 4 8.43 -57.43 -27.38
C MET A 4 9.24 -58.26 -26.41
N THR A 5 10.12 -57.61 -25.68
CA THR A 5 10.96 -58.27 -24.71
C THR A 5 10.29 -58.29 -23.34
N LYS A 6 10.85 -59.05 -22.41
CA LYS A 6 10.30 -59.14 -21.06
C LYS A 6 10.96 -58.12 -20.16
N PRO A 7 10.23 -57.06 -19.79
CA PRO A 7 10.76 -56.00 -18.93
C PRO A 7 10.67 -56.36 -17.44
N ALA A 8 11.63 -57.14 -16.98
CA ALA A 8 11.66 -57.56 -15.58
C ALA A 8 12.69 -56.74 -14.80
N PRO A 9 12.31 -56.23 -13.61
CA PRO A 9 13.21 -55.45 -12.77
C PRO A 9 14.42 -56.27 -12.33
N ASP A 10 15.61 -55.73 -12.53
CA ASP A 10 16.84 -56.42 -12.17
C ASP A 10 17.01 -56.51 -10.65
N PHE A 11 17.79 -57.48 -10.21
CA PHE A 11 18.04 -57.66 -8.79
C PHE A 11 19.24 -56.83 -8.37
N GLY A 12 19.02 -55.95 -7.41
CA GLY A 12 20.08 -55.09 -6.93
C GLY A 12 19.79 -53.64 -7.23
N GLY A 13 18.67 -53.40 -7.89
CA GLY A 13 18.28 -52.06 -8.25
C GLY A 13 17.65 -51.31 -7.09
N ARG A 14 18.44 -50.47 -6.44
CA ARG A 14 17.96 -49.67 -5.33
C ARG A 14 17.64 -48.26 -5.81
N TRP A 15 17.44 -47.34 -4.88
CA TRP A 15 17.13 -45.94 -5.21
C TRP A 15 15.79 -45.83 -5.94
N LYS A 16 14.91 -46.78 -5.69
CA LYS A 16 13.61 -46.78 -6.34
C LYS A 16 12.66 -45.84 -5.61
N HIS A 17 12.82 -45.76 -4.29
CA HIS A 17 12.01 -44.88 -3.48
C HIS A 17 12.70 -43.53 -3.37
N VAL A 18 12.37 -42.62 -4.28
CA VAL A 18 12.98 -41.30 -4.28
C VAL A 18 11.95 -40.21 -4.51
N ASN A 19 11.67 -39.45 -3.46
CA ASN A 19 10.72 -38.37 -3.53
C ASN A 19 11.06 -37.29 -2.51
N HIS A 20 11.71 -36.24 -2.98
CA HIS A 20 12.10 -35.15 -2.10
C HIS A 20 10.96 -34.14 -2.01
N PHE A 21 9.94 -34.49 -1.25
CA PHE A 21 8.79 -33.62 -1.07
C PHE A 21 9.02 -32.66 0.08
N ASP A 22 9.84 -33.07 1.04
CA ASP A 22 10.14 -32.25 2.20
C ASP A 22 11.37 -31.40 1.94
N GLU A 23 11.16 -30.22 1.37
CA GLU A 23 12.23 -29.29 1.06
C GLU A 23 12.08 -28.03 1.90
N ALA A 24 10.97 -27.33 1.69
CA ALA A 24 10.69 -26.10 2.41
C ALA A 24 9.20 -25.80 2.38
N PRO A 25 8.65 -25.25 3.46
CA PRO A 25 7.22 -24.93 3.55
C PRO A 25 6.78 -23.91 2.50
N THR A 26 7.60 -22.89 2.29
CA THR A 26 7.29 -21.86 1.30
C THR A 26 8.56 -21.18 0.80
N GLU A 27 9.14 -21.75 -0.24
CA GLU A 27 10.36 -21.23 -0.82
C GLU A 27 10.07 -20.46 -2.10
N ILE A 28 9.48 -19.29 -1.97
CA ILE A 28 9.13 -18.45 -3.11
C ILE A 28 9.41 -16.99 -2.78
N PRO A 29 9.81 -16.20 -3.78
CA PRO A 29 10.08 -14.78 -3.58
C PRO A 29 8.81 -13.98 -3.40
N LEU A 30 8.33 -13.95 -2.17
CA LEU A 30 7.11 -13.23 -1.84
C LEU A 30 7.45 -11.91 -1.19
N TYR A 31 7.39 -10.85 -1.97
CA TYR A 31 7.69 -9.53 -1.47
C TYR A 31 6.40 -8.76 -1.27
N THR A 32 5.99 -8.62 -0.02
CA THR A 32 4.78 -7.91 0.32
C THR A 32 4.89 -6.43 -0.05
N SER A 33 4.12 -6.03 -1.05
CA SER A 33 4.13 -4.66 -1.50
C SER A 33 2.71 -4.09 -1.49
N TYR A 34 2.39 -3.36 -0.44
CA TYR A 34 1.06 -2.78 -0.29
C TYR A 34 0.84 -1.67 -1.31
N THR A 35 -0.31 -1.73 -1.97
CA THR A 35 -0.67 -0.74 -2.96
C THR A 35 -1.53 0.35 -2.35
N TYR A 36 -1.06 1.58 -2.42
CA TYR A 36 -1.80 2.71 -1.89
C TYR A 36 -2.84 3.16 -2.90
N GLN A 37 -4.09 2.96 -2.55
CA GLN A 37 -5.20 3.32 -3.41
C GLN A 37 -6.44 3.61 -2.58
N ALA A 38 -7.39 4.32 -3.17
CA ALA A 38 -8.62 4.64 -2.48
C ALA A 38 -9.53 3.42 -2.44
N THR A 39 -10.16 3.19 -1.30
CA THR A 39 -11.02 2.03 -1.12
C THR A 39 -12.43 2.49 -0.73
N PRO A 40 -13.44 1.63 -0.85
CA PRO A 40 -14.80 1.99 -0.47
C PRO A 40 -15.02 1.92 1.04
N MET A 41 -13.94 1.74 1.80
CA MET A 41 -14.03 1.62 3.25
C MET A 41 -13.41 2.81 3.99
N ASP A 42 -12.66 3.65 3.31
CA ASP A 42 -12.03 4.79 3.98
C ASP A 42 -13.08 5.84 4.33
N GLY A 43 -13.66 6.43 3.32
CA GLY A 43 -14.66 7.45 3.52
C GLY A 43 -14.15 8.83 3.15
N THR A 44 -13.14 9.29 3.87
CA THR A 44 -12.56 10.61 3.60
C THR A 44 -11.05 10.52 3.46
N LEU A 45 -10.42 11.65 3.12
CA LEU A 45 -8.98 11.71 2.95
C LEU A 45 -8.24 11.28 4.21
N LYS A 46 -8.74 11.72 5.36
CA LYS A 46 -8.11 11.39 6.64
C LYS A 46 -8.10 9.88 6.85
N THR A 47 -9.25 9.25 6.70
CA THR A 47 -9.37 7.81 6.87
C THR A 47 -8.50 7.06 5.87
N MET A 48 -8.50 7.53 4.63
CA MET A 48 -7.71 6.91 3.57
C MET A 48 -6.22 6.94 3.90
N LEU A 49 -5.72 8.12 4.26
CA LEU A 49 -4.32 8.29 4.60
C LEU A 49 -3.97 7.48 5.85
N GLU A 50 -4.87 7.51 6.83
CA GLU A 50 -4.66 6.77 8.07
C GLU A 50 -4.52 5.28 7.79
N ARG A 51 -5.36 4.77 6.89
CA ARG A 51 -5.33 3.37 6.52
C ARG A 51 -4.02 3.02 5.81
N TRP A 52 -3.62 3.88 4.88
CA TRP A 52 -2.37 3.68 4.14
C TRP A 52 -1.20 3.61 5.11
N ALA A 53 -1.15 4.58 6.02
CA ALA A 53 -0.09 4.64 7.01
C ALA A 53 -0.15 3.47 7.97
N ALA A 54 -1.35 3.15 8.47
CA ALA A 54 -1.53 2.05 9.41
C ALA A 54 -1.01 0.72 8.87
N ASP A 55 -1.35 0.41 7.62
CA ASP A 55 -0.92 -0.84 7.00
C ASP A 55 0.60 -0.89 6.88
N SER A 56 1.20 0.27 6.68
CA SER A 56 2.65 0.36 6.53
C SER A 56 3.34 0.76 7.82
N ASN A 57 2.60 0.72 8.93
CA ASN A 57 3.14 1.07 10.25
C ASN A 57 3.72 2.48 10.25
N MET A 58 3.01 3.40 9.62
CA MET A 58 3.43 4.80 9.52
C MET A 58 2.44 5.71 10.24
N GLN A 59 2.79 6.99 10.32
CA GLN A 59 1.93 7.96 10.99
C GLN A 59 1.40 9.00 10.00
N LEU A 60 0.40 9.76 10.44
CA LEU A 60 -0.21 10.79 9.61
C LEU A 60 -0.43 12.06 10.40
N SER A 61 -0.15 13.18 9.76
CA SER A 61 -0.32 14.49 10.36
C SER A 61 -1.30 15.34 9.55
N TYR A 62 -2.55 15.36 9.98
CA TYR A 62 -3.61 16.11 9.32
C TYR A 62 -3.69 17.52 9.89
N ASN A 63 -3.26 18.51 9.12
CA ASN A 63 -3.27 19.90 9.58
C ASN A 63 -4.42 20.68 8.95
N LEU A 64 -5.34 19.97 8.33
CA LEU A 64 -6.48 20.61 7.68
C LEU A 64 -7.60 20.79 8.70
N PRO A 65 -8.36 21.90 8.59
CA PRO A 65 -9.46 22.20 9.51
C PRO A 65 -10.52 21.10 9.56
N SER A 66 -10.93 20.63 8.39
CA SER A 66 -11.93 19.59 8.30
C SER A 66 -11.50 18.51 7.32
N ASP A 67 -12.12 17.35 7.42
CA ASP A 67 -11.82 16.24 6.52
C ASP A 67 -12.49 16.46 5.18
N TYR A 68 -11.85 15.99 4.13
CA TYR A 68 -12.40 16.13 2.79
C TYR A 68 -12.62 14.76 2.17
N THR A 69 -13.73 14.61 1.47
CA THR A 69 -14.05 13.35 0.82
C THR A 69 -13.25 13.22 -0.48
N LEU A 70 -12.99 11.99 -0.91
CA LEU A 70 -12.25 11.77 -2.15
C LEU A 70 -13.03 12.40 -3.29
N ILE A 71 -12.38 13.31 -4.00
CA ILE A 71 -13.01 14.03 -5.12
C ILE A 71 -13.42 13.10 -6.27
N GLY A 72 -12.70 12.01 -6.45
CA GLY A 72 -13.04 11.09 -7.53
C GLY A 72 -11.82 10.45 -8.17
N PRO A 73 -10.94 11.25 -8.82
CA PRO A 73 -9.72 10.74 -9.45
C PRO A 73 -8.72 10.17 -8.44
N VAL A 74 -9.08 10.20 -7.16
CA VAL A 74 -8.22 9.69 -6.11
C VAL A 74 -8.09 8.18 -6.21
N SER A 75 -9.21 7.51 -6.49
CA SER A 75 -9.22 6.06 -6.64
C SER A 75 -8.39 5.63 -7.85
N ALA A 76 -8.08 6.57 -8.73
CA ALA A 76 -7.28 6.29 -9.92
C ALA A 76 -5.81 6.22 -9.58
N ILE A 77 -5.48 6.56 -8.34
CA ILE A 77 -4.11 6.54 -7.87
C ILE A 77 -3.83 5.24 -7.14
N SER A 78 -3.01 4.39 -7.74
CA SER A 78 -2.66 3.11 -7.14
C SER A 78 -1.18 2.81 -7.35
N THR A 79 -0.38 3.13 -6.36
CA THR A 79 1.06 2.90 -6.43
C THR A 79 1.56 2.21 -5.17
N THR A 80 2.68 1.53 -5.29
CA THR A 80 3.27 0.83 -4.17
C THR A 80 4.24 1.75 -3.41
N SER A 81 4.60 2.86 -4.03
CA SER A 81 5.51 3.82 -3.43
C SER A 81 4.72 4.90 -2.68
N VAL A 82 5.03 5.07 -1.41
CA VAL A 82 4.34 6.06 -0.57
C VAL A 82 4.57 7.46 -1.10
N GLN A 83 5.82 7.76 -1.41
CA GLN A 83 6.19 9.08 -1.92
C GLN A 83 5.47 9.39 -3.22
N GLN A 84 5.23 8.36 -4.02
CA GLN A 84 4.53 8.52 -5.28
C GLN A 84 3.06 8.83 -5.03
N ALA A 85 2.48 8.13 -4.07
CA ALA A 85 1.08 8.32 -3.73
C ALA A 85 0.82 9.76 -3.29
N ALA A 86 1.64 10.26 -2.38
CA ALA A 86 1.51 11.62 -1.89
C ALA A 86 1.73 12.62 -3.02
N THR A 87 2.66 12.30 -3.90
CA THR A 87 2.97 13.16 -5.04
C THR A 87 1.77 13.27 -5.98
N GLU A 88 1.19 12.13 -6.33
CA GLU A 88 0.04 12.09 -7.22
C GLU A 88 -1.16 12.76 -6.56
N LEU A 89 -1.34 12.52 -5.26
CA LEU A 89 -2.44 13.11 -4.52
C LEU A 89 -2.34 14.63 -4.55
N SER A 90 -1.16 15.15 -4.19
CA SER A 90 -0.94 16.59 -4.18
C SER A 90 -1.18 17.20 -5.55
N ALA A 91 -0.87 16.45 -6.60
CA ALA A 91 -1.06 16.92 -7.96
C ALA A 91 -2.52 17.24 -8.25
N VAL A 92 -3.40 16.39 -7.73
CA VAL A 92 -4.83 16.57 -7.93
C VAL A 92 -5.44 17.46 -6.84
N TYR A 93 -4.97 17.27 -5.63
CA TYR A 93 -5.43 18.00 -4.46
C TYR A 93 -5.08 19.49 -4.52
N ALA A 94 -4.03 19.82 -5.26
CA ALA A 94 -3.59 21.21 -5.39
C ALA A 94 -4.74 22.14 -5.79
N ALA A 95 -5.64 21.65 -6.65
CA ALA A 95 -6.78 22.45 -7.10
C ALA A 95 -7.79 22.66 -5.97
N GLN A 96 -7.60 21.97 -4.86
CA GLN A 96 -8.48 22.08 -3.71
C GLN A 96 -7.74 22.74 -2.55
N GLY A 97 -6.50 23.11 -2.79
CA GLY A 97 -5.69 23.75 -1.76
C GLY A 97 -5.13 22.77 -0.74
N VAL A 98 -4.96 21.52 -1.15
CA VAL A 98 -4.45 20.48 -0.27
C VAL A 98 -3.17 19.86 -0.84
N SER A 99 -2.21 19.59 0.02
CA SER A 99 -0.95 18.98 -0.39
C SER A 99 -0.53 17.93 0.64
N VAL A 100 0.00 16.81 0.17
CA VAL A 100 0.43 15.74 1.05
C VAL A 100 1.84 15.28 0.70
N SER A 101 2.64 15.00 1.71
CA SER A 101 4.00 14.55 1.49
C SER A 101 4.40 13.52 2.53
N VAL A 102 5.38 12.69 2.21
CA VAL A 102 5.85 11.68 3.12
C VAL A 102 7.23 12.06 3.61
N SER A 103 7.34 12.34 4.89
CA SER A 103 8.60 12.75 5.46
C SER A 103 8.89 11.98 6.73
N ALA A 104 9.99 11.21 6.72
CA ALA A 104 10.41 10.40 7.87
C ALA A 104 9.38 9.33 8.18
N ASN A 105 8.87 8.71 7.11
CA ASN A 105 7.87 7.65 7.23
C ASN A 105 6.59 8.17 7.88
N LYS A 106 6.34 9.46 7.72
CA LYS A 106 5.18 10.10 8.28
C LYS A 106 4.49 10.91 7.18
N LEU A 107 3.18 10.82 7.10
CA LEU A 107 2.44 11.55 6.08
C LEU A 107 2.06 12.93 6.59
N LEU A 108 2.48 13.95 5.87
CA LEU A 108 2.20 15.33 6.26
C LEU A 108 1.17 15.95 5.33
N VAL A 109 0.10 16.48 5.90
CA VAL A 109 -0.94 17.11 5.12
C VAL A 109 -0.96 18.61 5.44
N GLN A 110 -0.75 19.44 4.44
CA GLN A 110 -0.73 20.88 4.62
C GLN A 110 -1.41 21.58 3.44
N PRO A 111 -2.05 22.73 3.69
CA PRO A 111 -2.73 23.50 2.65
C PRO A 111 -1.73 24.28 1.80
N VAL A 112 -2.05 24.44 0.52
CA VAL A 112 -1.20 25.17 -0.40
C VAL A 112 -1.88 26.44 -0.89
N PRO A 113 -1.10 27.49 -1.19
CA PRO A 113 -1.64 28.76 -1.68
C PRO A 113 -2.03 28.70 -3.15
N VAL A 114 -3.31 28.52 -3.40
CA VAL A 114 -3.84 28.45 -4.77
C VAL A 114 -5.13 29.24 -4.86
N SER A 115 -5.29 30.16 -3.93
CA SER A 115 -6.48 30.98 -3.87
C SER A 115 -6.50 31.99 -5.00
N SER A 116 -7.54 31.93 -5.82
CA SER A 116 -7.70 32.85 -6.93
C SER A 116 -8.99 33.65 -6.76
N GLY A 117 -8.89 34.74 -6.02
CA GLY A 117 -10.05 35.58 -5.77
C GLY A 117 -10.06 36.10 -4.35
N ALA A 118 -11.26 36.40 -3.85
CA ALA A 118 -11.41 36.93 -2.50
C ALA A 118 -11.41 35.79 -1.48
N LYS A 119 -10.64 35.96 -0.41
CA LYS A 119 -10.55 34.95 0.64
C LYS A 119 -10.67 35.60 2.00
N LEU A 120 -10.29 34.87 3.04
CA LEU A 120 -10.36 35.38 4.40
C LEU A 120 -8.97 35.82 4.84
N GLY A 1 38.04 -18.16 60.58
CA GLY A 1 39.30 -18.50 59.84
C GLY A 1 39.08 -18.45 58.34
N SER A 2 39.20 -19.61 57.70
CA SER A 2 39.01 -19.71 56.26
C SER A 2 37.53 -19.79 55.93
N HIS A 3 37.03 -18.77 55.25
CA HIS A 3 35.62 -18.71 54.85
C HIS A 3 35.35 -19.66 53.68
N MET A 4 35.22 -20.93 53.99
CA MET A 4 34.98 -21.97 52.98
C MET A 4 33.48 -22.19 52.78
N THR A 5 32.67 -21.53 53.59
CA THR A 5 31.23 -21.66 53.49
C THR A 5 30.69 -20.82 52.33
N LYS A 6 30.68 -21.40 51.14
CA LYS A 6 30.21 -20.70 49.96
C LYS A 6 29.29 -21.60 49.14
N PRO A 7 27.98 -21.32 49.14
CA PRO A 7 27.00 -22.09 48.38
C PRO A 7 27.24 -21.93 46.88
N ALA A 8 26.99 -23.00 46.13
CA ALA A 8 27.18 -22.98 44.69
C ALA A 8 26.29 -21.93 44.03
N PRO A 9 26.75 -21.31 42.94
CA PRO A 9 25.99 -20.29 42.22
C PRO A 9 24.78 -20.88 41.49
N ASP A 10 24.08 -20.04 40.74
CA ASP A 10 22.90 -20.47 40.01
C ASP A 10 23.30 -21.23 38.74
N PHE A 11 22.32 -21.87 38.12
CA PHE A 11 22.56 -22.65 36.92
C PHE A 11 21.25 -22.83 36.16
N GLY A 12 21.12 -22.13 35.05
CA GLY A 12 19.92 -22.23 34.25
C GLY A 12 20.22 -22.63 32.83
N GLY A 13 19.29 -22.37 31.93
CA GLY A 13 19.50 -22.71 30.53
C GLY A 13 19.33 -24.19 30.29
N ARG A 14 18.09 -24.63 30.26
CA ARG A 14 17.78 -26.03 30.03
C ARG A 14 16.74 -26.18 28.93
N TRP A 15 16.28 -27.41 28.70
CA TRP A 15 15.28 -27.71 27.68
C TRP A 15 15.78 -27.34 26.29
N LYS A 16 17.09 -27.49 26.08
CA LYS A 16 17.70 -27.15 24.80
C LYS A 16 17.87 -28.41 23.94
N HIS A 17 18.49 -28.22 22.78
CA HIS A 17 18.73 -29.31 21.83
C HIS A 17 17.42 -29.98 21.47
N VAL A 18 16.51 -29.19 20.91
CA VAL A 18 15.20 -29.69 20.53
C VAL A 18 14.73 -29.05 19.23
N ASN A 19 15.69 -28.67 18.40
CA ASN A 19 15.37 -28.05 17.14
C ASN A 19 15.73 -28.98 15.98
N HIS A 20 14.73 -29.34 15.20
CA HIS A 20 14.93 -30.23 14.06
C HIS A 20 15.79 -29.57 13.00
N PHE A 21 15.36 -28.40 12.54
CA PHE A 21 16.09 -27.67 11.52
C PHE A 21 15.56 -26.25 11.41
N ASP A 22 16.45 -25.28 11.38
CA ASP A 22 16.07 -23.89 11.26
C ASP A 22 15.71 -23.56 9.82
N GLU A 23 14.41 -23.56 9.53
CA GLU A 23 13.93 -23.28 8.19
C GLU A 23 12.49 -22.77 8.22
N ALA A 24 12.03 -22.23 7.11
CA ALA A 24 10.68 -21.72 7.00
C ALA A 24 9.99 -22.34 5.80
N PRO A 25 8.64 -22.39 5.81
CA PRO A 25 7.86 -22.97 4.71
C PRO A 25 8.22 -22.35 3.36
N THR A 26 8.29 -21.03 3.30
CA THR A 26 8.65 -20.33 2.07
C THR A 26 9.50 -19.10 2.39
N GLU A 27 10.81 -19.29 2.41
CA GLU A 27 11.73 -18.21 2.70
C GLU A 27 12.34 -17.66 1.40
N ILE A 28 11.69 -16.65 0.85
CA ILE A 28 12.14 -16.03 -0.39
C ILE A 28 12.31 -14.53 -0.19
N PRO A 29 13.26 -13.92 -0.91
CA PRO A 29 13.52 -12.48 -0.83
C PRO A 29 12.37 -11.66 -1.42
N LEU A 30 11.37 -11.40 -0.60
CA LEU A 30 10.20 -10.65 -1.03
C LEU A 30 9.93 -9.50 -0.07
N TYR A 31 9.98 -8.29 -0.58
CA TYR A 31 9.73 -7.10 0.22
C TYR A 31 8.25 -6.74 0.18
N THR A 32 7.60 -6.81 1.33
CA THR A 32 6.19 -6.49 1.44
C THR A 32 5.90 -5.07 0.94
N SER A 33 4.92 -4.94 0.07
CA SER A 33 4.58 -3.64 -0.48
C SER A 33 3.07 -3.50 -0.63
N TYR A 34 2.48 -2.67 0.22
CA TYR A 34 1.04 -2.42 0.19
C TYR A 34 0.71 -1.37 -0.87
N THR A 35 -0.28 -1.67 -1.69
CA THR A 35 -0.70 -0.76 -2.75
C THR A 35 -1.57 0.37 -2.18
N TYR A 36 -1.09 1.59 -2.33
CA TYR A 36 -1.81 2.76 -1.86
C TYR A 36 -2.85 3.19 -2.89
N GLN A 37 -4.11 2.99 -2.56
CA GLN A 37 -5.20 3.35 -3.43
C GLN A 37 -6.41 3.76 -2.60
N ALA A 38 -7.27 4.58 -3.18
CA ALA A 38 -8.47 5.04 -2.49
C ALA A 38 -9.58 4.01 -2.67
N THR A 39 -10.12 3.55 -1.57
CA THR A 39 -11.19 2.57 -1.58
C THR A 39 -12.45 3.14 -0.96
N PRO A 40 -13.62 2.57 -1.27
CA PRO A 40 -14.88 3.05 -0.71
C PRO A 40 -14.97 2.78 0.79
N MET A 41 -13.99 2.03 1.29
CA MET A 41 -13.91 1.70 2.71
C MET A 41 -13.26 2.84 3.47
N ASP A 42 -12.53 3.69 2.75
CA ASP A 42 -11.86 4.83 3.35
C ASP A 42 -12.88 5.91 3.64
N GLY A 43 -13.55 6.37 2.60
CA GLY A 43 -14.56 7.41 2.77
C GLY A 43 -14.00 8.81 2.61
N THR A 44 -13.07 9.19 3.48
CA THR A 44 -12.49 10.51 3.43
C THR A 44 -10.97 10.46 3.31
N LEU A 45 -10.38 11.59 2.97
CA LEU A 45 -8.94 11.71 2.82
C LEU A 45 -8.20 11.31 4.09
N LYS A 46 -8.70 11.77 5.24
CA LYS A 46 -8.08 11.44 6.51
C LYS A 46 -8.08 9.94 6.73
N THR A 47 -9.25 9.33 6.62
CA THR A 47 -9.38 7.90 6.82
C THR A 47 -8.48 7.13 5.85
N MET A 48 -8.47 7.56 4.59
CA MET A 48 -7.65 6.92 3.57
C MET A 48 -6.18 6.94 3.98
N LEU A 49 -5.69 8.12 4.35
CA LEU A 49 -4.32 8.28 4.76
C LEU A 49 -4.03 7.51 6.05
N GLU A 50 -5.01 7.49 6.96
CA GLU A 50 -4.85 6.77 8.21
C GLU A 50 -4.70 5.28 7.95
N ARG A 51 -5.49 4.77 7.01
CA ARG A 51 -5.42 3.35 6.66
C ARG A 51 -4.10 3.07 5.96
N TRP A 52 -3.68 3.99 5.11
CA TRP A 52 -2.42 3.85 4.38
C TRP A 52 -1.24 3.79 5.34
N ALA A 53 -1.14 4.80 6.19
CA ALA A 53 -0.07 4.88 7.17
C ALA A 53 -0.08 3.68 8.11
N ALA A 54 -1.26 3.30 8.59
CA ALA A 54 -1.38 2.17 9.51
C ALA A 54 -0.98 0.87 8.83
N ASP A 55 -1.31 0.73 7.56
CA ASP A 55 -0.98 -0.49 6.81
C ASP A 55 0.50 -0.58 6.50
N SER A 56 1.21 0.52 6.69
CA SER A 56 2.65 0.56 6.42
C SER A 56 3.44 0.91 7.67
N ASN A 57 2.76 0.88 8.82
CA ASN A 57 3.41 1.18 10.11
C ASN A 57 4.05 2.57 10.08
N MET A 58 3.27 3.56 9.67
CA MET A 58 3.76 4.93 9.57
C MET A 58 2.90 5.89 10.39
N GLN A 59 3.37 7.12 10.52
CA GLN A 59 2.65 8.14 11.26
C GLN A 59 1.91 9.07 10.30
N LEU A 60 0.97 9.86 10.82
CA LEU A 60 0.20 10.79 10.00
C LEU A 60 -0.05 12.11 10.72
N SER A 61 0.00 13.17 9.97
CA SER A 61 -0.22 14.50 10.48
C SER A 61 -1.22 15.26 9.60
N TYR A 62 -2.47 15.26 10.03
CA TYR A 62 -3.55 15.94 9.31
C TYR A 62 -3.68 17.37 9.84
N ASN A 63 -3.19 18.33 9.07
CA ASN A 63 -3.23 19.73 9.50
C ASN A 63 -4.47 20.44 8.96
N LEU A 64 -5.29 19.71 8.23
CA LEU A 64 -6.50 20.27 7.66
C LEU A 64 -7.55 20.48 8.74
N PRO A 65 -8.24 21.64 8.72
CA PRO A 65 -9.28 21.97 9.70
C PRO A 65 -10.49 21.05 9.62
N SER A 66 -10.72 20.49 8.45
CA SER A 66 -11.85 19.59 8.24
C SER A 66 -11.46 18.44 7.33
N ASP A 67 -12.25 17.37 7.37
CA ASP A 67 -12.02 16.20 6.54
C ASP A 67 -12.65 16.40 5.17
N TYR A 68 -11.99 15.89 4.15
CA TYR A 68 -12.50 16.01 2.79
C TYR A 68 -12.69 14.63 2.17
N THR A 69 -13.82 14.43 1.51
CA THR A 69 -14.11 13.16 0.86
C THR A 69 -13.30 13.02 -0.42
N LEU A 70 -13.16 11.79 -0.91
CA LEU A 70 -12.42 11.57 -2.14
C LEU A 70 -13.20 12.15 -3.30
N ILE A 71 -12.69 13.26 -3.84
CA ILE A 71 -13.33 13.96 -4.95
C ILE A 71 -13.73 13.02 -6.08
N GLY A 72 -12.83 12.13 -6.47
CA GLY A 72 -13.14 11.21 -7.54
C GLY A 72 -11.91 10.51 -8.10
N PRO A 73 -11.03 11.25 -8.80
CA PRO A 73 -9.80 10.71 -9.40
C PRO A 73 -8.88 10.01 -8.40
N VAL A 74 -9.15 10.22 -7.11
CA VAL A 74 -8.35 9.61 -6.05
C VAL A 74 -8.42 8.09 -6.14
N SER A 75 -9.59 7.59 -6.53
CA SER A 75 -9.81 6.16 -6.68
C SER A 75 -9.02 5.58 -7.86
N ALA A 76 -8.50 6.47 -8.71
CA ALA A 76 -7.73 6.05 -9.87
C ALA A 76 -6.24 6.01 -9.57
N ILE A 77 -5.88 6.39 -8.35
CA ILE A 77 -4.49 6.40 -7.92
C ILE A 77 -4.18 5.13 -7.14
N SER A 78 -3.32 4.29 -7.70
CA SER A 78 -2.96 3.04 -7.06
C SER A 78 -1.48 2.72 -7.30
N THR A 79 -0.65 3.10 -6.33
CA THR A 79 0.79 2.85 -6.43
C THR A 79 1.30 2.21 -5.14
N THR A 80 2.39 1.46 -5.25
CA THR A 80 2.99 0.81 -4.10
C THR A 80 3.94 1.75 -3.36
N SER A 81 4.20 2.90 -3.96
CA SER A 81 5.09 3.88 -3.36
C SER A 81 4.29 4.98 -2.69
N VAL A 82 4.49 5.14 -1.38
CA VAL A 82 3.79 6.17 -0.63
C VAL A 82 4.25 7.55 -1.09
N GLN A 83 5.50 7.65 -1.51
CA GLN A 83 6.06 8.89 -2.00
C GLN A 83 5.40 9.26 -3.32
N GLN A 84 5.22 8.26 -4.18
CA GLN A 84 4.58 8.46 -5.46
C GLN A 84 3.11 8.83 -5.25
N ALA A 85 2.49 8.15 -4.29
CA ALA A 85 1.09 8.40 -3.95
C ALA A 85 0.90 9.86 -3.54
N ALA A 86 1.76 10.33 -2.63
CA ALA A 86 1.70 11.70 -2.15
C ALA A 86 1.92 12.67 -3.31
N THR A 87 2.80 12.27 -4.22
CA THR A 87 3.11 13.07 -5.39
C THR A 87 1.90 13.20 -6.31
N GLU A 88 1.28 12.07 -6.63
CA GLU A 88 0.12 12.04 -7.49
C GLU A 88 -1.07 12.74 -6.85
N LEU A 89 -1.31 12.47 -5.57
CA LEU A 89 -2.40 13.10 -4.85
C LEU A 89 -2.25 14.60 -4.83
N SER A 90 -1.06 15.09 -4.48
CA SER A 90 -0.81 16.51 -4.43
C SER A 90 -0.95 17.16 -5.80
N ALA A 91 -0.81 16.37 -6.86
CA ALA A 91 -0.94 16.89 -8.21
C ALA A 91 -2.40 17.28 -8.50
N VAL A 92 -3.32 16.44 -8.04
CA VAL A 92 -4.74 16.70 -8.25
C VAL A 92 -5.32 17.53 -7.09
N TYR A 93 -4.78 17.33 -5.91
CA TYR A 93 -5.25 18.02 -4.71
C TYR A 93 -4.76 19.46 -4.61
N ALA A 94 -3.65 19.77 -5.27
CA ALA A 94 -3.09 21.12 -5.25
C ALA A 94 -4.15 22.18 -5.54
N ALA A 95 -4.93 21.99 -6.60
CA ALA A 95 -5.98 22.94 -6.96
C ALA A 95 -7.07 23.00 -5.90
N GLN A 96 -7.18 21.94 -5.12
CA GLN A 96 -8.19 21.88 -4.06
C GLN A 96 -7.67 22.54 -2.79
N GLY A 97 -6.36 22.77 -2.76
CA GLY A 97 -5.76 23.40 -1.59
C GLY A 97 -5.22 22.38 -0.61
N VAL A 98 -4.87 21.20 -1.11
CA VAL A 98 -4.34 20.14 -0.27
C VAL A 98 -3.05 19.59 -0.84
N SER A 99 -2.08 19.33 0.01
CA SER A 99 -0.81 18.78 -0.40
C SER A 99 -0.33 17.71 0.60
N VAL A 100 -0.15 16.51 0.10
CA VAL A 100 0.28 15.39 0.92
C VAL A 100 1.75 15.09 0.65
N SER A 101 2.50 14.84 1.70
CA SER A 101 3.91 14.53 1.57
C SER A 101 4.36 13.58 2.68
N VAL A 102 5.20 12.63 2.34
CA VAL A 102 5.69 11.67 3.30
C VAL A 102 7.16 11.97 3.61
N SER A 103 7.44 12.19 4.89
CA SER A 103 8.79 12.49 5.32
C SER A 103 9.07 11.85 6.68
N ALA A 104 10.22 11.19 6.79
CA ALA A 104 10.64 10.53 8.02
C ALA A 104 9.63 9.47 8.45
N ASN A 105 9.12 8.74 7.46
CA ASN A 105 8.15 7.66 7.68
C ASN A 105 6.84 8.22 8.26
N LYS A 106 6.60 9.49 8.01
CA LYS A 106 5.41 10.17 8.49
C LYS A 106 4.70 10.87 7.35
N LEU A 107 3.39 10.69 7.27
CA LEU A 107 2.59 11.31 6.24
C LEU A 107 2.13 12.68 6.75
N LEU A 108 2.48 13.72 6.04
CA LEU A 108 2.11 15.06 6.45
C LEU A 108 1.21 15.71 5.42
N VAL A 109 0.05 16.13 5.87
CA VAL A 109 -0.91 16.77 4.99
C VAL A 109 -1.05 18.24 5.37
N GLN A 110 -0.76 19.11 4.43
CA GLN A 110 -0.85 20.54 4.66
C GLN A 110 -1.55 21.21 3.50
N PRO A 111 -2.32 22.28 3.78
CA PRO A 111 -3.03 23.02 2.75
C PRO A 111 -2.09 23.93 1.95
N VAL A 112 -2.43 24.17 0.69
CA VAL A 112 -1.62 25.02 -0.16
C VAL A 112 -2.43 26.22 -0.65
N PRO A 113 -1.77 27.37 -0.84
CA PRO A 113 -2.44 28.59 -1.28
C PRO A 113 -2.69 28.60 -2.78
N VAL A 114 -3.92 28.25 -3.16
CA VAL A 114 -4.30 28.20 -4.57
C VAL A 114 -5.57 29.01 -4.79
N SER A 115 -5.86 29.88 -3.86
CA SER A 115 -7.03 30.73 -3.95
C SER A 115 -6.70 31.99 -4.73
N SER A 116 -7.10 32.01 -5.99
CA SER A 116 -6.84 33.16 -6.85
C SER A 116 -7.69 34.34 -6.43
N GLY A 117 -7.06 35.50 -6.30
CA GLY A 117 -7.78 36.69 -5.91
C GLY A 117 -7.72 36.93 -4.41
N ALA A 118 -8.75 36.49 -3.71
CA ALA A 118 -8.81 36.66 -2.26
C ALA A 118 -8.12 35.51 -1.54
N LYS A 119 -7.07 35.84 -0.79
CA LYS A 119 -6.33 34.84 -0.04
C LYS A 119 -5.52 35.51 1.07
N LEU A 120 -5.75 35.07 2.30
CA LEU A 120 -5.05 35.61 3.44
C LEU A 120 -4.57 34.48 4.34
N GLY A 1 9.61 -70.73 39.61
CA GLY A 1 9.00 -69.51 39.01
C GLY A 1 8.45 -69.79 37.64
N SER A 2 8.26 -68.74 36.85
CA SER A 2 7.73 -68.88 35.51
C SER A 2 8.85 -68.83 34.49
N HIS A 3 8.78 -69.66 33.46
CA HIS A 3 9.79 -69.69 32.43
C HIS A 3 9.15 -69.56 31.05
N MET A 4 8.07 -68.80 30.99
CA MET A 4 7.38 -68.59 29.74
C MET A 4 7.84 -67.28 29.12
N THR A 5 7.61 -67.13 27.83
CA THR A 5 8.00 -65.93 27.12
C THR A 5 7.04 -65.65 25.96
N LYS A 6 6.79 -64.39 25.70
CA LYS A 6 5.90 -63.99 24.61
C LYS A 6 6.53 -62.89 23.76
N PRO A 7 7.55 -63.23 22.96
CA PRO A 7 8.22 -62.28 22.10
C PRO A 7 7.50 -62.09 20.77
N ALA A 8 7.68 -60.93 20.16
CA ALA A 8 7.03 -60.63 18.89
C ALA A 8 7.85 -59.61 18.11
N PRO A 9 8.02 -59.82 16.78
CA PRO A 9 8.77 -58.90 15.93
C PRO A 9 8.20 -57.49 15.99
N ASP A 10 9.08 -56.49 15.99
CA ASP A 10 8.65 -55.10 16.05
C ASP A 10 7.92 -54.72 14.77
N PHE A 11 7.26 -53.57 14.80
CA PHE A 11 6.50 -53.09 13.67
C PHE A 11 6.14 -51.62 13.86
N GLY A 12 6.82 -50.76 13.13
CA GLY A 12 6.56 -49.34 13.23
C GLY A 12 7.51 -48.53 12.38
N GLY A 13 6.98 -47.54 11.69
CA GLY A 13 7.81 -46.69 10.85
C GLY A 13 7.24 -46.52 9.46
N ARG A 14 6.13 -47.20 9.18
CA ARG A 14 5.50 -47.10 7.87
C ARG A 14 4.80 -45.76 7.71
N TRP A 15 4.27 -45.24 8.81
CA TRP A 15 3.57 -43.97 8.79
C TRP A 15 4.55 -42.81 8.86
N LYS A 16 5.80 -43.14 9.15
CA LYS A 16 6.85 -42.15 9.24
C LYS A 16 7.59 -42.04 7.92
N HIS A 17 7.13 -41.13 7.06
CA HIS A 17 7.75 -40.94 5.77
C HIS A 17 7.66 -39.48 5.36
N VAL A 18 8.68 -38.72 5.72
CA VAL A 18 8.73 -37.30 5.40
C VAL A 18 10.13 -36.90 4.96
N ASN A 19 10.26 -35.71 4.41
CA ASN A 19 11.54 -35.21 3.95
C ASN A 19 11.90 -33.92 4.69
N HIS A 20 12.82 -34.02 5.63
CA HIS A 20 13.25 -32.88 6.41
C HIS A 20 14.29 -32.05 5.66
N PHE A 21 14.51 -32.39 4.40
CA PHE A 21 15.47 -31.67 3.57
C PHE A 21 14.82 -30.45 2.94
N ASP A 22 13.53 -30.26 3.20
CA ASP A 22 12.80 -29.12 2.66
C ASP A 22 13.30 -27.83 3.29
N GLU A 23 13.62 -26.85 2.46
CA GLU A 23 14.12 -25.58 2.93
C GLU A 23 12.97 -24.63 3.23
N ALA A 24 12.23 -24.27 2.21
CA ALA A 24 11.09 -23.36 2.37
C ALA A 24 9.81 -24.03 1.89
N PRO A 25 8.68 -23.75 2.55
CA PRO A 25 7.40 -24.34 2.18
C PRO A 25 6.99 -23.93 0.77
N THR A 26 7.03 -22.63 0.50
CA THR A 26 6.68 -22.10 -0.80
C THR A 26 7.60 -20.94 -1.14
N GLU A 27 8.51 -21.16 -2.08
CA GLU A 27 9.44 -20.12 -2.50
C GLU A 27 8.79 -19.20 -3.52
N ILE A 28 8.45 -18.00 -3.09
CA ILE A 28 7.81 -17.03 -3.96
C ILE A 28 8.53 -15.69 -3.88
N PRO A 29 9.35 -15.38 -4.89
CA PRO A 29 10.10 -14.13 -4.96
C PRO A 29 9.17 -12.94 -5.19
N LEU A 30 8.86 -12.23 -4.12
CA LEU A 30 7.97 -11.07 -4.20
C LEU A 30 8.30 -10.08 -3.09
N TYR A 31 8.67 -8.89 -3.47
CA TYR A 31 8.99 -7.85 -2.52
C TYR A 31 7.72 -7.31 -1.90
N THR A 32 7.61 -7.37 -0.58
CA THR A 32 6.43 -6.87 0.12
C THR A 32 6.22 -5.40 -0.20
N SER A 33 5.15 -5.10 -0.92
CA SER A 33 4.87 -3.74 -1.29
C SER A 33 3.37 -3.47 -1.27
N TYR A 34 2.90 -2.87 -0.18
CA TYR A 34 1.51 -2.52 -0.01
C TYR A 34 1.13 -1.41 -0.98
N THR A 35 0.17 -1.70 -1.85
CA THR A 35 -0.30 -0.72 -2.82
C THR A 35 -1.22 0.30 -2.16
N TYR A 36 -0.85 1.57 -2.28
CA TYR A 36 -1.61 2.65 -1.71
C TYR A 36 -2.65 3.15 -2.71
N GLN A 37 -3.91 3.11 -2.31
CA GLN A 37 -4.99 3.55 -3.18
C GLN A 37 -6.18 4.05 -2.36
N ALA A 38 -6.96 4.95 -2.93
CA ALA A 38 -8.13 5.48 -2.25
C ALA A 38 -9.32 4.57 -2.50
N THR A 39 -9.90 4.05 -1.43
CA THR A 39 -11.03 3.14 -1.55
C THR A 39 -12.31 3.78 -1.03
N PRO A 40 -13.49 3.33 -1.52
CA PRO A 40 -14.78 3.86 -1.09
C PRO A 40 -15.07 3.53 0.37
N MET A 41 -14.25 2.65 0.94
CA MET A 41 -14.38 2.25 2.33
C MET A 41 -13.75 3.28 3.25
N ASP A 42 -12.88 4.11 2.67
CA ASP A 42 -12.20 5.15 3.42
C ASP A 42 -13.13 6.33 3.61
N GLY A 43 -13.68 6.80 2.50
CA GLY A 43 -14.60 7.91 2.54
C GLY A 43 -13.93 9.25 2.34
N THR A 44 -13.11 9.64 3.30
CA THR A 44 -12.41 10.91 3.22
C THR A 44 -10.90 10.73 3.20
N LEU A 45 -10.19 11.81 2.91
CA LEU A 45 -8.74 11.81 2.85
C LEU A 45 -8.15 11.40 4.20
N LYS A 46 -8.82 11.82 5.27
CA LYS A 46 -8.37 11.52 6.62
C LYS A 46 -8.37 10.02 6.85
N THR A 47 -9.53 9.39 6.68
CA THR A 47 -9.67 7.95 6.87
C THR A 47 -8.81 7.18 5.86
N MET A 48 -8.68 7.74 4.66
CA MET A 48 -7.91 7.13 3.59
C MET A 48 -6.43 7.01 3.98
N LEU A 49 -5.83 8.13 4.36
CA LEU A 49 -4.43 8.14 4.74
C LEU A 49 -4.21 7.40 6.05
N GLU A 50 -5.21 7.44 6.93
CA GLU A 50 -5.14 6.74 8.20
C GLU A 50 -4.89 5.26 7.96
N ARG A 51 -5.62 4.71 6.99
CA ARG A 51 -5.48 3.30 6.64
C ARG A 51 -4.12 3.04 6.01
N TRP A 52 -3.71 3.97 5.13
CA TRP A 52 -2.42 3.88 4.44
C TRP A 52 -1.29 3.77 5.44
N ALA A 53 -1.24 4.74 6.35
CA ALA A 53 -0.20 4.80 7.36
C ALA A 53 -0.29 3.63 8.32
N ALA A 54 -1.49 3.32 8.79
CA ALA A 54 -1.68 2.22 9.73
C ALA A 54 -1.22 0.88 9.16
N ASP A 55 -1.51 0.64 7.89
CA ASP A 55 -1.13 -0.61 7.24
C ASP A 55 0.38 -0.74 7.12
N SER A 56 1.07 0.37 7.05
CA SER A 56 2.52 0.36 6.92
C SER A 56 3.23 0.82 8.19
N ASN A 57 2.46 0.92 9.29
CA ASN A 57 2.99 1.35 10.59
C ASN A 57 3.68 2.71 10.46
N MET A 58 3.00 3.63 9.82
CA MET A 58 3.52 4.98 9.63
C MET A 58 2.68 5.99 10.38
N GLN A 59 3.18 7.20 10.48
CA GLN A 59 2.47 8.26 11.18
C GLN A 59 1.76 9.16 10.19
N LEU A 60 0.76 9.88 10.68
CA LEU A 60 -0.02 10.79 9.85
C LEU A 60 -0.18 12.13 10.53
N SER A 61 0.15 13.16 9.79
CA SER A 61 0.04 14.52 10.27
C SER A 61 -1.01 15.26 9.45
N TYR A 62 -2.24 15.27 9.95
CA TYR A 62 -3.35 15.93 9.28
C TYR A 62 -3.51 17.35 9.81
N ASN A 63 -3.03 18.33 9.06
CA ASN A 63 -3.11 19.73 9.47
C ASN A 63 -4.18 20.48 8.70
N LEU A 64 -5.20 19.76 8.25
CA LEU A 64 -6.28 20.37 7.50
C LEU A 64 -7.45 20.69 8.44
N PRO A 65 -8.16 21.80 8.17
CA PRO A 65 -9.30 22.24 8.98
C PRO A 65 -10.36 21.15 9.14
N SER A 66 -10.59 20.39 8.08
CA SER A 66 -11.58 19.31 8.12
C SER A 66 -11.18 18.20 7.16
N ASP A 67 -11.90 17.09 7.24
CA ASP A 67 -11.67 15.95 6.38
C ASP A 67 -12.37 16.15 5.05
N TYR A 68 -11.64 15.92 3.96
CA TYR A 68 -12.20 16.10 2.63
C TYR A 68 -12.52 14.75 2.00
N THR A 69 -13.71 14.63 1.46
CA THR A 69 -14.17 13.41 0.82
C THR A 69 -13.38 13.10 -0.44
N LEU A 70 -13.25 11.82 -0.77
CA LEU A 70 -12.54 11.40 -1.96
C LEU A 70 -13.18 12.03 -3.20
N ILE A 71 -12.46 12.98 -3.78
CA ILE A 71 -12.91 13.72 -4.96
C ILE A 71 -13.35 12.81 -6.11
N GLY A 72 -12.63 11.70 -6.29
CA GLY A 72 -12.97 10.79 -7.36
C GLY A 72 -11.73 10.22 -8.03
N PRO A 73 -11.01 11.03 -8.82
CA PRO A 73 -9.78 10.58 -9.50
C PRO A 73 -8.73 10.04 -8.53
N VAL A 74 -8.91 10.35 -7.26
CA VAL A 74 -8.00 9.90 -6.22
C VAL A 74 -8.05 8.38 -6.11
N SER A 75 -9.23 7.83 -6.39
CA SER A 75 -9.45 6.39 -6.34
C SER A 75 -8.76 5.69 -7.50
N ALA A 76 -8.22 6.47 -8.43
CA ALA A 76 -7.53 5.92 -9.58
C ALA A 76 -6.04 5.84 -9.31
N ILE A 77 -5.64 6.35 -8.16
CA ILE A 77 -4.25 6.37 -7.76
C ILE A 77 -3.93 5.12 -6.95
N SER A 78 -3.12 4.25 -7.52
CA SER A 78 -2.73 3.02 -6.88
C SER A 78 -1.27 2.71 -7.19
N THR A 79 -0.38 3.06 -6.27
CA THR A 79 1.04 2.82 -6.47
C THR A 79 1.65 2.16 -5.23
N THR A 80 2.77 1.48 -5.44
CA THR A 80 3.46 0.80 -4.36
C THR A 80 4.32 1.76 -3.54
N SER A 81 4.69 2.89 -4.14
CA SER A 81 5.51 3.88 -3.47
C SER A 81 4.64 4.89 -2.73
N VAL A 82 4.81 4.96 -1.41
CA VAL A 82 4.02 5.88 -0.60
C VAL A 82 4.36 7.33 -0.96
N GLN A 83 5.62 7.56 -1.36
CA GLN A 83 6.05 8.89 -1.74
C GLN A 83 5.38 9.30 -3.04
N GLN A 84 5.29 8.34 -3.96
CA GLN A 84 4.66 8.57 -5.25
C GLN A 84 3.16 8.81 -5.05
N ALA A 85 2.56 8.02 -4.17
CA ALA A 85 1.15 8.15 -3.87
C ALA A 85 0.83 9.58 -3.43
N ALA A 86 1.65 10.10 -2.53
CA ALA A 86 1.48 11.46 -2.03
C ALA A 86 1.70 12.46 -3.16
N THR A 87 2.63 12.14 -4.05
CA THR A 87 2.94 12.98 -5.18
C THR A 87 1.75 13.07 -6.13
N GLU A 88 1.19 11.91 -6.46
CA GLU A 88 0.04 11.83 -7.35
C GLU A 88 -1.18 12.49 -6.73
N LEU A 89 -1.35 12.33 -5.42
CA LEU A 89 -2.47 12.93 -4.72
C LEU A 89 -2.38 14.45 -4.78
N SER A 90 -1.23 15.00 -4.40
CA SER A 90 -1.02 16.44 -4.40
C SER A 90 -1.23 17.03 -5.78
N ALA A 91 -0.96 16.26 -6.82
CA ALA A 91 -1.13 16.73 -8.18
C ALA A 91 -2.59 17.07 -8.45
N VAL A 92 -3.48 16.18 -8.03
CA VAL A 92 -4.91 16.37 -8.23
C VAL A 92 -5.55 17.13 -7.05
N TYR A 93 -4.90 17.08 -5.89
CA TYR A 93 -5.39 17.73 -4.69
C TYR A 93 -5.04 19.21 -4.62
N ALA A 94 -3.99 19.62 -5.31
CA ALA A 94 -3.54 21.01 -5.32
C ALA A 94 -4.69 21.98 -5.61
N ALA A 95 -5.56 21.60 -6.54
CA ALA A 95 -6.71 22.45 -6.90
C ALA A 95 -7.73 22.51 -5.77
N GLN A 96 -7.67 21.55 -4.86
CA GLN A 96 -8.58 21.49 -3.73
C GLN A 96 -7.95 22.19 -2.52
N GLY A 97 -6.72 22.65 -2.71
CA GLY A 97 -6.01 23.34 -1.66
C GLY A 97 -5.32 22.39 -0.70
N VAL A 98 -5.04 21.19 -1.17
CA VAL A 98 -4.38 20.18 -0.33
C VAL A 98 -3.10 19.66 -0.98
N SER A 99 -2.09 19.45 -0.16
CA SER A 99 -0.81 18.93 -0.62
C SER A 99 -0.28 17.93 0.41
N VAL A 100 -0.04 16.71 -0.03
CA VAL A 100 0.44 15.65 0.84
C VAL A 100 1.85 15.21 0.46
N SER A 101 2.62 14.78 1.44
CA SER A 101 3.97 14.32 1.22
C SER A 101 4.36 13.29 2.28
N VAL A 102 5.49 12.64 2.09
CA VAL A 102 5.97 11.65 3.03
C VAL A 102 7.37 12.00 3.46
N SER A 103 7.56 12.25 4.74
CA SER A 103 8.86 12.61 5.26
C SER A 103 9.24 11.73 6.44
N ALA A 104 10.22 10.86 6.22
CA ALA A 104 10.72 9.95 7.23
C ALA A 104 9.63 9.03 7.77
N ASN A 105 9.01 8.27 6.86
CA ASN A 105 7.95 7.30 7.19
C ASN A 105 6.74 8.00 7.83
N LYS A 106 6.61 9.29 7.59
CA LYS A 106 5.50 10.05 8.15
C LYS A 106 4.76 10.77 7.03
N LEU A 107 3.44 10.67 7.05
CA LEU A 107 2.64 11.32 6.04
C LEU A 107 2.31 12.75 6.49
N LEU A 108 2.70 13.71 5.68
CA LEU A 108 2.47 15.10 5.99
C LEU A 108 1.39 15.69 5.12
N VAL A 109 0.31 16.10 5.73
CA VAL A 109 -0.78 16.71 5.00
C VAL A 109 -0.81 18.20 5.32
N GLN A 110 -0.62 19.02 4.30
CA GLN A 110 -0.61 20.46 4.49
C GLN A 110 -1.46 21.15 3.43
N PRO A 111 -2.18 22.20 3.82
CA PRO A 111 -3.01 22.95 2.89
C PRO A 111 -2.18 23.97 2.10
N VAL A 112 -2.55 24.19 0.84
CA VAL A 112 -1.83 25.15 0.02
C VAL A 112 -2.69 26.37 -0.26
N PRO A 113 -2.06 27.55 -0.35
CA PRO A 113 -2.77 28.80 -0.63
C PRO A 113 -3.11 28.95 -2.10
N VAL A 114 -4.26 28.43 -2.48
CA VAL A 114 -4.73 28.50 -3.87
C VAL A 114 -6.17 29.00 -3.90
N SER A 115 -6.75 29.01 -5.09
CA SER A 115 -8.12 29.47 -5.27
C SER A 115 -9.10 28.43 -4.74
N SER A 116 -10.21 28.90 -4.19
CA SER A 116 -11.23 28.02 -3.65
C SER A 116 -11.94 27.29 -4.80
N GLY A 117 -12.16 28.01 -5.90
CA GLY A 117 -12.82 27.43 -7.04
C GLY A 117 -11.84 27.17 -8.17
N ALA A 118 -10.82 26.37 -7.89
CA ALA A 118 -9.81 26.05 -8.88
C ALA A 118 -10.36 25.06 -9.90
N LYS A 119 -10.78 25.60 -11.04
CA LYS A 119 -11.34 24.80 -12.13
C LYS A 119 -11.30 25.60 -13.43
N LEU A 120 -11.70 24.97 -14.52
CA LEU A 120 -11.71 25.64 -15.81
C LEU A 120 -13.06 26.29 -16.04
#